data_7DNZ
#
_entry.id   7DNZ
#
_cell.length_a   1.00
_cell.length_b   1.00
_cell.length_c   1.00
_cell.angle_alpha   90.00
_cell.angle_beta   90.00
_cell.angle_gamma   90.00
#
_symmetry.space_group_name_H-M   'P 1'
#
loop_
_entity.id
_entity.type
_entity.pdbx_description
1 polymer 'ATP-binding cassette sub-family B member 6, mitochondrial'
2 non-polymer GLUTATHIONE
3 non-polymer 'CHOLESTEROL HEMISUCCINATE'
4 non-polymer 'PROTOPORPHYRIN IX CONTAINING FE'
#
_entity_poly.entity_id   1
_entity_poly.type   'polypeptide(L)'
_entity_poly.pdbx_seq_one_letter_code
;MVTVGNYCEAEGPVGPAWMQDGLSPCFFFTLVPSTRMALGTLALVLALPCRRRERPAGADSLSWGAGPRISPYVLQLLLA
TLQAALPLAGLAGRVGTARGAPLPSYLLLASVLESLAGACGLWLLVVERSQARQRLAMGIWIKFRHSPGLLLLWTVAFAA
ENLALVSWNSPQWWWARADLGQQVQFSLWVLRYVVSGGLFVLGLWAPGLRPQSYTLQVHEEDQDVERSQVRSAAQQSTWR
DFGRKLRLLSGYLWPRGSPALQLVVLICLGLMGLERALNVLVPIFYRNIVNLLTEKAPWNSLAWTVTSYVFLKFLQGGGT
GSTGFVSNLRTFLWIRVQQFTSRRVELLIFSHLHELSLRWHLGRRTGEVLRIADRGTSSVTGLLSYLVFNVIPTLADIII
GIIYFSMFFNAWFGLIVFLCMSLYLTLTIVVTEWRTKFRRAMNTQENATRARAVDSLLNFETVKYYNAESYEVERYREAI
IKYQGLEWKSSASLVLLNQTQNLVIGLGLLAGSLLCAYFVTEQKLQVGDYVLFGTYIIQLYMPLNWFGTYYRMIQTNFID
MENMFDLLKEETEVKDLPGAGPLRFQKGRIEFENVHFSYADGRETLQDVSFTVMPGQTLALVGPSGAGKSTILRLLFRFY
DISSGCIRIDGQDISQVTQASLRSHIGVVPQDTVLFNDTIADNIRYGRVTAGNDEVEAAAQAAGIHDAIMAFPEGYRTQV
GERGLKLSGGEKQRVAIARTILKAPGIILLDEATSALDTSNERAIQASLAKVCANRTTIVVAHRLSTVVNADQILVIKDG
CIVERGRHEALLSRGGVYADMWQLQQGQEETSEDTKPQTMER
;
_entity_poly.pdbx_strand_id   A,B
#
loop_
_chem_comp.id
_chem_comp.type
_chem_comp.name
_chem_comp.formula
GSH non-polymer GLUTATHIONE 'C10 H17 N3 O6 S'
HEM non-polymer 'PROTOPORPHYRIN IX CONTAINING FE' 'C34 H32 Fe N4 O4'
Y01 non-polymer 'CHOLESTEROL HEMISUCCINATE' 'C31 H50 O4'
#
# COMPACT_ATOMS: atom_id res chain seq x y z
N GLN A 236 -9.71 -41.02 -10.54
CA GLN A 236 -10.79 -40.23 -11.11
C GLN A 236 -11.72 -39.71 -10.02
N SER A 237 -11.25 -38.71 -9.27
CA SER A 237 -12.03 -38.07 -8.23
C SER A 237 -12.23 -36.58 -8.45
N THR A 238 -11.15 -35.85 -8.77
CA THR A 238 -11.21 -34.41 -9.01
C THR A 238 -10.97 -34.09 -10.48
N TRP A 239 -11.60 -34.84 -11.37
CA TRP A 239 -11.41 -34.65 -12.81
C TRP A 239 -12.44 -33.70 -13.41
N ARG A 240 -13.73 -33.96 -13.20
CA ARG A 240 -14.78 -33.21 -13.88
C ARG A 240 -14.96 -31.81 -13.31
N ASP A 241 -14.51 -31.57 -12.08
CA ASP A 241 -14.69 -30.25 -11.47
C ASP A 241 -13.77 -29.22 -12.11
N PHE A 242 -12.51 -29.57 -12.34
CA PHE A 242 -11.53 -28.66 -12.92
C PHE A 242 -11.72 -28.45 -14.42
N GLY A 243 -12.54 -29.29 -15.07
CA GLY A 243 -12.57 -29.32 -16.53
C GLY A 243 -13.12 -28.03 -17.15
N ARG A 244 -14.24 -27.54 -16.62
CA ARG A 244 -14.84 -26.34 -17.21
C ARG A 244 -14.06 -25.08 -16.87
N LYS A 245 -13.43 -25.04 -15.70
CA LYS A 245 -12.56 -23.91 -15.35
C LYS A 245 -11.32 -23.88 -16.22
N LEU A 246 -10.71 -25.04 -16.46
CA LEU A 246 -9.56 -25.10 -17.35
C LEU A 246 -9.96 -24.83 -18.79
N ARG A 247 -11.18 -25.22 -19.19
CA ARG A 247 -11.67 -24.86 -20.52
C ARG A 247 -11.88 -23.36 -20.65
N LEU A 248 -12.36 -22.71 -19.58
CA LEU A 248 -12.51 -21.26 -19.63
C LEU A 248 -11.15 -20.56 -19.70
N LEU A 249 -10.15 -21.08 -18.99
CA LEU A 249 -8.81 -20.51 -19.11
C LEU A 249 -8.20 -20.79 -20.49
N SER A 250 -8.56 -21.93 -21.07
CA SER A 250 -8.16 -22.24 -22.44
C SER A 250 -8.78 -21.25 -23.42
N GLY A 251 -10.02 -20.85 -23.16
CA GLY A 251 -10.59 -19.73 -23.91
C GLY A 251 -9.88 -18.43 -23.62
N TYR A 252 -9.35 -18.27 -22.40
CA TYR A 252 -8.73 -17.01 -22.00
C TYR A 252 -7.45 -16.73 -22.78
N LEU A 253 -6.53 -17.70 -22.87
CA LEU A 253 -5.23 -17.34 -23.46
C LEU A 253 -5.32 -17.07 -24.96
N TRP A 254 -6.19 -17.80 -25.65
CA TRP A 254 -6.30 -17.67 -27.10
C TRP A 254 -7.10 -16.42 -27.45
N PRO A 255 -6.55 -15.47 -28.19
CA PRO A 255 -7.35 -14.31 -28.63
C PRO A 255 -8.39 -14.74 -29.65
N ARG A 256 -9.65 -14.44 -29.35
CA ARG A 256 -10.74 -14.97 -30.15
C ARG A 256 -10.86 -14.29 -31.51
N GLY A 257 -10.32 -13.09 -31.67
CA GLY A 257 -10.51 -12.38 -32.92
C GLY A 257 -9.28 -11.80 -33.54
N SER A 258 -8.18 -11.77 -32.80
CA SER A 258 -6.98 -11.11 -33.28
C SER A 258 -6.32 -11.94 -34.39
N PRO A 259 -5.82 -11.31 -35.44
CA PRO A 259 -5.21 -12.07 -36.54
C PRO A 259 -3.82 -12.62 -36.27
N ALA A 260 -2.93 -11.81 -35.70
CA ALA A 260 -1.53 -12.17 -35.61
C ALA A 260 -1.13 -12.69 -34.23
N LEU A 261 -1.92 -12.39 -33.20
CA LEU A 261 -1.56 -12.80 -31.85
C LEU A 261 -1.55 -14.31 -31.72
N GLN A 262 -2.46 -14.98 -32.41
CA GLN A 262 -2.47 -16.44 -32.41
C GLN A 262 -1.21 -17.00 -33.09
N LEU A 263 -0.72 -16.33 -34.12
CA LEU A 263 0.55 -16.74 -34.72
C LEU A 263 1.71 -16.55 -33.74
N VAL A 264 1.69 -15.47 -32.97
CA VAL A 264 2.70 -15.26 -31.95
C VAL A 264 2.67 -16.37 -30.91
N VAL A 265 1.46 -16.82 -30.54
CA VAL A 265 1.34 -17.89 -29.57
C VAL A 265 1.94 -19.20 -30.11
N LEU A 266 1.63 -19.52 -31.37
CA LEU A 266 2.20 -20.74 -31.95
C LEU A 266 3.72 -20.67 -32.07
N ILE A 267 4.26 -19.53 -32.49
CA ILE A 267 5.71 -19.47 -32.62
C ILE A 267 6.38 -19.49 -31.25
N CYS A 268 5.69 -18.98 -30.22
CA CYS A 268 6.26 -19.04 -28.88
C CYS A 268 6.32 -20.47 -28.37
N LEU A 269 5.25 -21.24 -28.58
CA LEU A 269 5.30 -22.64 -28.16
C LEU A 269 6.32 -23.42 -28.96
N GLY A 270 6.52 -23.07 -30.23
CA GLY A 270 7.57 -23.70 -31.01
C GLY A 270 8.95 -23.46 -30.44
N LEU A 271 9.21 -22.22 -30.03
CA LEU A 271 10.51 -21.94 -29.41
C LEU A 271 10.68 -22.66 -28.08
N MET A 272 9.61 -22.80 -27.31
CA MET A 272 9.73 -23.56 -26.07
C MET A 272 10.10 -25.02 -26.35
N GLY A 273 9.49 -25.60 -27.37
CA GLY A 273 9.85 -26.96 -27.75
C GLY A 273 11.28 -27.09 -28.23
N LEU A 274 11.75 -26.13 -29.01
CA LEU A 274 13.13 -26.20 -29.49
C LEU A 274 14.13 -26.03 -28.34
N GLU A 275 13.78 -25.24 -27.33
CA GLU A 275 14.67 -25.11 -26.19
C GLU A 275 14.73 -26.42 -25.41
N ARG A 276 13.59 -27.11 -25.31
CA ARG A 276 13.62 -28.44 -24.69
C ARG A 276 14.45 -29.43 -25.49
N ALA A 277 14.50 -29.27 -26.81
CA ALA A 277 15.42 -30.09 -27.60
C ALA A 277 16.88 -29.77 -27.29
N LEU A 278 17.19 -28.48 -27.15
CA LEU A 278 18.57 -28.09 -26.88
C LEU A 278 19.06 -28.63 -25.55
N ASN A 279 18.14 -28.76 -24.58
CA ASN A 279 18.52 -29.26 -23.27
C ASN A 279 19.06 -30.69 -23.28
N VAL A 280 18.84 -31.44 -24.34
CA VAL A 280 19.44 -32.76 -24.46
C VAL A 280 20.58 -32.68 -25.47
N LEU A 281 20.43 -31.82 -26.47
CA LEU A 281 21.40 -31.86 -27.55
C LEU A 281 22.74 -31.22 -27.16
N VAL A 282 22.79 -30.46 -26.08
CA VAL A 282 24.09 -29.92 -25.66
C VAL A 282 25.03 -30.94 -25.01
N PRO A 283 24.65 -31.64 -23.92
CA PRO A 283 25.65 -32.49 -23.26
C PRO A 283 26.04 -33.71 -24.06
N ILE A 284 25.24 -34.11 -25.04
CA ILE A 284 25.67 -35.14 -25.98
C ILE A 284 26.89 -34.68 -26.75
N PHE A 285 26.87 -33.43 -27.22
CA PHE A 285 28.04 -32.88 -27.86
C PHE A 285 29.20 -32.73 -26.89
N TYR A 286 28.92 -32.48 -25.61
CA TYR A 286 30.01 -32.40 -24.64
C TYR A 286 30.72 -33.74 -24.51
N ARG A 287 29.94 -34.82 -24.44
CA ARG A 287 30.53 -36.16 -24.39
C ARG A 287 31.31 -36.44 -25.66
N ASN A 288 30.80 -35.98 -26.80
CA ASN A 288 31.50 -36.20 -28.06
C ASN A 288 32.83 -35.47 -28.10
N ILE A 289 32.87 -34.24 -27.56
CA ILE A 289 34.13 -33.49 -27.49
C ILE A 289 35.16 -34.21 -26.66
N VAL A 290 34.77 -34.63 -25.45
CA VAL A 290 35.77 -35.24 -24.58
C VAL A 290 36.19 -36.61 -25.12
N ASN A 291 35.29 -37.30 -25.81
CA ASN A 291 35.69 -38.55 -26.46
C ASN A 291 36.71 -38.32 -27.57
N LEU A 292 36.50 -37.32 -28.41
CA LEU A 292 37.49 -37.06 -29.44
C LEU A 292 38.79 -36.51 -28.86
N LEU A 293 38.72 -35.87 -27.71
CA LEU A 293 39.94 -35.35 -27.12
C LEU A 293 40.76 -36.44 -26.47
N THR A 294 40.11 -37.40 -25.81
CA THR A 294 40.84 -38.38 -25.01
C THR A 294 41.62 -39.35 -25.85
N GLU A 295 41.29 -39.50 -27.12
CA GLU A 295 42.16 -40.16 -28.07
C GLU A 295 42.77 -39.12 -28.97
N LYS A 296 43.77 -39.53 -29.73
CA LYS A 296 44.51 -38.59 -30.55
C LYS A 296 43.70 -38.28 -31.80
N ALA A 297 43.43 -37.00 -32.03
CA ALA A 297 42.50 -36.60 -33.08
C ALA A 297 43.12 -35.48 -33.90
N PRO A 298 42.71 -35.35 -35.17
CA PRO A 298 43.19 -34.21 -35.97
C PRO A 298 42.61 -32.91 -35.44
N TRP A 299 43.38 -31.83 -35.67
CA TRP A 299 43.06 -30.56 -35.06
C TRP A 299 41.79 -29.95 -35.63
N ASN A 300 41.56 -30.06 -36.93
CA ASN A 300 40.52 -29.29 -37.58
C ASN A 300 39.12 -29.79 -37.20
N SER A 301 38.90 -31.10 -37.25
CA SER A 301 37.58 -31.65 -36.95
C SER A 301 37.18 -31.39 -35.51
N LEU A 302 38.15 -31.54 -34.60
CA LEU A 302 37.91 -31.26 -33.20
C LEU A 302 37.57 -29.80 -33.00
N ALA A 303 38.24 -28.91 -33.74
CA ALA A 303 37.94 -27.49 -33.63
C ALA A 303 36.52 -27.20 -34.10
N TRP A 304 36.09 -27.86 -35.18
CA TRP A 304 34.75 -27.62 -35.68
C TRP A 304 33.69 -28.08 -34.67
N THR A 305 33.88 -29.25 -34.08
CA THR A 305 32.87 -29.69 -33.13
C THR A 305 32.91 -28.88 -31.83
N VAL A 306 34.08 -28.38 -31.43
CA VAL A 306 34.13 -27.50 -30.26
C VAL A 306 33.37 -26.21 -30.53
N THR A 307 33.52 -25.66 -31.73
CA THR A 307 32.76 -24.48 -32.11
C THR A 307 31.27 -24.74 -32.09
N SER A 308 30.86 -25.91 -32.57
CA SER A 308 29.45 -26.26 -32.53
C SER A 308 28.94 -26.38 -31.09
N TYR A 309 29.76 -26.92 -30.20
CA TYR A 309 29.34 -27.07 -28.80
C TYR A 309 29.16 -25.71 -28.14
N VAL A 310 30.14 -24.82 -28.31
CA VAL A 310 30.01 -23.54 -27.63
C VAL A 310 28.91 -22.70 -28.28
N PHE A 311 28.60 -22.97 -29.55
CA PHE A 311 27.46 -22.35 -30.18
C PHE A 311 26.16 -22.79 -29.54
N LEU A 312 26.01 -24.08 -29.27
CA LEU A 312 24.79 -24.52 -28.59
C LEU A 312 24.73 -23.99 -27.16
N LYS A 313 25.87 -23.86 -26.50
CA LYS A 313 25.88 -23.25 -25.19
C LYS A 313 25.52 -21.77 -25.26
N PHE A 314 25.44 -21.23 -26.47
CA PHE A 314 24.93 -19.83 -26.54
C PHE A 314 23.42 -19.92 -26.76
N LEU A 315 22.98 -20.77 -27.69
CA LEU A 315 21.53 -20.79 -27.99
C LEU A 315 20.79 -21.26 -26.74
N GLN A 316 21.26 -22.31 -26.08
CA GLN A 316 20.59 -22.69 -24.81
C GLN A 316 21.16 -21.78 -23.74
N GLY A 317 20.50 -21.68 -22.60
CA GLY A 317 21.01 -20.73 -21.61
C GLY A 317 22.40 -21.13 -21.18
N GLY A 318 23.30 -20.15 -21.02
CA GLY A 318 24.63 -20.48 -20.50
C GLY A 318 24.41 -21.10 -19.15
N GLY A 319 23.51 -20.54 -18.38
CA GLY A 319 23.13 -21.19 -17.13
C GLY A 319 21.67 -21.53 -17.27
N THR A 320 21.27 -22.76 -16.99
CA THR A 320 19.86 -23.10 -17.30
C THR A 320 18.93 -22.14 -16.58
N GLY A 321 17.87 -21.73 -17.28
CA GLY A 321 16.98 -20.69 -16.74
C GLY A 321 16.73 -19.73 -17.87
N SER A 322 16.32 -18.52 -17.56
CA SER A 322 16.18 -17.53 -18.65
C SER A 322 17.52 -16.82 -18.89
N THR A 323 18.53 -17.51 -19.43
CA THR A 323 19.78 -16.76 -19.74
C THR A 323 20.28 -17.05 -21.16
N GLY A 324 19.43 -17.51 -22.07
CA GLY A 324 19.93 -17.89 -23.41
C GLY A 324 19.10 -17.31 -24.53
N PHE A 325 19.66 -17.25 -25.73
CA PHE A 325 18.95 -16.61 -26.86
C PHE A 325 17.65 -17.35 -27.14
N VAL A 326 17.61 -18.66 -27.07
CA VAL A 326 16.32 -19.31 -27.43
C VAL A 326 15.26 -18.89 -26.44
N SER A 327 15.56 -18.80 -25.15
CA SER A 327 14.48 -18.48 -24.19
C SER A 327 14.22 -16.97 -24.14
N ASN A 328 15.27 -16.17 -24.04
CA ASN A 328 15.11 -14.73 -23.95
C ASN A 328 14.32 -14.17 -25.12
N LEU A 329 14.52 -14.72 -26.32
CA LEU A 329 13.71 -14.25 -27.42
C LEU A 329 12.27 -14.69 -27.24
N ARG A 330 12.05 -15.82 -26.58
CA ARG A 330 10.70 -16.22 -26.24
C ARG A 330 10.04 -15.22 -25.29
N THR A 331 10.78 -14.79 -24.26
CA THR A 331 10.22 -13.80 -23.34
C THR A 331 9.94 -12.49 -24.04
N PHE A 332 10.88 -12.00 -24.85
CA PHE A 332 10.69 -10.72 -25.52
C PHE A 332 9.56 -10.77 -26.53
N LEU A 333 9.42 -11.88 -27.24
CA LEU A 333 8.35 -11.97 -28.21
C LEU A 333 7.02 -12.26 -27.54
N TRP A 334 7.05 -12.77 -26.31
CA TRP A 334 5.84 -13.06 -25.56
C TRP A 334 5.18 -11.83 -24.99
N ILE A 335 5.92 -10.72 -24.86
CA ILE A 335 5.44 -9.61 -24.06
C ILE A 335 4.28 -8.89 -24.70
N ARG A 336 4.02 -9.11 -25.99
CA ARG A 336 2.87 -8.45 -26.61
C ARG A 336 1.56 -9.10 -26.19
N VAL A 337 1.51 -10.43 -26.15
CA VAL A 337 0.24 -11.08 -25.88
C VAL A 337 -0.18 -10.89 -24.43
N GLN A 338 0.78 -10.70 -23.52
CA GLN A 338 0.42 -10.46 -22.13
C GLN A 338 -0.29 -9.13 -21.98
N GLN A 339 0.11 -8.14 -22.78
CA GLN A 339 -0.57 -6.86 -22.76
C GLN A 339 -2.01 -7.00 -23.17
N PHE A 340 -2.27 -7.76 -24.23
CA PHE A 340 -3.64 -7.95 -24.69
C PHE A 340 -4.47 -8.70 -23.66
N THR A 341 -3.90 -9.74 -23.06
CA THR A 341 -4.63 -10.51 -22.05
C THR A 341 -4.98 -9.66 -20.85
N SER A 342 -3.99 -8.94 -20.31
CA SER A 342 -4.21 -8.15 -19.11
C SER A 342 -5.20 -7.04 -19.37
N ARG A 343 -5.06 -6.34 -20.50
CA ARG A 343 -5.98 -5.26 -20.82
C ARG A 343 -7.41 -5.77 -20.95
N ARG A 344 -7.60 -6.90 -21.62
CA ARG A 344 -8.95 -7.39 -21.84
C ARG A 344 -9.60 -7.83 -20.53
N VAL A 345 -8.88 -8.60 -19.72
CA VAL A 345 -9.52 -9.13 -18.51
C VAL A 345 -9.77 -8.01 -17.50
N GLU A 346 -8.86 -7.05 -17.41
CA GLU A 346 -9.03 -6.02 -16.40
C GLU A 346 -10.04 -4.97 -16.82
N LEU A 347 -10.17 -4.68 -18.10
CA LEU A 347 -11.23 -3.80 -18.52
C LEU A 347 -12.59 -4.48 -18.41
N LEU A 348 -12.67 -5.80 -18.64
CA LEU A 348 -13.91 -6.52 -18.42
C LEU A 348 -14.36 -6.42 -16.96
N ILE A 349 -13.44 -6.68 -16.03
CA ILE A 349 -13.84 -6.63 -14.62
C ILE A 349 -14.19 -5.20 -14.20
N PHE A 350 -13.54 -4.19 -14.79
CA PHE A 350 -13.88 -2.82 -14.43
C PHE A 350 -15.29 -2.46 -14.90
N SER A 351 -15.63 -2.83 -16.13
CA SER A 351 -16.99 -2.57 -16.59
C SER A 351 -18.02 -3.32 -15.77
N HIS A 352 -17.68 -4.52 -15.32
CA HIS A 352 -18.66 -5.27 -14.56
C HIS A 352 -18.83 -4.72 -13.16
N LEU A 353 -17.79 -4.10 -12.58
CA LEU A 353 -18.05 -3.37 -11.34
C LEU A 353 -18.90 -2.14 -11.57
N HIS A 354 -18.73 -1.46 -12.69
CA HIS A 354 -19.63 -0.31 -12.86
C HIS A 354 -21.05 -0.69 -13.28
N GLU A 355 -21.30 -1.94 -13.64
CA GLU A 355 -22.67 -2.31 -14.00
C GLU A 355 -23.51 -2.76 -12.82
N LEU A 356 -22.93 -2.96 -11.64
CA LEU A 356 -23.75 -3.41 -10.53
C LEU A 356 -24.63 -2.28 -10.01
N SER A 357 -25.62 -2.65 -9.21
CA SER A 357 -26.53 -1.67 -8.63
C SER A 357 -25.92 -1.01 -7.40
N LEU A 358 -26.63 -0.01 -6.89
CA LEU A 358 -26.14 0.75 -5.74
C LEU A 358 -26.19 -0.08 -4.47
N ARG A 359 -27.22 -0.90 -4.32
CA ARG A 359 -27.44 -1.62 -3.06
C ARG A 359 -26.33 -2.62 -2.79
N TRP A 360 -25.68 -3.13 -3.83
CA TRP A 360 -24.57 -4.05 -3.63
C TRP A 360 -23.38 -3.34 -3.01
N HIS A 361 -23.10 -2.11 -3.45
CA HIS A 361 -21.93 -1.39 -2.95
C HIS A 361 -22.08 -0.95 -1.51
N LEU A 362 -23.28 -0.58 -1.09
CA LEU A 362 -23.45 -0.12 0.29
C LEU A 362 -23.27 -1.23 1.30
N GLY A 363 -23.42 -2.49 0.89
CA GLY A 363 -23.19 -3.61 1.76
C GLY A 363 -21.72 -3.94 1.94
N ARG A 364 -21.04 -4.30 0.85
CA ARG A 364 -19.64 -4.66 0.93
C ARG A 364 -18.80 -3.44 1.26
N ARG A 365 -17.75 -3.67 2.06
CA ARG A 365 -16.76 -2.63 2.29
C ARG A 365 -16.04 -2.34 0.99
N THR A 366 -16.01 -1.07 0.61
CA THR A 366 -15.41 -0.72 -0.68
C THR A 366 -13.90 -0.76 -0.58
N GLY A 367 -13.35 -0.73 0.62
CA GLY A 367 -11.92 -0.77 0.78
C GLY A 367 -11.25 -2.09 0.51
N GLU A 368 -11.99 -3.14 0.16
CA GLU A 368 -11.40 -4.44 -0.10
C GLU A 368 -11.82 -5.09 -1.41
N VAL A 369 -12.90 -4.65 -2.04
CA VAL A 369 -13.27 -5.17 -3.35
C VAL A 369 -12.19 -4.83 -4.37
N LEU A 370 -11.61 -3.64 -4.22
CA LEU A 370 -10.52 -3.18 -5.08
C LEU A 370 -9.35 -4.15 -5.05
N ARG A 371 -8.98 -4.60 -3.85
CA ARG A 371 -7.88 -5.52 -3.70
C ARG A 371 -8.17 -6.84 -4.40
N ILE A 372 -9.42 -7.31 -4.29
CA ILE A 372 -9.80 -8.58 -4.91
C ILE A 372 -9.68 -8.48 -6.42
N ALA A 373 -10.14 -7.37 -6.99
CA ALA A 373 -10.10 -7.22 -8.45
C ALA A 373 -8.66 -7.12 -8.97
N ASP A 374 -7.85 -6.27 -8.33
CA ASP A 374 -6.48 -6.08 -8.80
C ASP A 374 -5.67 -7.36 -8.67
N ARG A 375 -5.77 -8.00 -7.51
CA ARG A 375 -5.05 -9.24 -7.31
C ARG A 375 -5.56 -10.33 -8.22
N GLY A 376 -6.84 -10.29 -8.61
CA GLY A 376 -7.34 -11.26 -9.58
C GLY A 376 -6.71 -11.11 -10.95
N THR A 377 -6.59 -9.88 -11.45
CA THR A 377 -6.01 -9.69 -12.76
C THR A 377 -4.53 -10.07 -12.78
N SER A 378 -3.78 -9.62 -11.76
CA SER A 378 -2.39 -10.04 -11.66
C SER A 378 -2.28 -11.54 -11.47
N SER A 379 -3.27 -12.14 -10.82
CA SER A 379 -3.27 -13.58 -10.62
C SER A 379 -3.42 -14.33 -11.93
N VAL A 380 -4.32 -13.90 -12.81
CA VAL A 380 -4.52 -14.68 -14.02
C VAL A 380 -3.31 -14.57 -14.94
N THR A 381 -2.69 -13.38 -15.03
CA THR A 381 -1.50 -13.31 -15.88
C THR A 381 -0.34 -14.10 -15.28
N GLY A 382 -0.16 -14.05 -13.96
CA GLY A 382 0.91 -14.80 -13.34
C GLY A 382 0.70 -16.30 -13.43
N LEU A 383 -0.55 -16.75 -13.27
CA LEU A 383 -0.84 -18.17 -13.30
C LEU A 383 -0.56 -18.73 -14.69
N LEU A 384 -0.99 -18.02 -15.73
CA LEU A 384 -0.74 -18.51 -17.07
C LEU A 384 0.75 -18.57 -17.34
N SER A 385 1.48 -17.50 -16.97
CA SER A 385 2.91 -17.46 -17.25
C SER A 385 3.67 -18.58 -16.53
N TYR A 386 3.45 -18.72 -15.22
CA TYR A 386 4.16 -19.74 -14.45
C TYR A 386 3.80 -21.14 -14.93
N LEU A 387 2.52 -21.49 -14.88
CA LEU A 387 2.16 -22.88 -15.10
C LEU A 387 2.28 -23.29 -16.56
N VAL A 388 2.46 -22.36 -17.50
CA VAL A 388 2.70 -22.83 -18.85
C VAL A 388 4.19 -22.83 -19.17
N PHE A 389 4.96 -21.90 -18.62
CA PHE A 389 6.33 -21.78 -19.10
C PHE A 389 7.41 -22.20 -18.11
N ASN A 390 7.07 -22.56 -16.88
CA ASN A 390 8.14 -22.93 -15.97
C ASN A 390 7.81 -24.11 -15.06
N VAL A 391 6.73 -24.84 -15.28
CA VAL A 391 6.45 -26.06 -14.54
C VAL A 391 6.21 -27.23 -15.48
N ILE A 392 5.33 -27.04 -16.48
CA ILE A 392 5.18 -28.05 -17.53
C ILE A 392 6.48 -28.31 -18.28
N PRO A 393 7.27 -27.30 -18.70
CA PRO A 393 8.57 -27.63 -19.31
C PRO A 393 9.52 -28.37 -18.39
N THR A 394 9.54 -28.09 -17.09
CA THR A 394 10.49 -28.78 -16.23
C THR A 394 10.12 -30.25 -16.06
N LEU A 395 8.84 -30.55 -15.86
CA LEU A 395 8.42 -31.95 -15.77
C LEU A 395 8.60 -32.67 -17.08
N ALA A 396 8.37 -31.98 -18.20
CA ALA A 396 8.67 -32.56 -19.50
C ALA A 396 10.14 -32.89 -19.63
N ASP A 397 10.99 -32.02 -19.09
CA ASP A 397 12.43 -32.25 -19.21
C ASP A 397 12.86 -33.42 -18.33
N ILE A 398 12.20 -33.59 -17.18
CA ILE A 398 12.44 -34.79 -16.36
C ILE A 398 12.10 -36.04 -17.15
N ILE A 399 10.97 -36.04 -17.84
CA ILE A 399 10.58 -37.24 -18.58
C ILE A 399 11.54 -37.50 -19.73
N ILE A 400 11.95 -36.45 -20.44
CA ILE A 400 12.96 -36.66 -21.51
C ILE A 400 14.19 -37.26 -20.85
N GLY A 401 14.54 -36.76 -19.68
CA GLY A 401 15.77 -37.27 -19.07
C GLY A 401 15.67 -38.73 -18.74
N ILE A 402 14.56 -39.17 -18.13
CA ILE A 402 14.55 -40.60 -17.72
C ILE A 402 14.68 -41.42 -19.00
N ILE A 403 13.98 -41.01 -20.06
CA ILE A 403 14.00 -41.80 -21.31
C ILE A 403 15.42 -41.82 -21.89
N TYR A 404 16.13 -40.69 -21.90
CA TYR A 404 17.46 -40.73 -22.58
C TYR A 404 18.34 -41.72 -21.84
N PHE A 405 18.32 -41.65 -20.52
CA PHE A 405 19.21 -42.56 -19.78
C PHE A 405 18.75 -43.99 -20.01
N SER A 406 17.45 -44.28 -19.93
CA SER A 406 17.05 -45.70 -20.05
C SER A 406 17.32 -46.25 -21.45
N MET A 407 16.98 -45.50 -22.48
CA MET A 407 17.17 -45.97 -23.87
C MET A 407 18.64 -46.04 -24.25
N PHE A 408 19.46 -45.05 -23.88
CA PHE A 408 20.87 -45.04 -24.35
C PHE A 408 21.87 -45.52 -23.30
N PHE A 409 21.60 -45.35 -22.00
CA PHE A 409 22.51 -45.94 -21.02
C PHE A 409 21.95 -47.22 -20.44
N ASN A 410 22.65 -47.72 -19.43
CA ASN A 410 22.19 -48.86 -18.66
C ASN A 410 20.92 -48.50 -17.91
N ALA A 411 20.10 -49.50 -17.68
CA ALA A 411 18.83 -49.30 -17.01
C ALA A 411 18.99 -48.80 -15.58
N TRP A 412 20.09 -49.17 -14.92
CA TRP A 412 20.28 -48.76 -13.54
C TRP A 412 20.43 -47.26 -13.40
N PHE A 413 21.03 -46.61 -14.41
CA PHE A 413 21.12 -45.15 -14.38
C PHE A 413 19.75 -44.51 -14.43
N GLY A 414 18.88 -45.05 -15.28
CA GLY A 414 17.51 -44.56 -15.32
C GLY A 414 16.80 -44.76 -14.01
N LEU A 415 17.06 -45.89 -13.35
CA LEU A 415 16.47 -46.13 -12.04
C LEU A 415 16.95 -45.09 -11.03
N ILE A 416 18.25 -44.78 -11.06
CA ILE A 416 18.82 -43.79 -10.13
C ILE A 416 18.19 -42.42 -10.35
N VAL A 417 18.14 -41.97 -11.60
CA VAL A 417 17.61 -40.63 -11.85
C VAL A 417 16.12 -40.58 -11.52
N PHE A 418 15.39 -41.66 -11.81
CA PHE A 418 13.97 -41.70 -11.53
C PHE A 418 13.69 -41.62 -10.05
N LEU A 419 14.35 -42.47 -9.27
CA LEU A 419 14.09 -42.50 -7.83
C LEU A 419 14.55 -41.20 -7.19
N CYS A 420 15.67 -40.65 -7.64
CA CYS A 420 16.19 -39.41 -7.05
C CYS A 420 15.25 -38.24 -7.31
N MET A 421 14.79 -38.07 -8.54
CA MET A 421 13.92 -36.93 -8.81
C MET A 421 12.53 -37.11 -8.24
N SER A 422 12.01 -38.34 -8.19
CA SER A 422 10.72 -38.54 -7.54
C SER A 422 10.78 -38.23 -6.05
N LEU A 423 11.85 -38.68 -5.39
CA LEU A 423 12.02 -38.36 -3.97
C LEU A 423 12.18 -36.87 -3.76
N TYR A 424 12.92 -36.20 -4.65
CA TYR A 424 13.12 -34.76 -4.55
C TYR A 424 11.81 -34.01 -4.66
N LEU A 425 10.97 -34.39 -5.62
CA LEU A 425 9.69 -33.73 -5.79
C LEU A 425 8.78 -33.95 -4.59
N THR A 426 8.75 -35.17 -4.06
CA THR A 426 7.88 -35.45 -2.93
C THR A 426 8.30 -34.70 -1.67
N LEU A 427 9.60 -34.64 -1.41
CA LEU A 427 10.08 -33.85 -0.27
C LEU A 427 9.78 -32.37 -0.43
N THR A 428 9.96 -31.83 -1.64
CA THR A 428 9.67 -30.41 -1.85
C THR A 428 8.20 -30.10 -1.60
N ILE A 429 7.31 -30.96 -2.12
CA ILE A 429 5.88 -30.73 -1.96
C ILE A 429 5.47 -30.77 -0.50
N VAL A 430 5.92 -31.80 0.24
CA VAL A 430 5.50 -31.96 1.62
C VAL A 430 6.01 -30.81 2.48
N VAL A 431 7.28 -30.44 2.32
CA VAL A 431 7.83 -29.40 3.17
C VAL A 431 7.22 -28.03 2.87
N THR A 432 6.90 -27.76 1.60
CA THR A 432 6.26 -26.49 1.27
C THR A 432 4.86 -26.40 1.88
N GLU A 433 4.08 -27.48 1.76
CA GLU A 433 2.73 -27.46 2.34
C GLU A 433 2.77 -27.46 3.87
N TRP A 434 3.91 -27.80 4.45
CA TRP A 434 4.04 -27.61 5.89
C TRP A 434 4.44 -26.18 6.23
N ARG A 435 5.25 -25.54 5.39
CA ARG A 435 5.85 -24.24 5.73
C ARG A 435 4.87 -23.08 5.54
N THR A 436 3.83 -23.27 4.74
CA THR A 436 2.94 -22.16 4.41
C THR A 436 2.21 -21.60 5.65
N LYS A 437 2.11 -22.38 6.73
CA LYS A 437 1.47 -21.89 7.96
C LYS A 437 2.28 -20.76 8.58
N PHE A 438 3.58 -20.99 8.76
CA PHE A 438 4.46 -19.95 9.29
C PHE A 438 4.45 -18.73 8.38
N ARG A 439 4.38 -18.97 7.06
CA ARG A 439 4.30 -17.85 6.12
C ARG A 439 3.10 -16.94 6.40
N ARG A 440 1.91 -17.53 6.51
CA ARG A 440 0.71 -16.71 6.68
C ARG A 440 0.66 -16.05 8.06
N ALA A 441 1.10 -16.74 9.10
CA ALA A 441 1.11 -16.14 10.43
C ALA A 441 2.04 -14.94 10.49
N MET A 442 3.22 -15.05 9.85
CA MET A 442 4.14 -13.93 9.79
C MET A 442 3.53 -12.73 9.09
N ASN A 443 2.84 -12.96 7.97
CA ASN A 443 2.22 -11.84 7.26
C ASN A 443 1.16 -11.12 8.10
N THR A 444 0.31 -11.89 8.80
CA THR A 444 -0.75 -11.27 9.59
C THR A 444 -0.17 -10.43 10.73
N GLN A 445 0.80 -10.97 11.46
CA GLN A 445 1.38 -10.21 12.56
C GLN A 445 2.12 -8.97 12.06
N GLU A 446 2.71 -9.06 10.87
CA GLU A 446 3.39 -7.92 10.27
C GLU A 446 2.43 -6.77 10.01
N ASN A 447 1.28 -7.06 9.42
CA ASN A 447 0.32 -5.99 9.15
C ASN A 447 -0.23 -5.39 10.45
N ALA A 448 -0.33 -6.18 11.51
CA ALA A 448 -0.77 -5.57 12.79
C ALA A 448 0.30 -4.66 13.40
N THR A 449 1.56 -5.11 13.43
CA THR A 449 2.62 -4.31 14.12
C THR A 449 2.78 -2.95 13.43
N ARG A 450 2.77 -2.94 12.10
CA ARG A 450 2.97 -1.66 11.37
C ARG A 450 1.83 -0.72 11.71
N ALA A 451 0.60 -1.24 11.76
CA ALA A 451 -0.56 -0.37 12.02
C ALA A 451 -0.45 0.24 13.42
N ARG A 452 -0.01 -0.55 14.40
CA ARG A 452 0.17 0.01 15.76
C ARG A 452 1.03 1.26 15.66
N ALA A 453 1.95 1.31 14.70
CA ALA A 453 2.82 2.50 14.70
C ALA A 453 2.22 3.66 13.92
N VAL A 454 1.63 3.41 12.76
CA VAL A 454 1.17 4.58 11.97
C VAL A 454 0.16 5.34 12.83
N ASP A 455 -0.72 4.62 13.52
CA ASP A 455 -1.75 5.31 14.32
C ASP A 455 -1.07 6.09 15.44
N SER A 456 -0.06 5.50 16.09
CA SER A 456 0.54 6.21 17.24
C SER A 456 1.19 7.51 16.78
N LEU A 457 1.90 7.51 15.66
CA LEU A 457 2.48 8.79 15.13
C LEU A 457 1.36 9.76 14.74
N LEU A 458 0.30 9.27 14.09
CA LEU A 458 -0.74 10.22 13.61
C LEU A 458 -1.39 10.92 14.80
N ASN A 459 -1.68 10.20 15.88
CA ASN A 459 -2.32 10.80 17.07
C ASN A 459 -1.25 11.50 17.89
N PHE A 460 -0.25 12.06 17.23
CA PHE A 460 0.87 12.75 17.86
C PHE A 460 0.36 13.72 18.92
N GLU A 461 -0.71 14.42 18.60
CA GLU A 461 -1.24 15.42 19.51
C GLU A 461 -1.73 14.79 20.81
N THR A 462 -2.46 13.69 20.73
CA THR A 462 -2.97 13.05 21.94
C THR A 462 -1.84 12.46 22.77
N VAL A 463 -0.86 11.83 22.11
CA VAL A 463 0.21 11.23 22.90
C VAL A 463 1.10 12.32 23.50
N LYS A 464 1.11 13.50 22.88
CA LYS A 464 1.78 14.63 23.53
C LYS A 464 0.98 15.10 24.73
N TYR A 465 -0.35 15.05 24.64
CA TYR A 465 -1.19 15.49 25.74
C TYR A 465 -0.92 14.65 26.98
N TYR A 466 -0.89 13.34 26.81
CA TYR A 466 -1.03 12.48 27.96
C TYR A 466 0.30 11.99 28.53
N ASN A 467 1.43 12.48 28.02
CA ASN A 467 2.77 12.23 28.56
C ASN A 467 3.07 10.72 28.59
N ALA A 468 3.12 10.15 27.39
CA ALA A 468 3.13 8.69 27.29
C ALA A 468 4.08 8.23 26.19
N GLU A 469 5.17 8.97 25.97
CA GLU A 469 6.12 8.62 24.92
C GLU A 469 6.81 7.29 25.22
N SER A 470 7.28 7.14 26.46
CA SER A 470 7.97 5.91 26.84
C SER A 470 7.03 4.71 26.79
N TYR A 471 5.78 4.90 27.20
CA TYR A 471 4.80 3.82 27.12
C TYR A 471 4.54 3.42 25.68
N GLU A 472 4.43 4.39 24.78
CA GLU A 472 4.20 4.06 23.38
C GLU A 472 5.37 3.31 22.78
N VAL A 473 6.59 3.76 23.09
CA VAL A 473 7.79 3.08 22.62
C VAL A 473 7.83 1.65 23.13
N GLU A 474 7.52 1.45 24.41
CA GLU A 474 7.59 0.11 24.98
C GLU A 474 6.56 -0.83 24.36
N ARG A 475 5.35 -0.35 24.13
CA ARG A 475 4.34 -1.23 23.55
C ARG A 475 4.71 -1.56 22.10
N TYR A 476 5.33 -0.61 21.40
CA TYR A 476 5.82 -0.89 20.06
C TYR A 476 6.93 -1.94 20.08
N ARG A 477 7.79 -1.88 21.10
CA ARG A 477 8.85 -2.88 21.20
C ARG A 477 8.28 -4.27 21.44
N GLU A 478 7.20 -4.36 22.21
CA GLU A 478 6.56 -5.66 22.40
C GLU A 478 6.03 -6.22 21.09
N ALA A 479 5.40 -5.35 20.28
CA ALA A 479 4.92 -5.82 18.98
C ALA A 479 6.07 -6.27 18.08
N ILE A 480 7.19 -5.55 18.13
CA ILE A 480 8.37 -5.96 17.37
C ILE A 480 8.85 -7.34 17.80
N ILE A 481 8.92 -7.58 19.11
CA ILE A 481 9.44 -8.86 19.61
C ILE A 481 8.57 -10.02 19.16
N LYS A 482 7.25 -9.85 19.20
CA LYS A 482 6.38 -10.90 18.69
C LYS A 482 6.60 -11.15 17.20
N TYR A 483 6.80 -10.07 16.43
CA TYR A 483 7.05 -10.23 15.01
C TYR A 483 8.35 -10.99 14.73
N GLN A 484 9.39 -10.71 15.52
CA GLN A 484 10.64 -11.45 15.36
C GLN A 484 10.46 -12.92 15.69
N GLY A 485 9.68 -13.19 16.74
CA GLY A 485 9.42 -14.57 17.13
C GLY A 485 8.68 -15.36 16.07
N LEU A 486 7.95 -14.69 15.19
CA LEU A 486 7.43 -15.46 14.05
C LEU A 486 8.40 -15.54 12.88
N GLU A 487 9.08 -14.44 12.57
CA GLU A 487 9.91 -14.41 11.37
C GLU A 487 11.06 -15.39 11.46
N TRP A 488 11.57 -15.61 12.66
CA TRP A 488 12.66 -16.57 12.82
C TRP A 488 12.22 -17.98 12.47
N LYS A 489 11.00 -18.36 12.87
CA LYS A 489 10.47 -19.66 12.51
C LYS A 489 10.35 -19.80 11.01
N SER A 490 9.86 -18.75 10.34
CA SER A 490 9.72 -18.85 8.89
C SER A 490 11.06 -19.03 8.19
N SER A 491 12.05 -18.25 8.59
CA SER A 491 13.36 -18.33 7.95
C SER A 491 14.03 -19.68 8.21
N ALA A 492 13.89 -20.20 9.43
CA ALA A 492 14.47 -21.50 9.72
C ALA A 492 13.83 -22.60 8.91
N SER A 493 12.51 -22.52 8.71
CA SER A 493 11.86 -23.53 7.89
C SER A 493 12.35 -23.48 6.45
N LEU A 494 12.60 -22.27 5.95
CA LEU A 494 13.18 -22.13 4.61
C LEU A 494 14.54 -22.81 4.51
N VAL A 495 15.39 -22.59 5.51
CA VAL A 495 16.73 -23.20 5.50
C VAL A 495 16.63 -24.72 5.52
N LEU A 496 15.72 -25.26 6.32
CA LEU A 496 15.56 -26.71 6.39
C LEU A 496 15.14 -27.29 5.04
N LEU A 497 14.19 -26.63 4.37
CA LEU A 497 13.76 -27.09 3.05
C LEU A 497 14.92 -27.09 2.07
N ASN A 498 15.69 -26.01 2.08
CA ASN A 498 16.79 -25.88 1.13
C ASN A 498 17.86 -26.94 1.35
N GLN A 499 18.18 -27.22 2.61
CA GLN A 499 19.18 -28.23 2.90
C GLN A 499 18.71 -29.63 2.56
N THR A 500 17.42 -29.92 2.76
CA THR A 500 16.89 -31.22 2.36
C THR A 500 17.01 -31.43 0.86
N GLN A 501 16.67 -30.41 0.08
CA GLN A 501 16.79 -30.52 -1.37
C GLN A 501 18.24 -30.75 -1.79
N ASN A 502 19.15 -29.98 -1.21
CA ASN A 502 20.55 -30.11 -1.59
C ASN A 502 21.11 -31.47 -1.21
N LEU A 503 20.72 -32.00 -0.05
CA LEU A 503 21.20 -33.32 0.37
C LEU A 503 20.70 -34.40 -0.57
N VAL A 504 19.45 -34.32 -1.01
CA VAL A 504 18.93 -35.35 -1.91
C VAL A 504 19.68 -35.34 -3.23
N ILE A 505 19.89 -34.16 -3.80
CA ILE A 505 20.61 -34.12 -5.08
C ILE A 505 22.06 -34.54 -4.92
N GLY A 506 22.69 -34.18 -3.81
CA GLY A 506 24.05 -34.63 -3.57
C GLY A 506 24.16 -36.13 -3.44
N LEU A 507 23.19 -36.75 -2.76
CA LEU A 507 23.21 -38.21 -2.60
C LEU A 507 23.05 -38.91 -3.95
N GLY A 508 22.11 -38.42 -4.76
CA GLY A 508 21.96 -38.99 -6.09
C GLY A 508 23.19 -38.84 -6.94
N LEU A 509 23.86 -37.68 -6.85
CA LEU A 509 25.08 -37.45 -7.60
C LEU A 509 26.17 -38.40 -7.16
N LEU A 510 26.27 -38.66 -5.85
CA LEU A 510 27.28 -39.59 -5.36
C LEU A 510 27.07 -40.99 -5.90
N ALA A 511 25.82 -41.47 -5.83
CA ALA A 511 25.55 -42.82 -6.31
C ALA A 511 25.84 -42.96 -7.79
N GLY A 512 25.38 -41.98 -8.58
CA GLY A 512 25.60 -42.04 -10.02
C GLY A 512 27.07 -41.94 -10.40
N SER A 513 27.80 -41.03 -9.77
CA SER A 513 29.21 -40.86 -10.11
C SER A 513 30.02 -42.10 -9.75
N LEU A 514 29.77 -42.68 -8.58
CA LEU A 514 30.51 -43.89 -8.21
C LEU A 514 30.23 -45.02 -9.17
N LEU A 515 28.96 -45.25 -9.51
CA LEU A 515 28.66 -46.39 -10.36
C LEU A 515 29.21 -46.18 -11.76
N CYS A 516 29.13 -44.94 -12.25
CA CYS A 516 29.64 -44.64 -13.58
C CYS A 516 31.16 -44.80 -13.62
N ALA A 517 31.83 -44.41 -12.54
CA ALA A 517 33.27 -44.62 -12.45
C ALA A 517 33.62 -46.09 -12.48
N TYR A 518 32.83 -46.92 -11.79
CA TYR A 518 33.14 -48.35 -11.76
C TYR A 518 32.98 -48.98 -13.14
N PHE A 519 31.91 -48.63 -13.86
CA PHE A 519 31.82 -49.15 -15.21
C PHE A 519 32.92 -48.65 -16.12
N VAL A 520 33.26 -47.36 -16.05
CA VAL A 520 34.23 -46.86 -17.04
C VAL A 520 35.63 -47.32 -16.69
N THR A 521 35.89 -47.71 -15.44
CA THR A 521 37.15 -48.38 -15.18
C THR A 521 37.05 -49.88 -15.39
N GLU A 522 35.85 -50.42 -15.65
CA GLU A 522 35.75 -51.79 -16.15
C GLU A 522 35.46 -51.83 -17.66
N GLN A 523 35.86 -50.81 -18.40
CA GLN A 523 35.90 -50.76 -19.86
C GLN A 523 34.53 -50.90 -20.51
N LYS A 524 33.44 -50.85 -19.75
CA LYS A 524 32.13 -51.01 -20.35
C LYS A 524 31.67 -49.74 -21.07
N LEU A 525 32.17 -48.59 -20.66
CA LEU A 525 31.74 -47.31 -21.22
C LEU A 525 32.92 -46.47 -21.69
N GLN A 526 32.67 -45.23 -22.05
CA GLN A 526 33.69 -44.33 -22.53
C GLN A 526 33.96 -43.24 -21.50
N VAL A 527 35.10 -42.56 -21.69
CA VAL A 527 35.62 -41.64 -20.68
C VAL A 527 34.68 -40.47 -20.47
N GLY A 528 34.04 -40.03 -21.53
CA GLY A 528 33.18 -38.87 -21.38
C GLY A 528 31.84 -39.15 -20.77
N ASP A 529 31.50 -40.41 -20.52
CA ASP A 529 30.18 -40.70 -19.95
C ASP A 529 30.06 -40.21 -18.53
N TYR A 530 31.16 -40.24 -17.77
CA TYR A 530 31.16 -39.66 -16.44
C TYR A 530 30.90 -38.17 -16.49
N VAL A 531 31.52 -37.49 -17.45
CA VAL A 531 31.34 -36.05 -17.60
C VAL A 531 29.92 -35.73 -18.02
N LEU A 532 29.36 -36.56 -18.91
CA LEU A 532 27.98 -36.38 -19.33
C LEU A 532 27.02 -36.51 -18.17
N PHE A 533 27.23 -37.53 -17.32
CA PHE A 533 26.32 -37.70 -16.21
C PHE A 533 26.42 -36.58 -15.20
N GLY A 534 27.64 -36.11 -14.92
CA GLY A 534 27.79 -35.00 -13.98
C GLY A 534 27.11 -33.73 -14.48
N THR A 535 27.35 -33.38 -15.74
CA THR A 535 26.75 -32.15 -16.22
C THR A 535 25.24 -32.31 -16.41
N TYR A 536 24.75 -33.53 -16.61
CA TYR A 536 23.32 -33.69 -16.79
C TYR A 536 22.60 -33.59 -15.45
N ILE A 537 23.17 -34.12 -14.38
CA ILE A 537 22.53 -33.97 -13.08
C ILE A 537 22.55 -32.51 -12.63
N ILE A 538 23.65 -31.80 -12.90
CA ILE A 538 23.66 -30.38 -12.54
C ILE A 538 22.63 -29.61 -13.36
N GLN A 539 22.53 -29.93 -14.65
CA GLN A 539 21.58 -29.25 -15.52
C GLN A 539 20.13 -29.55 -15.13
N LEU A 540 19.86 -30.73 -14.59
CA LEU A 540 18.53 -31.00 -14.08
C LEU A 540 18.26 -30.29 -12.77
N TYR A 541 19.27 -30.21 -11.91
CA TYR A 541 19.05 -29.65 -10.58
C TYR A 541 18.84 -28.15 -10.62
N MET A 542 19.51 -27.46 -11.54
CA MET A 542 19.45 -26.00 -11.53
C MET A 542 18.06 -25.38 -11.69
N PRO A 543 17.14 -25.89 -12.52
CA PRO A 543 15.79 -25.31 -12.50
C PRO A 543 14.89 -25.95 -11.46
N LEU A 544 15.21 -27.16 -11.01
CA LEU A 544 14.38 -27.77 -9.99
C LEU A 544 14.58 -27.17 -8.62
N ASN A 545 15.58 -26.31 -8.45
CA ASN A 545 15.78 -25.68 -7.15
C ASN A 545 14.66 -24.72 -6.83
N TRP A 546 14.07 -24.09 -7.84
CA TRP A 546 13.04 -23.09 -7.63
C TRP A 546 11.63 -23.68 -7.65
N PHE A 547 11.47 -24.94 -7.24
CA PHE A 547 10.15 -25.52 -7.34
C PHE A 547 9.22 -25.04 -6.26
N GLY A 548 9.75 -24.77 -5.07
CA GLY A 548 8.89 -24.44 -3.94
C GLY A 548 8.14 -23.14 -4.15
N THR A 549 8.84 -22.11 -4.61
CA THR A 549 8.19 -20.81 -4.75
C THR A 549 7.18 -20.81 -5.89
N TYR A 550 7.47 -21.54 -6.97
CA TYR A 550 6.44 -21.75 -7.98
C TYR A 550 5.24 -22.46 -7.41
N TYR A 551 5.45 -23.43 -6.53
CA TYR A 551 4.29 -24.14 -5.98
C TYR A 551 3.43 -23.22 -5.13
N ARG A 552 4.05 -22.41 -4.28
CA ARG A 552 3.27 -21.47 -3.47
C ARG A 552 2.54 -20.46 -4.32
N MET A 553 3.22 -19.92 -5.35
CA MET A 553 2.61 -18.84 -6.09
C MET A 553 1.49 -19.34 -6.99
N ILE A 554 1.62 -20.55 -7.55
CA ILE A 554 0.50 -21.13 -8.28
C ILE A 554 -0.68 -21.38 -7.36
N GLN A 555 -0.43 -21.85 -6.13
CA GLN A 555 -1.53 -22.08 -5.20
C GLN A 555 -2.26 -20.79 -4.87
N THR A 556 -1.52 -19.73 -4.55
CA THR A 556 -2.19 -18.52 -4.08
C THR A 556 -2.85 -17.77 -5.22
N ASN A 557 -2.24 -17.75 -6.41
CA ASN A 557 -2.95 -17.11 -7.52
C ASN A 557 -4.12 -17.94 -7.98
N PHE A 558 -4.09 -19.26 -7.76
CA PHE A 558 -5.23 -20.07 -8.15
C PHE A 558 -6.43 -19.76 -7.27
N ILE A 559 -6.22 -19.71 -5.96
CA ILE A 559 -7.35 -19.37 -5.08
C ILE A 559 -7.77 -17.93 -5.29
N ASP A 560 -6.85 -17.06 -5.68
CA ASP A 560 -7.21 -15.65 -5.87
C ASP A 560 -8.02 -15.46 -7.15
N MET A 561 -7.66 -16.20 -8.20
CA MET A 561 -8.48 -16.20 -9.40
C MET A 561 -9.85 -16.78 -9.13
N GLU A 562 -9.93 -17.77 -8.23
CA GLU A 562 -11.24 -18.31 -7.87
C GLU A 562 -12.11 -17.25 -7.20
N ASN A 563 -11.52 -16.45 -6.28
CA ASN A 563 -12.29 -15.36 -5.66
C ASN A 563 -12.75 -14.34 -6.69
N MET A 564 -11.85 -13.94 -7.60
CA MET A 564 -12.21 -12.95 -8.61
C MET A 564 -13.30 -13.49 -9.53
N PHE A 565 -13.22 -14.76 -9.87
CA PHE A 565 -14.19 -15.37 -10.77
C PHE A 565 -15.54 -15.49 -10.09
N ASP A 566 -15.54 -15.75 -8.78
CA ASP A 566 -16.77 -15.75 -8.00
C ASP A 566 -17.40 -14.36 -8.01
N LEU A 567 -16.59 -13.32 -7.84
CA LEU A 567 -17.14 -11.97 -7.85
C LEU A 567 -17.67 -11.60 -9.21
N LEU A 568 -17.00 -12.07 -10.27
CA LEU A 568 -17.46 -11.79 -11.62
C LEU A 568 -18.82 -12.44 -11.88
N LYS A 569 -19.01 -13.68 -11.43
CA LYS A 569 -20.31 -14.31 -11.60
C LYS A 569 -21.38 -13.68 -10.72
N GLU A 570 -20.99 -13.00 -9.65
CA GLU A 570 -21.97 -12.31 -8.81
C GLU A 570 -22.56 -11.13 -9.57
N GLU A 571 -23.86 -10.95 -9.45
CA GLU A 571 -24.57 -9.98 -10.27
C GLU A 571 -25.92 -9.69 -9.66
N THR A 572 -26.32 -8.42 -9.67
CA THR A 572 -27.62 -8.03 -9.12
C THR A 572 -28.55 -7.43 -10.18
N GLU A 573 -28.16 -6.32 -10.81
CA GLU A 573 -28.80 -5.65 -11.95
C GLU A 573 -30.34 -5.66 -11.89
N VAL A 574 -30.88 -5.05 -10.83
CA VAL A 574 -32.31 -5.08 -10.60
C VAL A 574 -33.09 -4.36 -11.72
N LYS A 575 -32.47 -3.40 -12.38
CA LYS A 575 -33.14 -2.58 -13.39
C LYS A 575 -32.79 -3.13 -14.77
N ASP A 576 -33.71 -3.93 -15.33
CA ASP A 576 -33.54 -4.50 -16.66
C ASP A 576 -34.88 -5.06 -17.13
N LEU A 577 -35.24 -4.76 -18.37
CA LEU A 577 -36.33 -5.45 -19.06
C LEU A 577 -35.97 -5.55 -20.53
N PRO A 578 -36.14 -6.72 -21.15
CA PRO A 578 -35.73 -6.90 -22.55
C PRO A 578 -36.60 -6.16 -23.56
N GLY A 579 -37.75 -5.63 -23.16
CA GLY A 579 -38.57 -4.88 -24.09
C GLY A 579 -37.92 -3.59 -24.55
N ALA A 580 -37.33 -2.84 -23.61
CA ALA A 580 -36.50 -1.66 -23.86
C ALA A 580 -37.24 -0.57 -24.64
N GLY A 581 -38.26 -0.01 -23.99
CA GLY A 581 -39.00 1.10 -24.57
C GLY A 581 -38.62 2.42 -23.93
N PRO A 582 -37.83 3.22 -24.64
CA PRO A 582 -37.30 4.46 -24.04
C PRO A 582 -38.38 5.50 -23.82
N LEU A 583 -38.09 6.40 -22.88
CA LEU A 583 -39.05 7.40 -22.44
C LEU A 583 -39.26 8.45 -23.53
N ARG A 584 -40.48 8.96 -23.60
CA ARG A 584 -40.83 10.11 -24.41
C ARG A 584 -41.19 11.26 -23.49
N PHE A 585 -40.65 12.44 -23.75
CA PHE A 585 -40.94 13.62 -22.96
C PHE A 585 -41.91 14.49 -23.75
N GLN A 586 -43.12 14.63 -23.23
CA GLN A 586 -44.07 15.50 -23.90
C GLN A 586 -44.77 16.51 -23.00
N LYS A 587 -45.02 16.16 -21.73
CA LYS A 587 -45.61 17.13 -20.81
C LYS A 587 -44.69 17.52 -19.67
N GLY A 588 -44.22 16.55 -18.88
CA GLY A 588 -43.60 16.87 -17.61
C GLY A 588 -44.59 16.80 -16.47
N ARG A 589 -45.26 15.66 -16.31
CA ARG A 589 -46.13 15.40 -15.17
C ARG A 589 -45.56 14.26 -14.34
N ILE A 590 -45.40 14.50 -13.05
CA ILE A 590 -44.87 13.52 -12.11
C ILE A 590 -46.01 13.07 -11.22
N GLU A 591 -46.37 11.79 -11.33
CA GLU A 591 -47.50 11.23 -10.60
C GLU A 591 -47.05 10.02 -9.80
N PHE A 592 -47.52 9.94 -8.56
CA PHE A 592 -47.26 8.79 -7.69
C PHE A 592 -48.55 8.01 -7.52
N GLU A 593 -48.44 6.68 -7.49
CA GLU A 593 -49.62 5.83 -7.34
C GLU A 593 -49.34 4.66 -6.39
N ASN A 594 -49.54 4.90 -5.09
CA ASN A 594 -49.76 3.87 -4.08
C ASN A 594 -48.65 2.82 -4.03
N VAL A 595 -47.45 3.28 -3.70
CA VAL A 595 -46.25 2.45 -3.73
C VAL A 595 -45.74 2.28 -2.31
N HIS A 596 -45.37 1.05 -1.96
CA HIS A 596 -44.65 0.75 -0.74
C HIS A 596 -43.19 0.48 -1.06
N PHE A 597 -42.35 0.51 -0.03
CA PHE A 597 -40.92 0.31 -0.24
C PHE A 597 -40.25 -0.17 1.03
N SER A 598 -39.24 -1.03 0.85
CA SER A 598 -38.47 -1.54 1.98
C SER A 598 -37.04 -1.78 1.50
N TYR A 599 -36.17 -0.78 1.65
CA TYR A 599 -34.76 -1.09 1.45
C TYR A 599 -34.18 -1.80 2.66
N ALA A 600 -34.59 -1.41 3.85
CA ALA A 600 -34.35 -2.22 5.03
C ALA A 600 -35.38 -3.34 5.09
N ASP A 601 -34.93 -4.53 5.45
CA ASP A 601 -35.81 -5.71 5.42
C ASP A 601 -36.86 -5.61 6.52
N GLY A 602 -38.10 -5.97 6.17
CA GLY A 602 -39.18 -5.95 7.12
C GLY A 602 -39.81 -4.58 7.32
N ARG A 603 -39.02 -3.63 7.83
CA ARG A 603 -39.53 -2.29 8.15
C ARG A 603 -39.80 -1.54 6.85
N GLU A 604 -41.07 -1.52 6.44
CA GLU A 604 -41.43 -0.80 5.22
C GLU A 604 -41.47 0.70 5.49
N THR A 605 -40.89 1.47 4.57
CA THR A 605 -40.73 2.91 4.74
C THR A 605 -41.57 3.71 3.75
N LEU A 606 -42.69 3.14 3.29
CA LEU A 606 -43.55 3.82 2.33
C LEU A 606 -44.93 3.23 2.41
N GLN A 607 -45.93 4.05 2.73
CA GLN A 607 -47.31 3.59 2.85
C GLN A 607 -48.17 4.30 1.83
N ASP A 608 -48.15 3.79 0.60
CA ASP A 608 -49.13 4.10 -0.46
C ASP A 608 -49.25 5.60 -0.74
N VAL A 609 -48.11 6.28 -0.80
CA VAL A 609 -48.11 7.70 -1.09
C VAL A 609 -48.51 7.92 -2.55
N SER A 610 -49.32 8.94 -2.78
CA SER A 610 -49.84 9.20 -4.13
C SER A 610 -50.13 10.68 -4.28
N PHE A 611 -49.57 11.28 -5.33
CA PHE A 611 -49.86 12.66 -5.69
C PHE A 611 -49.52 12.83 -7.17
N THR A 612 -49.80 14.01 -7.70
CA THR A 612 -49.47 14.31 -9.08
C THR A 612 -49.22 15.80 -9.23
N VAL A 613 -48.47 16.16 -10.27
CA VAL A 613 -48.16 17.55 -10.57
C VAL A 613 -48.40 17.81 -12.05
N MET A 614 -48.49 19.09 -12.38
CA MET A 614 -48.60 19.61 -13.74
C MET A 614 -47.23 20.07 -14.22
N PRO A 615 -47.06 20.32 -15.52
CA PRO A 615 -45.81 20.92 -15.99
C PRO A 615 -45.59 22.31 -15.40
N GLY A 616 -44.33 22.58 -15.04
CA GLY A 616 -43.97 23.82 -14.40
C GLY A 616 -44.22 23.88 -12.91
N GLN A 617 -44.81 22.85 -12.33
CA GLN A 617 -45.14 22.87 -10.91
C GLN A 617 -43.89 22.67 -10.07
N THR A 618 -43.84 23.36 -8.94
CA THR A 618 -42.75 23.23 -7.99
C THR A 618 -43.28 22.55 -6.74
N LEU A 619 -42.66 21.45 -6.36
CA LEU A 619 -43.06 20.68 -5.19
C LEU A 619 -41.95 20.75 -4.15
N ALA A 620 -42.34 20.68 -2.88
CA ALA A 620 -41.39 20.62 -1.78
C ALA A 620 -41.78 19.49 -0.86
N LEU A 621 -40.79 18.99 -0.12
CA LEU A 621 -41.01 17.87 0.79
C LEU A 621 -40.24 18.13 2.07
N VAL A 622 -40.98 18.48 3.14
CA VAL A 622 -40.40 18.78 4.44
C VAL A 622 -41.33 18.18 5.48
N GLY A 623 -40.75 17.57 6.52
CA GLY A 623 -41.51 17.08 7.62
C GLY A 623 -40.62 16.70 8.78
N PRO A 624 -41.06 15.76 9.61
CA PRO A 624 -40.17 15.22 10.64
C PRO A 624 -39.03 14.46 10.02
N SER A 625 -37.90 14.44 10.73
CA SER A 625 -36.64 13.97 10.17
C SER A 625 -36.69 12.50 9.83
N GLY A 626 -36.26 12.17 8.63
CA GLY A 626 -36.26 10.81 8.16
C GLY A 626 -35.72 10.76 6.75
N ALA A 627 -35.22 9.58 6.39
CA ALA A 627 -34.61 9.38 5.09
C ALA A 627 -35.64 9.06 4.01
N GLY A 628 -36.93 9.16 4.33
CA GLY A 628 -37.97 8.76 3.39
C GLY A 628 -37.99 9.62 2.14
N LYS A 629 -37.79 10.92 2.28
CA LYS A 629 -37.76 11.81 1.12
C LYS A 629 -36.56 11.53 0.23
N SER A 630 -35.40 11.27 0.86
CA SER A 630 -34.21 10.90 0.09
C SER A 630 -34.43 9.60 -0.66
N THR A 631 -35.08 8.63 -0.01
CA THR A 631 -35.41 7.41 -0.72
C THR A 631 -36.42 7.65 -1.83
N ILE A 632 -37.32 8.63 -1.66
CA ILE A 632 -38.28 8.96 -2.72
C ILE A 632 -37.55 9.44 -3.96
N LEU A 633 -36.56 10.31 -3.78
CA LEU A 633 -35.73 10.74 -4.90
C LEU A 633 -34.97 9.58 -5.52
N ARG A 634 -34.39 8.72 -4.68
CA ARG A 634 -33.57 7.64 -5.21
C ARG A 634 -34.40 6.59 -5.94
N LEU A 635 -35.64 6.35 -5.49
CA LEU A 635 -36.49 5.42 -6.22
C LEU A 635 -37.05 6.07 -7.48
N LEU A 636 -37.23 7.39 -7.45
CA LEU A 636 -37.57 8.11 -8.67
C LEU A 636 -36.45 8.02 -9.70
N PHE A 637 -35.22 7.80 -9.26
CA PHE A 637 -34.09 7.81 -10.16
C PHE A 637 -33.80 6.42 -10.71
N ARG A 638 -34.65 5.44 -10.40
CA ARG A 638 -34.41 4.00 -10.64
C ARG A 638 -33.07 3.53 -10.07
N PHE A 639 -32.84 3.86 -8.80
CA PHE A 639 -31.81 3.14 -8.06
C PHE A 639 -32.36 1.81 -7.54
N TYR A 640 -33.35 1.86 -6.68
CA TYR A 640 -34.00 0.67 -6.18
C TYR A 640 -35.31 0.46 -6.93
N ASP A 641 -36.09 -0.52 -6.47
CA ASP A 641 -37.33 -0.87 -7.12
C ASP A 641 -38.52 -0.56 -6.24
N ILE A 642 -39.64 -0.29 -6.91
CA ILE A 642 -40.94 -0.30 -6.25
C ILE A 642 -41.23 -1.69 -5.70
N SER A 643 -41.95 -1.74 -4.59
CA SER A 643 -42.36 -3.02 -4.02
C SER A 643 -43.75 -3.40 -4.49
N SER A 644 -44.75 -2.57 -4.20
CA SER A 644 -46.13 -2.86 -4.55
C SER A 644 -46.78 -1.56 -5.02
N GLY A 645 -47.12 -1.50 -6.31
CA GLY A 645 -47.66 -0.29 -6.90
C GLY A 645 -46.95 0.03 -8.20
N CYS A 646 -46.99 1.29 -8.63
CA CYS A 646 -46.23 1.75 -9.77
C CYS A 646 -46.15 3.27 -9.75
N ILE A 647 -45.05 3.80 -10.28
CA ILE A 647 -44.87 5.24 -10.50
C ILE A 647 -44.60 5.46 -11.97
N ARG A 648 -45.35 6.40 -12.56
CA ARG A 648 -45.22 6.75 -13.96
C ARG A 648 -44.91 8.24 -14.08
N ILE A 649 -44.29 8.61 -15.18
CA ILE A 649 -44.05 10.02 -15.52
C ILE A 649 -44.73 10.28 -16.85
N ASP A 650 -45.58 11.30 -16.90
CA ASP A 650 -46.42 11.64 -18.06
C ASP A 650 -47.27 10.45 -18.50
N GLY A 651 -47.73 9.65 -17.55
CA GLY A 651 -48.48 8.46 -17.89
C GLY A 651 -47.66 7.36 -18.53
N GLN A 652 -46.34 7.46 -18.49
CA GLN A 652 -45.46 6.44 -19.07
C GLN A 652 -44.84 5.65 -17.93
N ASP A 653 -45.02 4.34 -17.97
CA ASP A 653 -44.46 3.46 -16.95
C ASP A 653 -42.95 3.47 -17.01
N ILE A 654 -42.31 3.62 -15.84
CA ILE A 654 -40.87 3.71 -15.77
C ILE A 654 -40.21 2.34 -15.65
N SER A 655 -40.99 1.26 -15.62
CA SER A 655 -40.41 -0.06 -15.43
C SER A 655 -39.64 -0.51 -16.66
N GLN A 656 -40.23 -0.37 -17.85
CA GLN A 656 -39.63 -0.88 -19.08
C GLN A 656 -38.76 0.13 -19.79
N VAL A 657 -38.59 1.33 -19.23
CA VAL A 657 -37.76 2.33 -19.86
C VAL A 657 -36.30 1.97 -19.67
N THR A 658 -35.50 2.16 -20.72
CA THR A 658 -34.07 2.02 -20.59
C THR A 658 -33.51 3.12 -19.68
N GLN A 659 -32.57 2.72 -18.83
CA GLN A 659 -32.03 3.62 -17.83
C GLN A 659 -31.23 4.74 -18.46
N ALA A 660 -30.63 4.50 -19.62
CA ALA A 660 -29.98 5.57 -20.35
C ALA A 660 -30.99 6.64 -20.77
N SER A 661 -32.17 6.22 -21.23
CA SER A 661 -33.22 7.16 -21.57
C SER A 661 -33.68 7.93 -20.34
N LEU A 662 -33.83 7.24 -19.21
CA LEU A 662 -34.28 7.91 -18.00
C LEU A 662 -33.25 8.95 -17.54
N ARG A 663 -32.00 8.53 -17.37
CA ARG A 663 -30.97 9.45 -16.90
C ARG A 663 -30.61 10.51 -17.92
N SER A 664 -30.99 10.34 -19.19
CA SER A 664 -30.94 11.45 -20.12
C SER A 664 -32.01 12.48 -19.79
N HIS A 665 -33.25 12.04 -19.54
CA HIS A 665 -34.33 12.98 -19.35
C HIS A 665 -34.25 13.71 -18.01
N ILE A 666 -33.67 13.06 -17.00
CA ILE A 666 -33.67 13.57 -15.65
C ILE A 666 -32.29 14.15 -15.35
N GLY A 667 -32.24 15.04 -14.37
CA GLY A 667 -30.97 15.55 -13.87
C GLY A 667 -31.16 16.00 -12.44
N VAL A 668 -30.09 15.96 -11.67
CA VAL A 668 -30.22 16.18 -10.24
C VAL A 668 -28.93 16.76 -9.67
N VAL A 669 -29.09 17.83 -8.90
CA VAL A 669 -28.07 18.34 -8.00
C VAL A 669 -28.19 17.61 -6.68
N PRO A 670 -27.11 17.04 -6.17
CA PRO A 670 -27.22 16.15 -5.01
C PRO A 670 -27.04 16.84 -3.67
N GLN A 671 -27.04 16.01 -2.62
CA GLN A 671 -26.73 16.36 -1.24
C GLN A 671 -25.46 17.20 -1.14
N ASP A 672 -24.34 16.58 -1.48
CA ASP A 672 -23.05 17.25 -1.50
C ASP A 672 -22.22 16.60 -2.60
N THR A 673 -21.84 17.39 -3.60
CA THR A 673 -21.09 16.85 -4.70
C THR A 673 -19.68 16.49 -4.27
N VAL A 674 -19.08 15.56 -4.99
CA VAL A 674 -17.68 15.21 -4.84
C VAL A 674 -17.02 15.46 -6.18
N LEU A 675 -15.90 16.18 -6.16
CA LEU A 675 -15.21 16.55 -7.38
C LEU A 675 -13.85 15.84 -7.38
N PHE A 676 -13.63 14.99 -8.37
CA PHE A 676 -12.45 14.16 -8.40
C PHE A 676 -11.30 14.87 -9.13
N ASN A 677 -10.11 14.28 -9.00
CA ASN A 677 -8.84 14.96 -9.24
C ASN A 677 -8.65 15.26 -10.72
N ASP A 678 -8.92 16.51 -11.09
CA ASP A 678 -8.85 16.95 -12.47
C ASP A 678 -8.82 18.48 -12.43
N THR A 679 -8.83 19.11 -13.60
CA THR A 679 -8.97 20.55 -13.69
C THR A 679 -10.45 20.93 -13.57
N ILE A 680 -10.70 22.23 -13.45
CA ILE A 680 -12.07 22.74 -13.55
C ILE A 680 -12.68 22.43 -14.91
N ALA A 681 -11.89 22.62 -15.99
CA ALA A 681 -12.45 22.67 -17.34
C ALA A 681 -13.17 21.39 -17.72
N ASP A 682 -12.50 20.25 -17.58
CA ASP A 682 -13.17 19.00 -17.93
C ASP A 682 -14.18 18.59 -16.86
N ASN A 683 -13.97 19.00 -15.60
CA ASN A 683 -14.88 18.58 -14.54
C ASN A 683 -16.23 19.27 -14.65
N ILE A 684 -16.26 20.48 -15.20
CA ILE A 684 -17.54 21.09 -15.50
C ILE A 684 -17.94 20.82 -16.95
N ARG A 685 -17.03 20.28 -17.76
CA ARG A 685 -17.43 19.63 -19.01
C ARG A 685 -18.05 18.26 -18.79
N TYR A 686 -18.03 17.78 -17.54
CA TYR A 686 -18.32 16.38 -17.26
C TYR A 686 -19.79 16.03 -17.51
N GLY A 687 -20.65 17.03 -17.68
CA GLY A 687 -22.07 16.80 -17.84
C GLY A 687 -22.43 16.03 -19.09
N ARG A 688 -21.55 16.04 -20.08
CA ARG A 688 -21.73 15.21 -21.28
C ARG A 688 -20.38 15.04 -21.95
N VAL A 689 -20.29 14.02 -22.81
CA VAL A 689 -19.04 13.75 -23.50
C VAL A 689 -18.76 14.83 -24.54
N THR A 690 -19.79 15.35 -25.20
CA THR A 690 -19.64 16.29 -26.31
C THR A 690 -19.58 17.74 -25.86
N ALA A 691 -19.20 17.97 -24.61
CA ALA A 691 -19.13 19.34 -24.10
C ALA A 691 -18.05 20.12 -24.83
N GLY A 692 -18.43 21.30 -25.32
CA GLY A 692 -17.52 22.14 -26.06
C GLY A 692 -16.93 23.25 -25.20
N ASN A 693 -15.85 23.83 -25.70
CA ASN A 693 -15.15 24.87 -24.96
C ASN A 693 -15.98 26.16 -24.85
N ASP A 694 -16.55 26.62 -25.97
CA ASP A 694 -17.39 27.82 -25.92
C ASP A 694 -18.63 27.58 -25.09
N GLU A 695 -19.20 26.37 -25.16
CA GLU A 695 -20.34 26.02 -24.30
C GLU A 695 -19.96 26.03 -22.83
N VAL A 696 -18.76 25.56 -22.49
CA VAL A 696 -18.46 25.38 -21.08
C VAL A 696 -18.07 26.71 -20.43
N GLU A 697 -17.34 27.56 -21.16
CA GLU A 697 -17.18 28.93 -20.66
C GLU A 697 -18.50 29.70 -20.66
N ALA A 698 -19.40 29.38 -21.60
CA ALA A 698 -20.73 30.00 -21.59
C ALA A 698 -21.51 29.59 -20.35
N ALA A 699 -21.45 28.32 -19.96
CA ALA A 699 -22.13 27.87 -18.75
C ALA A 699 -21.49 28.43 -17.50
N ALA A 700 -20.17 28.60 -17.49
CA ALA A 700 -19.52 29.24 -16.36
C ALA A 700 -19.97 30.68 -16.21
N GLN A 701 -20.09 31.42 -17.32
CA GLN A 701 -20.68 32.76 -17.28
C GLN A 701 -22.13 32.72 -16.85
N ALA A 702 -22.85 31.66 -17.23
CA ALA A 702 -24.26 31.54 -16.87
C ALA A 702 -24.44 31.37 -15.36
N ALA A 703 -23.58 30.57 -14.73
CA ALA A 703 -23.71 30.31 -13.29
C ALA A 703 -22.69 31.06 -12.46
N GLY A 704 -21.89 31.93 -13.06
CA GLY A 704 -21.08 32.88 -12.33
C GLY A 704 -19.99 32.33 -11.45
N ILE A 705 -19.19 31.38 -11.96
CA ILE A 705 -18.03 30.89 -11.22
C ILE A 705 -16.79 31.65 -11.67
N HIS A 706 -16.91 32.42 -12.76
CA HIS A 706 -15.78 32.98 -13.50
C HIS A 706 -14.92 33.89 -12.65
N ASP A 707 -15.53 34.57 -11.67
CA ASP A 707 -14.77 35.43 -10.78
C ASP A 707 -13.79 34.62 -9.93
N ALA A 708 -14.27 33.52 -9.33
CA ALA A 708 -13.37 32.64 -8.59
C ALA A 708 -12.41 31.92 -9.52
N ILE A 709 -12.83 31.65 -10.77
CA ILE A 709 -11.96 30.96 -11.72
C ILE A 709 -10.76 31.81 -12.07
N MET A 710 -10.98 33.09 -12.39
CA MET A 710 -9.87 34.04 -12.50
C MET A 710 -9.17 34.29 -11.17
N ALA A 711 -9.83 34.10 -10.04
CA ALA A 711 -9.16 34.19 -8.74
C ALA A 711 -8.20 33.02 -8.51
N PHE A 712 -8.36 31.92 -9.24
CA PHE A 712 -7.38 30.85 -9.23
C PHE A 712 -6.09 31.30 -9.92
N PRO A 713 -4.94 30.63 -9.64
CA PRO A 713 -3.67 31.04 -10.24
C PRO A 713 -3.63 31.06 -11.77
N GLU A 714 -3.85 29.92 -12.42
CA GLU A 714 -3.80 29.89 -13.88
C GLU A 714 -5.18 29.97 -14.51
N GLY A 715 -6.23 29.91 -13.71
CA GLY A 715 -7.59 30.04 -14.24
C GLY A 715 -8.23 28.67 -14.48
N TYR A 716 -8.47 28.34 -15.75
CA TYR A 716 -9.22 27.13 -16.06
C TYR A 716 -8.38 25.87 -15.87
N ARG A 717 -7.08 25.96 -16.08
CA ARG A 717 -6.24 24.78 -15.96
C ARG A 717 -5.78 24.50 -14.54
N THR A 718 -6.47 25.06 -13.55
CA THR A 718 -6.10 24.84 -12.16
C THR A 718 -6.36 23.39 -11.77
N GLN A 719 -5.35 22.74 -11.19
CA GLN A 719 -5.52 21.36 -10.74
C GLN A 719 -6.33 21.36 -9.45
N VAL A 720 -7.37 20.52 -9.42
CA VAL A 720 -8.40 20.58 -8.38
C VAL A 720 -8.59 19.18 -7.82
N GLY A 721 -8.79 19.09 -6.50
CA GLY A 721 -9.18 17.85 -5.87
C GLY A 721 -8.44 17.68 -4.57
N GLU A 722 -8.36 16.42 -4.13
CA GLU A 722 -7.50 16.09 -3.00
C GLU A 722 -6.05 16.37 -3.35
N ARG A 723 -5.65 16.03 -4.57
CA ARG A 723 -4.35 16.47 -5.06
C ARG A 723 -4.34 17.97 -5.30
N GLY A 724 -5.45 18.54 -5.77
CA GLY A 724 -5.54 19.93 -6.12
C GLY A 724 -5.96 20.81 -4.97
N LEU A 725 -6.60 21.93 -5.30
CA LEU A 725 -7.02 22.91 -4.30
C LEU A 725 -8.31 22.50 -3.61
N LYS A 726 -8.40 22.80 -2.33
CA LYS A 726 -9.67 22.71 -1.62
C LYS A 726 -10.58 23.85 -2.05
N LEU A 727 -11.87 23.57 -2.12
CA LEU A 727 -12.87 24.56 -2.48
C LEU A 727 -13.95 24.63 -1.41
N SER A 728 -14.93 25.49 -1.64
CA SER A 728 -16.05 25.68 -0.73
C SER A 728 -17.24 24.84 -1.18
N GLY A 729 -18.14 24.60 -0.22
CA GLY A 729 -19.37 23.89 -0.55
C GLY A 729 -20.25 24.67 -1.50
N GLY A 730 -20.28 25.99 -1.35
CA GLY A 730 -20.98 26.83 -2.31
C GLY A 730 -20.36 26.75 -3.70
N GLU A 731 -19.03 26.66 -3.76
CA GLU A 731 -18.37 26.43 -5.03
C GLU A 731 -18.73 25.08 -5.62
N LYS A 732 -18.87 24.06 -4.78
CA LYS A 732 -19.29 22.74 -5.25
C LYS A 732 -20.70 22.78 -5.82
N GLN A 733 -21.61 23.50 -5.15
CA GLN A 733 -22.96 23.65 -5.69
C GLN A 733 -22.96 24.47 -6.96
N ARG A 734 -22.05 25.44 -7.08
CA ARG A 734 -21.89 26.17 -8.34
C ARG A 734 -21.45 25.25 -9.47
N VAL A 735 -20.50 24.35 -9.18
CA VAL A 735 -20.07 23.35 -10.15
C VAL A 735 -21.25 22.47 -10.56
N ALA A 736 -22.05 22.07 -9.57
CA ALA A 736 -23.19 21.21 -9.83
C ALA A 736 -24.23 21.90 -10.70
N ILE A 737 -24.54 23.17 -10.41
CA ILE A 737 -25.54 23.86 -11.22
C ILE A 737 -24.98 24.11 -12.62
N ALA A 738 -23.66 24.29 -12.74
CA ALA A 738 -23.07 24.45 -14.07
C ALA A 738 -23.21 23.19 -14.90
N ARG A 739 -22.88 22.03 -14.32
CA ARG A 739 -22.93 20.80 -15.11
C ARG A 739 -24.37 20.37 -15.39
N THR A 740 -25.30 20.65 -14.47
CA THR A 740 -26.68 20.33 -14.84
C THR A 740 -27.26 21.34 -15.83
N ILE A 741 -26.75 22.58 -15.86
CA ILE A 741 -27.11 23.49 -16.94
C ILE A 741 -26.63 22.93 -18.25
N LEU A 742 -25.42 22.40 -18.26
CA LEU A 742 -24.87 21.82 -19.49
C LEU A 742 -25.67 20.60 -19.91
N LYS A 743 -26.15 19.82 -18.95
CA LYS A 743 -27.00 18.68 -19.28
C LYS A 743 -28.35 19.13 -19.83
N ALA A 744 -28.92 20.21 -19.27
CA ALA A 744 -30.25 20.73 -19.55
C ALA A 744 -31.31 19.64 -19.42
N PRO A 745 -31.63 19.21 -18.21
CA PRO A 745 -32.55 18.09 -18.04
C PRO A 745 -34.00 18.52 -18.20
N GLY A 746 -34.91 17.56 -18.16
CA GLY A 746 -36.32 17.88 -18.13
C GLY A 746 -36.76 18.34 -16.75
N ILE A 747 -36.60 17.46 -15.77
CA ILE A 747 -37.01 17.71 -14.39
C ILE A 747 -35.75 17.90 -13.57
N ILE A 748 -35.70 18.97 -12.80
CA ILE A 748 -34.58 19.21 -11.92
C ILE A 748 -34.93 18.78 -10.51
N LEU A 749 -34.17 17.84 -10.00
CA LEU A 749 -34.30 17.38 -8.63
C LEU A 749 -33.20 18.03 -7.82
N LEU A 750 -33.50 18.34 -6.57
CA LEU A 750 -32.52 18.96 -5.69
C LEU A 750 -32.56 18.24 -4.37
N ASP A 751 -31.42 18.19 -3.70
CA ASP A 751 -31.32 17.60 -2.37
C ASP A 751 -30.35 18.47 -1.58
N GLU A 752 -30.88 19.23 -0.64
CA GLU A 752 -30.11 20.29 0.03
C GLU A 752 -29.44 19.77 1.29
N ALA A 753 -28.22 20.26 1.53
CA ALA A 753 -27.44 19.92 2.71
C ALA A 753 -27.53 21.03 3.75
N THR A 754 -26.86 20.81 4.88
CA THR A 754 -26.80 21.74 5.99
C THR A 754 -25.53 22.60 5.96
N SER A 755 -24.99 22.84 4.76
CA SER A 755 -23.75 23.61 4.63
C SER A 755 -23.96 25.05 5.06
N ALA A 756 -23.00 25.58 5.81
CA ALA A 756 -23.10 26.91 6.37
C ALA A 756 -22.79 27.95 5.29
N LEU A 757 -23.76 28.82 5.02
CA LEU A 757 -23.59 29.89 4.04
C LEU A 757 -24.50 31.04 4.44
N ASP A 758 -24.09 32.26 4.09
CA ASP A 758 -24.93 33.41 4.34
C ASP A 758 -26.16 33.37 3.45
N THR A 759 -27.25 33.95 3.97
CA THR A 759 -28.56 33.85 3.34
C THR A 759 -28.61 34.58 2.01
N SER A 760 -27.87 35.69 1.86
CA SER A 760 -27.91 36.44 0.62
C SER A 760 -27.29 35.66 -0.54
N ASN A 761 -26.11 35.08 -0.33
CA ASN A 761 -25.53 34.23 -1.36
C ASN A 761 -26.34 32.95 -1.54
N GLU A 762 -26.93 32.44 -0.45
CA GLU A 762 -27.80 31.27 -0.57
C GLU A 762 -28.99 31.55 -1.48
N ARG A 763 -29.59 32.72 -1.35
CA ARG A 763 -30.73 33.07 -2.20
C ARG A 763 -30.32 33.51 -3.59
N ALA A 764 -29.09 33.99 -3.78
CA ALA A 764 -28.59 34.16 -5.14
C ALA A 764 -28.44 32.81 -5.83
N ILE A 765 -27.90 31.81 -5.11
CA ILE A 765 -27.84 30.45 -5.61
C ILE A 765 -29.25 29.91 -5.87
N GLN A 766 -30.19 30.26 -4.98
CA GLN A 766 -31.58 29.86 -5.15
C GLN A 766 -32.21 30.52 -6.38
N ALA A 767 -31.84 31.76 -6.68
CA ALA A 767 -32.33 32.42 -7.88
C ALA A 767 -31.78 31.75 -9.13
N SER A 768 -30.51 31.33 -9.08
CA SER A 768 -29.93 30.58 -10.21
C SER A 768 -30.65 29.25 -10.39
N LEU A 769 -30.95 28.56 -9.29
CA LEU A 769 -31.70 27.32 -9.39
C LEU A 769 -33.12 27.56 -9.87
N ALA A 770 -33.72 28.68 -9.47
CA ALA A 770 -35.06 29.03 -9.92
C ALA A 770 -35.08 29.31 -11.41
N LYS A 771 -34.04 29.97 -11.93
CA LYS A 771 -34.01 30.24 -13.36
C LYS A 771 -33.62 29.03 -14.18
N VAL A 772 -32.86 28.09 -13.62
CA VAL A 772 -32.61 26.87 -14.40
C VAL A 772 -33.83 25.95 -14.35
N CYS A 773 -34.61 26.00 -13.28
CA CYS A 773 -35.85 25.24 -13.22
C CYS A 773 -37.04 26.02 -13.73
N ALA A 774 -36.81 27.22 -14.27
CA ALA A 774 -37.89 28.00 -14.86
C ALA A 774 -38.47 27.24 -16.04
N ASN A 775 -39.80 27.11 -16.04
CA ASN A 775 -40.55 26.25 -16.95
C ASN A 775 -40.14 24.78 -16.85
N ARG A 776 -39.57 24.37 -15.71
CA ARG A 776 -39.23 22.98 -15.46
C ARG A 776 -39.82 22.54 -14.13
N THR A 777 -40.40 21.33 -14.12
CA THR A 777 -40.98 20.79 -12.91
C THR A 777 -39.89 20.48 -11.88
N THR A 778 -40.19 20.69 -10.61
CA THR A 778 -39.16 20.66 -9.59
C THR A 778 -39.67 20.00 -8.33
N ILE A 779 -38.84 19.12 -7.77
CA ILE A 779 -39.09 18.47 -6.49
C ILE A 779 -37.88 18.75 -5.61
N VAL A 780 -38.13 19.25 -4.41
CA VAL A 780 -37.05 19.72 -3.55
C VAL A 780 -37.29 19.24 -2.13
N VAL A 781 -36.21 19.05 -1.39
CA VAL A 781 -36.24 18.97 0.07
C VAL A 781 -35.63 20.26 0.60
N ALA A 782 -36.21 20.79 1.67
CA ALA A 782 -35.90 22.13 2.14
C ALA A 782 -35.68 22.13 3.64
N HIS A 783 -34.98 23.17 4.12
CA HIS A 783 -34.76 23.35 5.55
C HIS A 783 -34.96 24.78 6.02
N ARG A 784 -35.24 25.74 5.13
CA ARG A 784 -35.34 27.14 5.48
C ARG A 784 -36.74 27.65 5.19
N LEU A 785 -37.06 28.81 5.79
CA LEU A 785 -38.40 29.37 5.67
C LEU A 785 -38.73 29.79 4.24
N SER A 786 -37.82 30.48 3.57
CA SER A 786 -38.06 30.87 2.18
C SER A 786 -38.13 29.66 1.27
N THR A 787 -37.25 28.69 1.50
CA THR A 787 -37.25 27.42 0.78
C THR A 787 -38.48 26.58 1.09
N VAL A 788 -39.23 26.91 2.14
CA VAL A 788 -40.53 26.29 2.36
C VAL A 788 -41.64 27.08 1.67
N VAL A 789 -41.66 28.40 1.87
CA VAL A 789 -42.77 29.22 1.38
C VAL A 789 -42.77 29.42 -0.12
N ASN A 790 -41.69 29.06 -0.82
CA ASN A 790 -41.74 29.11 -2.27
C ASN A 790 -42.56 27.99 -2.89
N ALA A 791 -42.98 27.01 -2.09
CA ALA A 791 -43.58 25.79 -2.62
C ALA A 791 -44.94 26.06 -3.25
N ASP A 792 -45.13 25.52 -4.45
CA ASP A 792 -46.42 25.52 -5.11
C ASP A 792 -47.29 24.34 -4.69
N GLN A 793 -46.68 23.32 -4.08
CA GLN A 793 -47.42 22.19 -3.53
C GLN A 793 -46.54 21.56 -2.45
N ILE A 794 -46.81 21.89 -1.20
CA ILE A 794 -46.02 21.34 -0.10
C ILE A 794 -46.50 19.93 0.21
N LEU A 795 -45.67 19.18 0.93
CA LEU A 795 -46.03 17.85 1.39
C LEU A 795 -45.23 17.50 2.63
N VAL A 796 -45.91 16.95 3.63
CA VAL A 796 -45.31 16.54 4.89
C VAL A 796 -45.54 15.05 5.06
N ILE A 797 -44.45 14.32 5.32
CA ILE A 797 -44.54 12.88 5.54
C ILE A 797 -43.69 12.52 6.74
N LYS A 798 -44.02 11.36 7.33
CA LYS A 798 -43.22 10.78 8.39
C LYS A 798 -43.42 9.28 8.35
N ASP A 799 -42.31 8.54 8.27
CA ASP A 799 -42.29 7.08 8.23
C ASP A 799 -43.13 6.54 7.07
N GLY A 800 -43.06 7.21 5.93
CA GLY A 800 -43.65 6.71 4.71
C GLY A 800 -45.13 6.95 4.54
N CYS A 801 -45.76 7.81 5.34
CA CYS A 801 -47.17 8.11 5.18
C CYS A 801 -47.40 9.60 5.03
N ILE A 802 -48.38 9.95 4.20
CA ILE A 802 -48.75 11.34 3.97
C ILE A 802 -49.65 11.81 5.10
N VAL A 803 -49.30 12.95 5.70
CA VAL A 803 -50.05 13.47 6.84
C VAL A 803 -50.58 14.89 6.61
N GLU A 804 -49.73 15.81 6.15
CA GLU A 804 -50.17 17.16 5.81
C GLU A 804 -49.86 17.47 4.36
N ARG A 805 -50.68 18.36 3.78
CA ARG A 805 -50.51 18.80 2.41
C ARG A 805 -51.21 20.14 2.23
N GLY A 806 -50.97 20.76 1.08
CA GLY A 806 -51.56 22.04 0.77
C GLY A 806 -50.54 23.08 0.36
N ARG A 807 -50.52 24.22 1.07
CA ARG A 807 -49.49 25.24 0.85
C ARG A 807 -48.96 25.74 2.18
N HIS A 808 -48.15 26.80 2.14
CA HIS A 808 -47.53 27.31 3.36
C HIS A 808 -48.55 28.03 4.24
N GLU A 809 -49.41 28.85 3.65
CA GLU A 809 -50.37 29.61 4.42
C GLU A 809 -51.48 28.73 4.97
N ALA A 810 -51.91 27.73 4.19
CA ALA A 810 -53.04 26.89 4.58
C ALA A 810 -52.69 26.02 5.78
N LEU A 811 -51.45 25.52 5.83
CA LEU A 811 -51.07 24.64 6.93
C LEU A 811 -50.81 25.40 8.23
N LEU A 812 -50.40 26.67 8.14
CA LEU A 812 -50.35 27.50 9.35
C LEU A 812 -51.74 27.73 9.93
N SER A 813 -52.72 28.00 9.06
CA SER A 813 -54.10 28.13 9.52
C SER A 813 -54.64 26.79 10.01
N ARG A 814 -54.21 25.69 9.39
CA ARG A 814 -54.56 24.37 9.90
C ARG A 814 -53.85 24.09 11.23
N GLY A 815 -52.63 24.56 11.37
CA GLY A 815 -51.89 24.43 12.63
C GLY A 815 -51.53 23.02 13.03
N GLY A 816 -51.05 22.22 12.08
CA GLY A 816 -50.61 20.87 12.41
C GLY A 816 -49.19 20.86 12.96
N VAL A 817 -48.41 19.83 12.59
CA VAL A 817 -47.02 19.79 12.98
C VAL A 817 -46.22 20.83 12.20
N TYR A 818 -46.78 21.31 11.08
CA TYR A 818 -46.16 22.38 10.30
C TYR A 818 -46.00 23.65 11.11
N ALA A 819 -47.04 24.04 11.85
CA ALA A 819 -46.97 25.25 12.66
C ALA A 819 -45.96 25.10 13.80
N ASP A 820 -45.91 23.91 14.40
CA ASP A 820 -44.94 23.67 15.46
C ASP A 820 -43.52 23.63 14.92
N MET A 821 -43.32 23.01 13.76
CA MET A 821 -42.00 22.96 13.15
C MET A 821 -41.55 24.35 12.69
N TRP A 822 -42.50 25.19 12.27
CA TRP A 822 -42.15 26.51 11.78
C TRP A 822 -41.63 27.41 12.89
N GLN A 823 -42.14 27.25 14.12
CA GLN A 823 -41.61 28.02 15.24
C GLN A 823 -40.21 27.55 15.63
N LEU A 824 -39.91 26.27 15.48
CA LEU A 824 -38.58 25.77 15.79
C LEU A 824 -37.57 26.06 14.67
N GLN A 825 -38.04 26.46 13.48
CA GLN A 825 -37.12 26.88 12.44
C GLN A 825 -36.66 28.32 12.62
N GLN A 826 -37.22 29.05 13.57
CA GLN A 826 -36.83 30.43 13.82
C GLN A 826 -35.45 30.49 14.47
N GLN B 236 41.77 10.18 -6.39
CA GLN B 236 41.45 10.73 -5.08
C GLN B 236 40.56 11.96 -5.21
N SER B 237 39.29 11.74 -5.52
CA SER B 237 38.30 12.80 -5.64
C SER B 237 37.12 12.63 -4.70
N THR B 238 36.55 11.42 -4.63
CA THR B 238 35.41 11.13 -3.77
C THR B 238 35.80 10.20 -2.63
N TRP B 239 36.96 10.46 -2.01
CA TRP B 239 37.46 9.60 -0.94
C TRP B 239 37.00 10.07 0.44
N ARG B 240 37.26 11.34 0.78
CA ARG B 240 37.02 11.81 2.13
C ARG B 240 35.54 12.01 2.44
N ASP B 241 34.70 12.15 1.42
CA ASP B 241 33.28 12.37 1.66
C ASP B 241 32.60 11.11 2.18
N PHE B 242 32.89 9.96 1.58
CA PHE B 242 32.29 8.70 1.97
C PHE B 242 32.84 8.14 3.27
N GLY B 243 33.95 8.68 3.76
CA GLY B 243 34.68 8.04 4.85
C GLY B 243 33.91 8.03 6.17
N ARG B 244 33.33 9.17 6.55
CA ARG B 244 32.63 9.23 7.83
C ARG B 244 31.29 8.50 7.77
N LYS B 245 30.63 8.49 6.61
CA LYS B 245 29.41 7.72 6.45
C LYS B 245 29.67 6.22 6.54
N LEU B 246 30.74 5.76 5.88
CA LEU B 246 31.11 4.36 5.97
C LEU B 246 31.61 4.00 7.36
N ARG B 247 32.25 4.94 8.06
CA ARG B 247 32.63 4.71 9.46
C ARG B 247 31.40 4.59 10.35
N LEU B 248 30.36 5.39 10.08
CA LEU B 248 29.13 5.28 10.85
C LEU B 248 28.43 3.94 10.58
N LEU B 249 28.45 3.48 9.33
CA LEU B 249 27.87 2.16 9.04
C LEU B 249 28.73 1.04 9.66
N SER B 250 30.04 1.27 9.73
CA SER B 250 30.94 0.34 10.42
C SER B 250 30.60 0.27 11.90
N GLY B 251 30.24 1.41 12.50
CA GLY B 251 29.67 1.38 13.83
C GLY B 251 28.33 0.69 13.88
N TYR B 252 27.56 0.76 12.79
CA TYR B 252 26.21 0.20 12.77
C TYR B 252 26.21 -1.32 12.88
N LEU B 253 27.03 -2.01 12.05
CA LEU B 253 26.87 -3.48 12.03
C LEU B 253 27.36 -4.12 13.33
N TRP B 254 28.41 -3.58 13.93
CA TRP B 254 28.99 -4.17 15.12
C TRP B 254 28.15 -3.82 16.34
N PRO B 255 27.63 -4.80 17.07
CA PRO B 255 26.90 -4.50 18.31
C PRO B 255 27.85 -3.99 19.37
N ARG B 256 27.56 -2.80 19.90
CA ARG B 256 28.52 -2.13 20.77
C ARG B 256 28.58 -2.75 22.16
N GLY B 257 27.57 -3.50 22.57
CA GLY B 257 27.56 -4.00 23.93
C GLY B 257 27.24 -5.48 24.06
N SER B 258 26.76 -6.10 23.00
CA SER B 258 26.30 -7.47 23.09
C SER B 258 27.49 -8.42 23.22
N PRO B 259 27.40 -9.45 24.05
CA PRO B 259 28.53 -10.36 24.24
C PRO B 259 28.75 -11.36 23.11
N ALA B 260 27.69 -12.00 22.63
CA ALA B 260 27.84 -13.13 21.73
C ALA B 260 27.60 -12.77 20.27
N LEU B 261 26.92 -11.65 20.02
CA LEU B 261 26.59 -11.28 18.65
C LEU B 261 27.85 -10.99 17.85
N GLN B 262 28.85 -10.39 18.49
CA GLN B 262 30.12 -10.16 17.83
C GLN B 262 30.81 -11.47 17.46
N LEU B 263 30.68 -12.48 18.31
CA LEU B 263 31.20 -13.80 17.96
C LEU B 263 30.47 -14.40 16.77
N VAL B 264 29.15 -14.19 16.70
CA VAL B 264 28.38 -14.65 15.55
C VAL B 264 28.86 -13.97 14.28
N VAL B 265 29.19 -12.67 14.37
CA VAL B 265 29.68 -11.94 13.20
C VAL B 265 31.00 -12.51 12.72
N LEU B 266 31.93 -12.75 13.66
CA LEU B 266 33.22 -13.34 13.26
C LEU B 266 33.07 -14.72 12.65
N ILE B 267 32.22 -15.57 13.24
CA ILE B 267 32.10 -16.91 12.67
C ILE B 267 31.40 -16.86 11.31
N CYS B 268 30.53 -15.86 11.10
CA CYS B 268 29.88 -15.73 9.80
C CYS B 268 30.87 -15.31 8.73
N LEU B 269 31.75 -14.36 9.06
CA LEU B 269 32.77 -13.98 8.08
C LEU B 269 33.75 -15.12 7.81
N GLY B 270 34.03 -15.94 8.84
CA GLY B 270 34.86 -17.10 8.63
C GLY B 270 34.24 -18.09 7.65
N LEU B 271 32.93 -18.33 7.78
CA LEU B 271 32.28 -19.22 6.83
C LEU B 271 32.25 -18.64 5.43
N MET B 272 32.11 -17.33 5.29
CA MET B 272 32.16 -16.75 3.96
C MET B 272 33.53 -16.96 3.32
N GLY B 273 34.60 -16.81 4.11
CA GLY B 273 35.93 -17.07 3.60
C GLY B 273 36.13 -18.53 3.20
N LEU B 274 35.62 -19.45 4.01
CA LEU B 274 35.78 -20.86 3.67
C LEU B 274 35.00 -21.23 2.42
N GLU B 275 33.86 -20.59 2.20
CA GLU B 275 33.12 -20.86 0.98
C GLU B 275 33.89 -20.35 -0.24
N ARG B 276 34.55 -19.19 -0.10
CA ARG B 276 35.40 -18.72 -1.18
C ARG B 276 36.58 -19.65 -1.44
N ALA B 277 37.06 -20.34 -0.40
CA ALA B 277 38.07 -21.38 -0.62
C ALA B 277 37.50 -22.55 -1.41
N LEU B 278 36.29 -22.98 -1.07
CA LEU B 278 35.69 -24.11 -1.76
C LEU B 278 35.48 -23.84 -3.23
N ASN B 279 35.22 -22.58 -3.58
CA ASN B 279 34.98 -22.22 -4.97
C ASN B 279 36.18 -22.46 -5.87
N VAL B 280 37.37 -22.64 -5.32
CA VAL B 280 38.53 -23.02 -6.13
C VAL B 280 38.83 -24.48 -5.89
N LEU B 281 38.58 -24.95 -4.67
CA LEU B 281 39.05 -26.29 -4.35
C LEU B 281 38.17 -27.38 -4.97
N VAL B 282 36.98 -27.04 -5.46
CA VAL B 282 36.19 -28.07 -6.15
C VAL B 282 36.69 -28.42 -7.56
N PRO B 283 36.80 -27.48 -8.51
CA PRO B 283 37.13 -27.92 -9.88
C PRO B 283 38.55 -28.44 -10.02
N ILE B 284 39.45 -28.12 -9.09
CA ILE B 284 40.76 -28.76 -9.07
C ILE B 284 40.60 -30.27 -8.88
N PHE B 285 39.75 -30.65 -7.94
CA PHE B 285 39.46 -32.06 -7.76
C PHE B 285 38.77 -32.65 -8.97
N TYR B 286 37.95 -31.86 -9.67
CA TYR B 286 37.32 -32.37 -10.89
C TYR B 286 38.36 -32.72 -11.94
N ARG B 287 39.34 -31.83 -12.13
CA ARG B 287 40.43 -32.12 -13.06
C ARG B 287 41.22 -33.33 -12.62
N ASN B 288 41.40 -33.49 -11.31
CA ASN B 288 42.14 -34.63 -10.80
C ASN B 288 41.39 -35.94 -11.07
N ILE B 289 40.06 -35.92 -10.93
CA ILE B 289 39.25 -37.11 -11.22
C ILE B 289 39.39 -37.51 -12.68
N VAL B 290 39.21 -36.55 -13.59
CA VAL B 290 39.23 -36.92 -15.00
C VAL B 290 40.64 -37.32 -15.43
N ASN B 291 41.66 -36.75 -14.80
CA ASN B 291 43.03 -37.19 -15.09
C ASN B 291 43.27 -38.62 -14.64
N LEU B 292 42.82 -38.99 -13.44
CA LEU B 292 42.99 -40.38 -13.03
C LEU B 292 42.12 -41.32 -13.84
N LEU B 293 41.01 -40.85 -14.37
CA LEU B 293 40.16 -41.72 -15.15
C LEU B 293 40.72 -41.96 -16.54
N THR B 294 41.31 -40.93 -17.15
CA THR B 294 41.71 -41.05 -18.55
C THR B 294 42.90 -41.96 -18.74
N GLU B 295 43.66 -42.23 -17.71
CA GLU B 295 44.61 -43.31 -17.73
C GLU B 295 44.07 -44.44 -16.86
N LYS B 296 44.72 -45.59 -16.95
CA LYS B 296 44.21 -46.77 -16.27
C LYS B 296 44.62 -46.68 -14.80
N ALA B 297 43.64 -46.76 -13.91
CA ALA B 297 43.86 -46.49 -12.50
C ALA B 297 43.23 -47.60 -11.66
N PRO B 298 43.76 -47.85 -10.46
CA PRO B 298 43.10 -48.81 -9.57
C PRO B 298 41.77 -48.28 -9.08
N TRP B 299 40.87 -49.22 -8.79
CA TRP B 299 39.48 -48.86 -8.50
C TRP B 299 39.35 -48.10 -7.19
N ASN B 300 40.09 -48.51 -6.16
CA ASN B 300 39.83 -48.01 -4.82
C ASN B 300 40.21 -46.54 -4.66
N SER B 301 41.40 -46.16 -5.12
CA SER B 301 41.85 -44.77 -4.96
C SER B 301 40.97 -43.81 -5.74
N LEU B 302 40.59 -44.20 -6.95
CA LEU B 302 39.69 -43.39 -7.75
C LEU B 302 38.35 -43.24 -7.06
N ALA B 303 37.87 -44.30 -6.42
CA ALA B 303 36.60 -44.22 -5.70
C ALA B 303 36.71 -43.25 -4.54
N TRP B 304 37.84 -43.27 -3.83
CA TRP B 304 38.00 -42.36 -2.71
C TRP B 304 38.02 -40.90 -3.17
N THR B 305 38.73 -40.60 -4.24
CA THR B 305 38.75 -39.21 -4.67
C THR B 305 37.42 -38.78 -5.28
N VAL B 306 36.68 -39.70 -5.90
CA VAL B 306 35.35 -39.35 -6.40
C VAL B 306 34.43 -39.01 -5.24
N THR B 307 34.51 -39.79 -4.16
CA THR B 307 33.72 -39.49 -2.97
C THR B 307 34.09 -38.14 -2.40
N SER B 308 35.38 -37.81 -2.38
CA SER B 308 35.79 -36.51 -1.90
C SER B 308 35.25 -35.38 -2.77
N TYR B 309 35.23 -35.59 -4.09
CA TYR B 309 34.72 -34.56 -5.00
C TYR B 309 33.24 -34.31 -4.77
N VAL B 310 32.44 -35.39 -4.71
CA VAL B 310 31.02 -35.17 -4.57
C VAL B 310 30.70 -34.65 -3.17
N PHE B 311 31.57 -34.92 -2.20
CA PHE B 311 31.44 -34.31 -0.89
C PHE B 311 31.63 -32.80 -0.95
N LEU B 312 32.64 -32.35 -1.69
CA LEU B 312 32.81 -30.90 -1.80
C LEU B 312 31.68 -30.27 -2.60
N LYS B 313 31.14 -30.99 -3.58
CA LYS B 313 29.97 -30.49 -4.28
C LYS B 313 28.75 -30.45 -3.38
N PHE B 314 28.86 -31.01 -2.18
CA PHE B 314 27.73 -30.83 -1.25
C PHE B 314 28.05 -29.61 -0.38
N LEU B 315 29.27 -29.54 0.17
CA LEU B 315 29.57 -28.43 1.10
C LEU B 315 29.46 -27.13 0.32
N GLN B 316 30.01 -27.07 -0.90
CA GLN B 316 29.80 -25.84 -1.69
C GLN B 316 28.44 -25.97 -2.35
N GLY B 317 27.87 -24.87 -2.77
CA GLY B 317 26.51 -24.98 -3.33
C GLY B 317 26.53 -25.75 -4.63
N GLY B 318 25.45 -26.47 -4.91
CA GLY B 318 25.39 -27.15 -6.23
C GLY B 318 25.44 -26.07 -7.28
N GLY B 319 24.72 -24.97 -7.08
CA GLY B 319 24.81 -23.84 -8.01
C GLY B 319 24.16 -22.60 -7.45
N THR B 320 24.37 -21.45 -8.09
CA THR B 320 23.69 -20.18 -7.70
C THR B 320 24.27 -19.60 -6.42
N GLY B 321 25.46 -20.03 -6.01
CA GLY B 321 26.08 -19.40 -4.83
C GLY B 321 25.14 -19.47 -3.65
N SER B 322 24.41 -20.56 -3.53
CA SER B 322 23.43 -20.77 -2.44
C SER B 322 23.23 -22.28 -2.48
N THR B 323 22.24 -22.80 -1.78
CA THR B 323 21.96 -24.25 -1.92
C THR B 323 23.22 -25.04 -1.57
N GLY B 324 23.97 -24.62 -0.54
CA GLY B 324 25.14 -25.37 -0.09
C GLY B 324 25.24 -25.36 1.42
N PHE B 325 25.73 -26.43 2.02
CA PHE B 325 25.75 -26.50 3.49
C PHE B 325 26.66 -25.44 4.07
N VAL B 326 27.40 -24.70 3.24
CA VAL B 326 28.15 -23.64 3.92
C VAL B 326 27.40 -22.31 3.84
N SER B 327 26.94 -21.94 2.64
CA SER B 327 26.26 -20.67 2.49
C SER B 327 24.91 -20.69 3.20
N ASN B 328 24.23 -21.83 3.21
CA ASN B 328 22.95 -21.88 3.88
C ASN B 328 23.09 -21.82 5.38
N LEU B 329 24.12 -22.46 5.93
CA LEU B 329 24.31 -22.33 7.37
C LEU B 329 24.74 -20.93 7.70
N ARG B 330 25.43 -20.24 6.78
CA ARG B 330 25.75 -18.83 7.00
C ARG B 330 24.49 -17.99 7.07
N THR B 331 23.55 -18.23 6.15
CA THR B 331 22.30 -17.48 6.19
C THR B 331 21.51 -17.76 7.45
N PHE B 332 21.39 -19.03 7.83
CA PHE B 332 20.60 -19.38 9.00
C PHE B 332 21.23 -18.86 10.28
N LEU B 333 22.55 -18.88 10.37
CA LEU B 333 23.20 -18.38 11.56
C LEU B 333 23.26 -16.86 11.56
N TRP B 334 23.11 -16.25 10.40
CA TRP B 334 23.12 -14.80 10.29
C TRP B 334 21.83 -14.16 10.75
N ILE B 335 20.73 -14.92 10.81
CA ILE B 335 19.42 -14.31 10.94
C ILE B 335 19.21 -13.71 12.32
N ARG B 336 20.04 -14.04 13.30
CA ARG B 336 19.87 -13.42 14.61
C ARG B 336 20.35 -11.99 14.63
N VAL B 337 21.50 -11.70 14.01
CA VAL B 337 22.06 -10.36 14.11
C VAL B 337 21.25 -9.36 13.31
N GLN B 338 20.55 -9.81 12.27
CA GLN B 338 19.71 -8.90 11.51
C GLN B 338 18.54 -8.42 12.35
N GLN B 339 18.02 -9.30 13.21
CA GLN B 339 16.96 -8.90 14.11
C GLN B 339 17.42 -7.80 15.05
N PHE B 340 18.60 -7.95 15.62
CA PHE B 340 19.13 -6.94 16.52
C PHE B 340 19.35 -5.62 15.81
N THR B 341 19.93 -5.67 14.61
CA THR B 341 20.18 -4.45 13.85
C THR B 341 18.89 -3.72 13.50
N SER B 342 17.92 -4.45 12.96
CA SER B 342 16.67 -3.83 12.53
C SER B 342 15.91 -3.27 13.72
N ARG B 343 15.84 -4.02 14.82
CA ARG B 343 15.13 -3.54 16.00
C ARG B 343 15.77 -2.27 16.54
N ARG B 344 17.10 -2.24 16.61
CA ARG B 344 17.76 -1.07 17.19
C ARG B 344 17.57 0.16 16.33
N VAL B 345 17.78 0.04 15.02
CA VAL B 345 17.72 1.24 14.18
C VAL B 345 16.28 1.74 14.06
N GLU B 346 15.32 0.83 13.99
CA GLU B 346 13.96 1.27 13.79
C GLU B 346 13.34 1.81 15.08
N LEU B 347 13.72 1.27 16.24
CA LEU B 347 13.24 1.87 17.47
C LEU B 347 13.90 3.22 17.72
N LEU B 348 15.17 3.39 17.32
CA LEU B 348 15.82 4.69 17.41
C LEU B 348 15.07 5.73 16.58
N ILE B 349 14.76 5.40 15.32
CA ILE B 349 14.09 6.40 14.50
C ILE B 349 12.67 6.66 15.00
N PHE B 350 12.00 5.66 15.59
CA PHE B 350 10.67 5.91 16.13
C PHE B 350 10.71 6.86 17.31
N SER B 351 11.66 6.67 18.23
CA SER B 351 11.78 7.59 19.35
C SER B 351 12.14 8.98 18.88
N HIS B 352 12.94 9.08 17.83
CA HIS B 352 13.32 10.43 17.38
C HIS B 352 12.18 11.12 16.66
N LEU B 353 11.27 10.38 16.03
CA LEU B 353 10.06 11.05 15.56
C LEU B 353 9.17 11.49 16.70
N HIS B 354 9.10 10.73 17.78
CA HIS B 354 8.26 11.26 18.86
C HIS B 354 8.92 12.36 19.66
N GLU B 355 10.22 12.61 19.50
CA GLU B 355 10.83 13.69 20.25
C GLU B 355 10.74 15.05 19.56
N LEU B 356 10.30 15.12 18.31
CA LEU B 356 10.24 16.42 17.66
C LEU B 356 9.09 17.24 18.21
N SER B 357 9.11 18.54 17.92
CA SER B 357 8.06 19.44 18.37
C SER B 357 6.84 19.38 17.47
N LEU B 358 5.79 20.07 17.89
CA LEU B 358 4.54 20.04 17.15
C LEU B 358 4.65 20.80 15.83
N ARG B 359 5.39 21.91 15.84
CA ARG B 359 5.43 22.79 14.68
C ARG B 359 6.08 22.12 13.47
N TRP B 360 6.95 21.15 13.71
CA TRP B 360 7.55 20.41 12.61
C TRP B 360 6.53 19.54 11.90
N HIS B 361 5.64 18.90 12.66
CA HIS B 361 4.67 18.00 12.07
C HIS B 361 3.60 18.72 11.26
N LEU B 362 3.20 19.91 11.69
CA LEU B 362 2.15 20.61 10.96
C LEU B 362 2.62 21.09 9.59
N GLY B 363 3.93 21.24 9.40
CA GLY B 363 4.47 21.62 8.11
C GLY B 363 4.54 20.48 7.12
N ARG B 364 5.31 19.45 7.45
CA ARG B 364 5.45 18.30 6.55
C ARG B 364 4.15 17.52 6.46
N ARG B 365 3.87 17.02 5.26
CA ARG B 365 2.76 16.10 5.09
C ARG B 365 3.06 14.82 5.86
N THR B 366 2.14 14.42 6.72
CA THR B 366 2.40 13.26 7.55
C THR B 366 2.25 11.97 6.73
N GLY B 367 1.59 12.05 5.59
CA GLY B 367 1.41 10.88 4.76
C GLY B 367 2.64 10.38 4.04
N GLU B 368 3.80 11.03 4.18
CA GLU B 368 4.99 10.60 3.48
C GLU B 368 6.23 10.46 4.36
N VAL B 369 6.25 11.07 5.55
CA VAL B 369 7.37 10.86 6.48
C VAL B 369 7.45 9.39 6.87
N LEU B 370 6.29 8.76 7.03
CA LEU B 370 6.19 7.34 7.36
C LEU B 370 6.92 6.48 6.33
N ARG B 371 6.70 6.79 5.05
CA ARG B 371 7.35 6.04 3.98
C ARG B 371 8.84 6.19 4.05
N ILE B 372 9.33 7.40 4.34
CA ILE B 372 10.76 7.65 4.40
C ILE B 372 11.38 6.83 5.53
N ALA B 373 10.73 6.80 6.69
CA ALA B 373 11.30 6.06 7.81
C ALA B 373 11.32 4.56 7.56
N ASP B 374 10.20 4.01 7.09
CA ASP B 374 10.14 2.56 6.87
C ASP B 374 11.11 2.12 5.80
N ARG B 375 11.13 2.84 4.68
CA ARG B 375 12.05 2.51 3.61
C ARG B 375 13.49 2.71 4.03
N GLY B 376 13.76 3.64 4.96
CA GLY B 376 15.11 3.77 5.47
C GLY B 376 15.58 2.58 6.27
N THR B 377 14.73 2.05 7.15
CA THR B 377 15.14 0.89 7.95
C THR B 377 15.35 -0.34 7.06
N SER B 378 14.39 -0.59 6.16
CA SER B 378 14.58 -1.70 5.22
C SER B 378 15.80 -1.46 4.34
N SER B 379 16.10 -0.20 4.05
CA SER B 379 17.25 0.13 3.24
C SER B 379 18.55 -0.22 3.94
N VAL B 380 18.67 0.08 5.23
CA VAL B 380 19.96 -0.18 5.88
C VAL B 380 20.19 -1.68 6.03
N THR B 381 19.15 -2.45 6.35
CA THR B 381 19.39 -3.89 6.45
C THR B 381 19.67 -4.51 5.08
N GLY B 382 18.98 -4.05 4.03
CA GLY B 382 19.24 -4.59 2.71
C GLY B 382 20.61 -4.20 2.19
N LEU B 383 21.03 -2.96 2.45
CA LEU B 383 22.33 -2.51 1.97
C LEU B 383 23.45 -3.28 2.61
N LEU B 384 23.37 -3.50 3.92
CA LEU B 384 24.42 -4.26 4.57
C LEU B 384 24.46 -5.69 4.04
N SER B 385 23.29 -6.32 3.90
CA SER B 385 23.25 -7.70 3.45
C SER B 385 23.81 -7.85 2.04
N TYR B 386 23.33 -7.03 1.09
CA TYR B 386 23.79 -7.14 -0.29
C TYR B 386 25.26 -6.82 -0.42
N LEU B 387 25.67 -5.63 0.00
CA LEU B 387 27.02 -5.20 -0.31
C LEU B 387 28.07 -5.90 0.55
N VAL B 388 27.68 -6.64 1.58
CA VAL B 388 28.72 -7.39 2.27
C VAL B 388 28.74 -8.83 1.80
N PHE B 389 27.59 -9.42 1.45
CA PHE B 389 27.59 -10.85 1.20
C PHE B 389 27.37 -11.27 -0.24
N ASN B 390 27.12 -10.35 -1.17
CA ASN B 390 26.93 -10.79 -2.54
C ASN B 390 27.54 -9.91 -3.60
N VAL B 391 28.40 -8.96 -3.25
CA VAL B 391 29.13 -8.16 -4.23
C VAL B 391 30.62 -8.20 -3.95
N ILE B 392 31.02 -7.93 -2.71
CA ILE B 392 32.41 -8.12 -2.31
C ILE B 392 32.89 -9.57 -2.48
N PRO B 393 32.13 -10.60 -2.10
CA PRO B 393 32.58 -11.97 -2.41
C PRO B 393 32.72 -12.26 -3.89
N THR B 394 31.84 -11.73 -4.75
CA THR B 394 31.94 -12.04 -6.17
C THR B 394 33.18 -11.41 -6.79
N LEU B 395 33.46 -10.15 -6.47
CA LEU B 395 34.67 -9.51 -6.98
C LEU B 395 35.92 -10.17 -6.41
N ALA B 396 35.87 -10.58 -5.14
CA ALA B 396 36.99 -11.34 -4.59
C ALA B 396 37.18 -12.64 -5.35
N ASP B 397 36.09 -13.28 -5.76
CA ASP B 397 36.22 -14.54 -6.45
C ASP B 397 36.77 -14.33 -7.86
N ILE B 398 36.44 -13.20 -8.49
CA ILE B 398 37.06 -12.84 -9.76
C ILE B 398 38.57 -12.71 -9.59
N ILE B 399 39.01 -12.03 -8.54
CA ILE B 399 40.44 -11.84 -8.34
C ILE B 399 41.13 -13.18 -8.07
N ILE B 400 40.50 -14.02 -7.26
CA ILE B 400 41.09 -15.37 -7.03
C ILE B 400 41.19 -16.05 -8.39
N GLY B 401 40.15 -15.90 -9.19
CA GLY B 401 40.18 -16.61 -10.48
C GLY B 401 41.32 -16.13 -11.34
N ILE B 402 41.52 -14.82 -11.46
CA ILE B 402 42.58 -14.39 -12.41
C ILE B 402 43.88 -14.96 -11.89
N ILE B 403 44.08 -14.91 -10.58
CA ILE B 403 45.37 -15.38 -10.01
C ILE B 403 45.53 -16.88 -10.26
N TYR B 404 44.50 -17.69 -10.07
CA TYR B 404 44.73 -19.16 -10.22
C TYR B 404 45.16 -19.42 -11.65
N PHE B 405 44.47 -18.81 -12.60
CA PHE B 405 44.82 -19.10 -13.99
C PHE B 405 46.23 -18.58 -14.26
N SER B 406 46.56 -17.36 -13.82
CA SER B 406 47.90 -16.84 -14.19
C SER B 406 49.02 -17.64 -13.55
N MET B 407 48.89 -17.94 -12.26
CA MET B 407 49.94 -18.68 -11.53
C MET B 407 50.05 -20.14 -12.00
N PHE B 408 48.92 -20.83 -12.23
CA PHE B 408 49.02 -22.28 -12.54
C PHE B 408 48.83 -22.59 -14.03
N PHE B 409 48.14 -21.75 -14.81
CA PHE B 409 48.10 -21.98 -16.24
C PHE B 409 48.99 -21.04 -17.00
N ASN B 410 48.88 -21.11 -18.32
CA ASN B 410 49.55 -20.16 -19.20
C ASN B 410 48.98 -18.77 -18.98
N ALA B 411 49.84 -17.78 -19.23
CA ALA B 411 49.45 -16.39 -19.03
C ALA B 411 48.31 -15.97 -19.94
N TRP B 412 48.21 -16.55 -21.13
CA TRP B 412 47.18 -16.14 -22.07
C TRP B 412 45.79 -16.46 -21.56
N PHE B 413 45.64 -17.55 -20.79
CA PHE B 413 44.36 -17.85 -20.19
C PHE B 413 43.95 -16.79 -19.19
N GLY B 414 44.91 -16.33 -18.38
CA GLY B 414 44.63 -15.23 -17.48
C GLY B 414 44.24 -13.97 -18.20
N LEU B 415 44.89 -13.71 -19.34
CA LEU B 415 44.52 -12.56 -20.14
C LEU B 415 43.09 -12.68 -20.66
N ILE B 416 42.70 -13.88 -21.12
CA ILE B 416 41.34 -14.11 -21.62
C ILE B 416 40.31 -13.87 -20.54
N VAL B 417 40.52 -14.47 -19.36
CA VAL B 417 39.52 -14.35 -18.30
C VAL B 417 39.46 -12.91 -17.82
N PHE B 418 40.61 -12.23 -17.75
CA PHE B 418 40.64 -10.84 -17.29
C PHE B 418 39.88 -9.93 -18.23
N LEU B 419 40.20 -10.01 -19.52
CA LEU B 419 39.56 -9.13 -20.49
C LEU B 419 38.08 -9.43 -20.58
N CYS B 420 37.70 -10.71 -20.52
CA CYS B 420 36.30 -11.09 -20.64
C CYS B 420 35.49 -10.57 -19.47
N MET B 421 35.98 -10.77 -18.25
CA MET B 421 35.18 -10.32 -17.11
C MET B 421 35.19 -8.81 -16.95
N SER B 422 36.28 -8.14 -17.30
CA SER B 422 36.27 -6.68 -17.26
C SER B 422 35.28 -6.10 -18.26
N LEU B 423 35.25 -6.65 -19.47
CA LEU B 423 34.29 -6.19 -20.47
C LEU B 423 32.86 -6.47 -20.01
N TYR B 424 32.65 -7.64 -19.39
CA TYR B 424 31.32 -8.00 -18.90
C TYR B 424 30.83 -7.03 -17.85
N LEU B 425 31.71 -6.68 -16.91
CA LEU B 425 31.32 -5.74 -15.86
C LEU B 425 31.03 -4.35 -16.43
N THR B 426 31.85 -3.89 -17.38
CA THR B 426 31.63 -2.56 -17.92
C THR B 426 30.33 -2.48 -18.71
N LEU B 427 30.03 -3.50 -19.51
CA LEU B 427 28.76 -3.52 -20.23
C LEU B 427 27.57 -3.57 -19.28
N THR B 428 27.66 -4.36 -18.22
CA THR B 428 26.56 -4.44 -17.26
C THR B 428 26.30 -3.10 -16.61
N ILE B 429 27.37 -2.41 -16.19
CA ILE B 429 27.23 -1.12 -15.52
C ILE B 429 26.60 -0.08 -16.44
N VAL B 430 27.11 0.01 -17.67
CA VAL B 430 26.63 1.04 -18.58
C VAL B 430 25.16 0.82 -18.93
N VAL B 431 24.81 -0.43 -19.24
CA VAL B 431 23.44 -0.69 -19.67
C VAL B 431 22.44 -0.51 -18.52
N THR B 432 22.84 -0.87 -17.29
CA THR B 432 21.95 -0.64 -16.16
C THR B 432 21.71 0.84 -15.91
N GLU B 433 22.78 1.64 -15.93
CA GLU B 433 22.61 3.07 -15.72
C GLU B 433 21.88 3.74 -16.88
N TRP B 434 21.79 3.07 -18.02
CA TRP B 434 20.93 3.59 -19.06
C TRP B 434 19.47 3.17 -18.85
N ARG B 435 19.23 1.98 -18.32
CA ARG B 435 17.89 1.40 -18.26
C ARG B 435 17.05 1.98 -17.11
N THR B 436 17.72 2.55 -16.11
CA THR B 436 16.97 3.00 -14.93
C THR B 436 15.96 4.11 -15.24
N LYS B 437 16.13 4.82 -16.36
CA LYS B 437 15.17 5.86 -16.75
C LYS B 437 13.81 5.28 -17.08
N PHE B 438 13.80 4.24 -17.94
CA PHE B 438 12.57 3.56 -18.27
C PHE B 438 11.95 2.95 -17.03
N ARG B 439 12.78 2.45 -16.12
CA ARG B 439 12.26 1.91 -14.86
C ARG B 439 11.44 2.94 -14.09
N ARG B 440 12.02 4.12 -13.87
CA ARG B 440 11.34 5.12 -13.04
C ARG B 440 10.10 5.69 -13.73
N ALA B 441 10.18 5.89 -15.06
CA ALA B 441 9.01 6.40 -15.78
C ALA B 441 7.85 5.42 -15.71
N MET B 442 8.14 4.12 -15.84
CA MET B 442 7.10 3.10 -15.73
C MET B 442 6.45 3.13 -14.35
N ASN B 443 7.25 3.26 -13.30
CA ASN B 443 6.67 3.29 -11.95
C ASN B 443 5.74 4.48 -11.75
N THR B 444 6.15 5.66 -12.21
CA THR B 444 5.33 6.86 -12.01
C THR B 444 3.99 6.75 -12.74
N GLN B 445 4.02 6.31 -14.01
CA GLN B 445 2.77 6.20 -14.76
C GLN B 445 1.87 5.13 -14.16
N GLU B 446 2.47 4.08 -13.60
CA GLU B 446 1.69 3.02 -12.96
C GLU B 446 0.90 3.56 -11.78
N ASN B 447 1.56 4.34 -10.91
CA ASN B 447 0.83 4.88 -9.76
C ASN B 447 -0.27 5.85 -10.18
N ALA B 448 -0.10 6.55 -11.30
CA ALA B 448 -1.20 7.43 -11.76
C ALA B 448 -2.39 6.61 -12.28
N THR B 449 -2.16 5.58 -13.10
CA THR B 449 -3.29 4.84 -13.72
C THR B 449 -4.13 4.17 -12.64
N ARG B 450 -3.49 3.59 -11.63
CA ARG B 450 -4.24 2.88 -10.57
C ARG B 450 -5.14 3.88 -9.85
N ALA B 451 -4.61 5.08 -9.58
CA ALA B 451 -5.40 6.08 -8.84
C ALA B 451 -6.63 6.49 -9.67
N ARG B 452 -6.44 6.66 -10.97
CA ARG B 452 -7.58 7.06 -11.83
C ARG B 452 -8.71 6.07 -11.60
N ALA B 453 -8.38 4.82 -11.28
CA ALA B 453 -9.50 3.85 -11.16
C ALA B 453 -10.10 3.84 -9.75
N VAL B 454 -9.26 3.86 -8.73
CA VAL B 454 -9.87 3.71 -7.37
C VAL B 454 -10.85 4.86 -7.19
N ASP B 455 -10.46 6.06 -7.60
CA ASP B 455 -11.36 7.23 -7.39
C ASP B 455 -12.63 7.02 -8.20
N SER B 456 -12.52 6.53 -9.44
CA SER B 456 -13.75 6.43 -10.25
C SER B 456 -14.74 5.45 -9.62
N LEU B 457 -14.27 4.30 -9.11
CA LEU B 457 -15.18 3.36 -8.42
C LEU B 457 -15.73 4.00 -7.14
N LEU B 458 -14.91 4.70 -6.38
CA LEU B 458 -15.39 5.24 -5.08
C LEU B 458 -16.52 6.25 -5.34
N ASN B 459 -16.35 7.13 -6.34
CA ASN B 459 -17.39 8.15 -6.64
C ASN B 459 -18.50 7.48 -7.45
N PHE B 460 -18.74 6.21 -7.20
CA PHE B 460 -19.75 5.42 -7.90
C PHE B 460 -21.05 6.19 -7.99
N GLU B 461 -21.42 6.87 -6.91
CA GLU B 461 -22.67 7.59 -6.88
C GLU B 461 -22.71 8.71 -7.91
N THR B 462 -21.64 9.50 -8.01
CA THR B 462 -21.61 10.59 -8.96
C THR B 462 -21.61 10.08 -10.40
N VAL B 463 -20.83 9.02 -10.67
CA VAL B 463 -20.78 8.55 -12.05
C VAL B 463 -22.09 7.87 -12.41
N LYS B 464 -22.84 7.40 -11.42
CA LYS B 464 -24.19 6.93 -11.70
C LYS B 464 -25.11 8.10 -12.00
N TYR B 465 -24.89 9.22 -11.31
CA TYR B 465 -25.73 10.40 -11.53
C TYR B 465 -25.62 10.86 -12.98
N TYR B 466 -24.40 10.96 -13.47
CA TYR B 466 -24.17 11.76 -14.66
C TYR B 466 -24.15 10.95 -15.95
N ASN B 467 -24.43 9.65 -15.87
CA ASN B 467 -24.60 8.77 -17.03
C ASN B 467 -23.34 8.75 -17.89
N ALA B 468 -22.25 8.26 -17.30
CA ALA B 468 -20.94 8.42 -17.89
C ALA B 468 -20.09 7.16 -17.74
N GLU B 469 -20.74 6.00 -17.75
CA GLU B 469 -20.02 4.74 -17.59
C GLU B 469 -19.07 4.49 -18.75
N SER B 470 -19.57 4.68 -19.98
CA SER B 470 -18.74 4.46 -21.15
C SER B 470 -17.59 5.44 -21.21
N TYR B 471 -17.84 6.69 -20.84
CA TYR B 471 -16.76 7.67 -20.81
C TYR B 471 -15.69 7.30 -19.80
N GLU B 472 -16.10 6.83 -18.62
CA GLU B 472 -15.12 6.44 -17.61
C GLU B 472 -14.29 5.25 -18.07
N VAL B 473 -14.94 4.26 -18.69
CA VAL B 473 -14.23 3.11 -19.21
C VAL B 473 -13.22 3.54 -20.28
N GLU B 474 -13.65 4.44 -21.17
CA GLU B 474 -12.76 4.86 -22.26
C GLU B 474 -11.54 5.61 -21.74
N ARG B 475 -11.74 6.49 -20.76
CA ARG B 475 -10.60 7.23 -20.24
C ARG B 475 -9.64 6.30 -19.49
N TYR B 476 -10.20 5.29 -18.83
CA TYR B 476 -9.35 4.29 -18.20
C TYR B 476 -8.55 3.50 -19.23
N ARG B 477 -9.17 3.21 -20.38
CA ARG B 477 -8.44 2.48 -21.41
C ARG B 477 -7.29 3.31 -21.95
N GLU B 478 -7.49 4.62 -22.07
CA GLU B 478 -6.39 5.48 -22.50
C GLU B 478 -5.22 5.42 -21.51
N ALA B 479 -5.53 5.47 -20.22
CA ALA B 479 -4.46 5.36 -19.22
C ALA B 479 -3.74 4.03 -19.32
N ILE B 480 -4.49 2.95 -19.56
CA ILE B 480 -3.87 1.63 -19.74
C ILE B 480 -2.93 1.63 -20.92
N ILE B 481 -3.34 2.22 -22.05
CA ILE B 481 -2.53 2.19 -23.26
C ILE B 481 -1.21 2.94 -23.05
N LYS B 482 -1.26 4.08 -22.36
CA LYS B 482 -0.01 4.78 -22.05
C LYS B 482 0.90 3.93 -21.15
N TYR B 483 0.30 3.23 -20.19
CA TYR B 483 1.11 2.38 -19.31
C TYR B 483 1.77 1.24 -20.08
N GLN B 484 1.06 0.65 -21.03
CA GLN B 484 1.66 -0.40 -21.85
C GLN B 484 2.81 0.15 -22.69
N GLY B 485 2.61 1.36 -23.23
CA GLY B 485 3.65 1.98 -24.02
C GLY B 485 4.92 2.26 -23.25
N LEU B 486 4.82 2.39 -21.93
CA LEU B 486 6.09 2.45 -21.18
C LEU B 486 6.63 1.07 -20.82
N GLU B 487 5.75 0.15 -20.40
CA GLU B 487 6.23 -1.12 -19.88
C GLU B 487 6.93 -1.93 -20.95
N TRP B 488 6.50 -1.79 -22.20
CA TRP B 488 7.16 -2.51 -23.29
C TRP B 488 8.60 -2.06 -23.45
N LYS B 489 8.85 -0.75 -23.35
CA LYS B 489 10.21 -0.25 -23.43
C LYS B 489 11.07 -0.82 -22.31
N SER B 490 10.52 -0.87 -21.10
CA SER B 490 11.31 -1.38 -19.98
C SER B 490 11.68 -2.85 -20.19
N SER B 491 10.71 -3.66 -20.61
CA SER B 491 10.97 -5.08 -20.79
C SER B 491 11.96 -5.34 -21.93
N ALA B 492 11.85 -4.57 -23.01
CA ALA B 492 12.79 -4.74 -24.11
C ALA B 492 14.19 -4.37 -23.70
N SER B 493 14.34 -3.32 -22.88
CA SER B 493 15.67 -2.97 -22.42
C SER B 493 16.27 -4.08 -21.56
N LEU B 494 15.43 -4.71 -20.74
CA LEU B 494 15.90 -5.85 -19.96
C LEU B 494 16.41 -6.98 -20.85
N VAL B 495 15.67 -7.29 -21.91
CA VAL B 495 16.09 -8.37 -22.80
C VAL B 495 17.40 -8.03 -23.49
N LEU B 496 17.58 -6.78 -23.89
CA LEU B 496 18.82 -6.38 -24.53
C LEU B 496 20.01 -6.54 -23.60
N LEU B 497 19.86 -6.13 -22.34
CA LEU B 497 20.93 -6.29 -21.37
C LEU B 497 21.30 -7.75 -21.18
N ASN B 498 20.27 -8.59 -21.06
CA ASN B 498 20.51 -10.01 -20.81
C ASN B 498 21.23 -10.67 -21.98
N GLN B 499 20.84 -10.33 -23.21
CA GLN B 499 21.49 -10.91 -24.37
C GLN B 499 22.92 -10.43 -24.53
N THR B 500 23.19 -9.16 -24.19
CA THR B 500 24.57 -8.68 -24.24
C THR B 500 25.47 -9.44 -23.28
N GLN B 501 24.98 -9.66 -22.06
CA GLN B 501 25.76 -10.42 -21.08
C GLN B 501 26.02 -11.84 -21.57
N ASN B 502 24.99 -12.49 -22.09
CA ASN B 502 25.15 -13.87 -22.53
C ASN B 502 26.11 -13.97 -23.71
N LEU B 503 26.05 -13.00 -24.63
CA LEU B 503 26.95 -13.02 -25.77
C LEU B 503 28.40 -12.85 -25.34
N VAL B 504 28.65 -11.96 -24.38
CA VAL B 504 30.03 -11.76 -23.93
C VAL B 504 30.59 -13.02 -23.30
N ILE B 505 29.81 -13.68 -22.43
CA ILE B 505 30.32 -14.88 -21.80
C ILE B 505 30.48 -16.02 -22.80
N GLY B 506 29.57 -16.10 -23.78
CA GLY B 506 29.72 -17.11 -24.81
C GLY B 506 30.96 -16.91 -25.65
N LEU B 507 31.27 -15.66 -25.98
CA LEU B 507 32.46 -15.37 -26.77
C LEU B 507 33.73 -15.72 -26.02
N GLY B 508 33.78 -15.37 -24.73
CA GLY B 508 34.93 -15.74 -23.93
C GLY B 508 35.09 -17.25 -23.83
N LEU B 509 33.97 -17.96 -23.66
CA LEU B 509 34.03 -19.41 -23.59
C LEU B 509 34.54 -20.02 -24.89
N LEU B 510 34.14 -19.46 -26.02
CA LEU B 510 34.61 -19.97 -27.31
C LEU B 510 36.11 -19.80 -27.44
N ALA B 511 36.61 -18.60 -27.12
CA ALA B 511 38.05 -18.36 -27.26
C ALA B 511 38.85 -19.28 -26.34
N GLY B 512 38.41 -19.41 -25.09
CA GLY B 512 39.13 -20.25 -24.15
C GLY B 512 39.09 -21.72 -24.52
N SER B 513 37.93 -22.22 -24.92
CA SER B 513 37.81 -23.64 -25.26
C SER B 513 38.64 -23.98 -26.49
N LEU B 514 38.62 -23.13 -27.52
CA LEU B 514 39.43 -23.41 -28.70
C LEU B 514 40.91 -23.43 -28.38
N LEU B 515 41.38 -22.44 -27.62
CA LEU B 515 42.82 -22.38 -27.37
C LEU B 515 43.25 -23.54 -26.47
N CYS B 516 42.41 -23.89 -25.51
CA CYS B 516 42.74 -25.01 -24.63
C CYS B 516 42.77 -26.31 -25.39
N ALA B 517 41.84 -26.47 -26.35
CA ALA B 517 41.84 -27.65 -27.18
C ALA B 517 43.11 -27.73 -28.02
N TYR B 518 43.57 -26.60 -28.53
CA TYR B 518 44.78 -26.62 -29.36
C TYR B 518 46.00 -27.01 -28.54
N PHE B 519 46.14 -26.47 -27.33
CA PHE B 519 47.26 -26.93 -26.52
C PHE B 519 47.15 -28.39 -26.13
N VAL B 520 45.96 -28.86 -25.75
CA VAL B 520 45.92 -30.23 -25.25
C VAL B 520 46.01 -31.23 -26.40
N THR B 521 45.73 -30.82 -27.63
CA THR B 521 46.07 -31.69 -28.75
C THR B 521 47.50 -31.46 -29.24
N GLU B 522 48.21 -30.46 -28.71
CA GLU B 522 49.64 -30.37 -28.91
C GLU B 522 50.43 -30.80 -27.67
N GLN B 523 49.85 -31.66 -26.83
CA GLN B 523 50.51 -32.37 -25.75
C GLN B 523 51.07 -31.46 -24.66
N LYS B 524 50.76 -30.17 -24.69
CA LYS B 524 51.31 -29.27 -23.68
C LYS B 524 50.60 -29.42 -22.35
N LEU B 525 49.34 -29.83 -22.37
CA LEU B 525 48.54 -29.93 -21.15
C LEU B 525 47.92 -31.31 -20.98
N GLN B 526 47.03 -31.44 -20.01
CA GLN B 526 46.37 -32.71 -19.73
C GLN B 526 44.91 -32.64 -20.12
N VAL B 527 44.30 -33.83 -20.21
CA VAL B 527 42.97 -33.97 -20.79
C VAL B 527 41.93 -33.24 -19.95
N GLY B 528 42.11 -33.25 -18.66
CA GLY B 528 41.12 -32.61 -17.84
C GLY B 528 41.18 -31.11 -17.76
N ASP B 529 42.19 -30.50 -18.38
CA ASP B 529 42.30 -29.04 -18.30
C ASP B 529 41.20 -28.36 -19.08
N TYR B 530 40.77 -28.95 -20.18
CA TYR B 530 39.62 -28.43 -20.91
C TYR B 530 38.36 -28.48 -20.06
N VAL B 531 38.18 -29.57 -19.33
CA VAL B 531 37.01 -29.71 -18.46
C VAL B 531 37.06 -28.71 -17.33
N LEU B 532 38.27 -28.50 -16.78
CA LEU B 532 38.44 -27.52 -15.72
C LEU B 532 38.09 -26.13 -16.20
N PHE B 533 38.54 -25.76 -17.40
CA PHE B 533 38.25 -24.41 -17.87
C PHE B 533 36.77 -24.23 -18.15
N GLY B 534 36.12 -25.23 -18.73
CA GLY B 534 34.70 -25.12 -18.99
C GLY B 534 33.88 -24.95 -17.71
N THR B 535 34.15 -25.80 -16.72
CA THR B 535 33.37 -25.69 -15.50
C THR B 535 33.73 -24.43 -14.72
N TYR B 536 34.94 -23.91 -14.90
CA TYR B 536 35.29 -22.72 -14.16
C TYR B 536 34.63 -21.49 -14.75
N ILE B 537 34.54 -21.41 -16.07
CA ILE B 537 33.84 -20.27 -16.68
C ILE B 537 32.36 -20.32 -16.35
N ILE B 538 31.75 -21.51 -16.35
CA ILE B 538 30.35 -21.58 -15.96
C ILE B 538 30.16 -21.19 -14.49
N GLN B 539 31.07 -21.64 -13.63
CA GLN B 539 30.98 -21.32 -12.22
C GLN B 539 31.19 -19.83 -11.96
N LEU B 540 31.99 -19.16 -12.78
CA LEU B 540 32.09 -17.71 -12.64
C LEU B 540 30.87 -16.99 -13.17
N TYR B 541 30.30 -17.48 -14.25
CA TYR B 541 29.20 -16.77 -14.89
C TYR B 541 27.93 -16.85 -14.07
N MET B 542 27.70 -17.96 -13.38
CA MET B 542 26.43 -18.15 -12.68
C MET B 542 26.09 -17.10 -11.62
N PRO B 543 27.02 -16.61 -10.79
CA PRO B 543 26.63 -15.51 -9.88
C PRO B 543 26.77 -14.14 -10.53
N LEU B 544 27.58 -14.02 -11.57
CA LEU B 544 27.71 -12.73 -12.22
C LEU B 544 26.51 -12.36 -13.06
N ASN B 545 25.59 -13.29 -13.28
CA ASN B 545 24.40 -12.98 -14.05
C ASN B 545 23.50 -12.00 -13.31
N TRP B 546 23.50 -12.05 -11.99
CA TRP B 546 22.62 -11.20 -11.19
C TRP B 546 23.27 -9.91 -10.78
N PHE B 547 24.18 -9.37 -11.58
CA PHE B 547 24.88 -8.18 -11.14
C PHE B 547 24.02 -6.93 -11.27
N GLY B 548 23.16 -6.90 -12.30
CA GLY B 548 22.41 -5.68 -12.58
C GLY B 548 21.45 -5.33 -11.48
N THR B 549 20.70 -6.31 -10.98
CA THR B 549 19.71 -6.02 -9.97
C THR B 549 20.34 -5.67 -8.64
N TYR B 550 21.46 -6.30 -8.30
CA TYR B 550 22.22 -5.83 -7.15
C TYR B 550 22.69 -4.40 -7.32
N TYR B 551 23.09 -4.02 -8.53
CA TYR B 551 23.55 -2.66 -8.72
C TYR B 551 22.42 -1.65 -8.50
N ARG B 552 21.26 -1.93 -9.08
CA ARG B 552 20.11 -1.03 -8.88
C ARG B 552 19.71 -0.96 -7.42
N MET B 553 19.66 -2.10 -6.74
CA MET B 553 19.14 -2.08 -5.39
C MET B 553 20.10 -1.43 -4.41
N ILE B 554 21.42 -1.62 -4.62
CA ILE B 554 22.37 -0.88 -3.79
C ILE B 554 22.25 0.62 -4.04
N GLN B 555 22.06 1.03 -5.29
CA GLN B 555 21.92 2.46 -5.56
C GLN B 555 20.70 3.05 -4.87
N THR B 556 19.55 2.37 -4.98
CA THR B 556 18.33 2.97 -4.45
C THR B 556 18.30 2.92 -2.93
N ASN B 557 18.78 1.83 -2.32
CA ASN B 557 18.82 1.83 -0.87
C ASN B 557 19.88 2.78 -0.33
N PHE B 558 20.91 3.07 -1.12
CA PHE B 558 21.91 4.01 -0.65
C PHE B 558 21.34 5.42 -0.60
N ILE B 559 20.64 5.83 -1.66
CA ILE B 559 20.04 7.16 -1.62
C ILE B 559 18.91 7.21 -0.59
N ASP B 560 18.26 6.08 -0.34
CA ASP B 560 17.16 6.08 0.62
C ASP B 560 17.68 6.17 2.05
N MET B 561 18.79 5.49 2.32
CA MET B 561 19.45 5.65 3.61
C MET B 561 19.95 7.07 3.80
N GLU B 562 20.39 7.71 2.71
CA GLU B 562 20.79 9.10 2.82
C GLU B 562 19.63 10.01 3.22
N ASN B 563 18.45 9.79 2.62
CA ASN B 563 17.27 10.56 3.03
C ASN B 563 16.92 10.33 4.49
N MET B 564 16.91 9.07 4.92
CA MET B 564 16.58 8.75 6.30
C MET B 564 17.58 9.37 7.27
N PHE B 565 18.85 9.34 6.89
CA PHE B 565 19.90 9.87 7.75
C PHE B 565 19.80 11.39 7.84
N ASP B 566 19.41 12.03 6.74
CA ASP B 566 19.14 13.46 6.74
C ASP B 566 18.00 13.79 7.69
N LEU B 567 16.93 12.99 7.65
CA LEU B 567 15.80 13.26 8.54
C LEU B 567 16.19 13.02 10.00
N LEU B 568 17.03 12.03 10.25
CA LEU B 568 17.49 11.76 11.60
C LEU B 568 18.31 12.93 12.15
N LYS B 569 19.19 13.51 11.32
CA LYS B 569 19.94 14.66 11.80
C LYS B 569 19.07 15.91 11.94
N GLU B 570 17.93 15.95 11.26
CA GLU B 570 17.02 17.08 11.43
C GLU B 570 16.40 17.05 12.82
N GLU B 571 16.31 18.22 13.43
CA GLU B 571 15.92 18.30 14.84
C GLU B 571 15.50 19.72 15.15
N THR B 572 14.44 19.87 15.94
CA THR B 572 13.96 21.19 16.33
C THR B 572 14.02 21.42 17.84
N GLU B 573 13.32 20.61 18.64
CA GLU B 573 13.34 20.54 20.11
C GLU B 573 13.47 21.91 20.79
N VAL B 574 12.46 22.76 20.54
CA VAL B 574 12.52 24.13 21.05
C VAL B 574 12.50 24.18 22.58
N LYS B 575 11.92 23.17 23.23
CA LYS B 575 11.75 23.17 24.67
C LYS B 575 12.86 22.32 25.28
N ASP B 576 13.90 22.98 25.77
CA ASP B 576 15.02 22.32 26.43
C ASP B 576 15.86 23.36 27.16
N LEU B 577 16.24 23.05 28.40
CA LEU B 577 17.26 23.80 29.12
C LEU B 577 18.02 22.83 30.01
N PRO B 578 19.36 22.88 30.00
CA PRO B 578 20.15 21.90 30.77
C PRO B 578 20.06 22.07 32.28
N GLY B 579 19.51 23.18 32.77
CA GLY B 579 19.38 23.34 34.21
C GLY B 579 18.42 22.36 34.84
N ALA B 580 17.25 22.16 34.20
CA ALA B 580 16.28 21.13 34.54
C ALA B 580 15.76 21.24 35.98
N GLY B 581 15.06 22.34 36.24
CA GLY B 581 14.43 22.55 37.53
C GLY B 581 12.94 22.30 37.48
N PRO B 582 12.51 21.15 38.00
CA PRO B 582 11.09 20.76 37.87
C PRO B 582 10.18 21.64 38.70
N LEU B 583 8.92 21.68 38.27
CA LEU B 583 7.92 22.55 38.87
C LEU B 583 7.54 22.07 40.26
N ARG B 584 7.24 23.03 41.13
CA ARG B 584 6.66 22.77 42.44
C ARG B 584 5.25 23.34 42.45
N PHE B 585 4.30 22.54 42.94
CA PHE B 585 2.92 22.97 43.03
C PHE B 585 2.61 23.33 44.47
N GLN B 586 2.37 24.59 44.74
CA GLN B 586 2.01 24.97 46.10
C GLN B 586 0.76 25.84 46.21
N LYS B 587 0.48 26.71 45.24
CA LYS B 587 -0.75 27.49 45.27
C LYS B 587 -1.72 27.15 44.16
N GLY B 588 -1.30 27.25 42.91
CA GLY B 588 -2.24 27.25 41.81
C GLY B 588 -2.63 28.65 41.38
N ARG B 589 -1.65 29.49 41.07
CA ARG B 589 -1.89 30.81 40.52
C ARG B 589 -1.35 30.87 39.10
N ILE B 590 -2.19 31.29 38.16
CA ILE B 590 -1.82 31.42 36.76
C ILE B 590 -1.75 32.89 36.43
N GLU B 591 -0.56 33.36 36.10
CA GLU B 591 -0.32 34.78 35.83
C GLU B 591 0.31 34.95 34.46
N PHE B 592 -0.15 35.95 33.72
CA PHE B 592 0.40 36.30 32.42
C PHE B 592 1.12 37.63 32.54
N GLU B 593 2.25 37.76 31.85
CA GLU B 593 3.03 39.00 31.92
C GLU B 593 3.57 39.38 30.54
N ASN B 594 2.77 40.11 29.78
CA ASN B 594 3.19 40.94 28.64
C ASN B 594 3.99 40.14 27.60
N VAL B 595 3.32 39.20 26.99
CA VAL B 595 3.95 38.26 26.06
C VAL B 595 3.36 38.50 24.66
N HIS B 596 4.24 38.52 23.66
CA HIS B 596 3.85 38.51 22.26
C HIS B 596 4.09 37.13 21.68
N PHE B 597 3.50 36.87 20.52
CA PHE B 597 3.64 35.56 19.91
C PHE B 597 3.39 35.63 18.41
N SER B 598 4.14 34.80 17.67
CA SER B 598 3.97 34.73 16.22
C SER B 598 4.28 33.30 15.78
N TYR B 599 3.25 32.45 15.72
CA TYR B 599 3.49 31.18 15.05
C TYR B 599 3.48 31.34 13.54
N ALA B 600 2.61 32.19 13.03
CA ALA B 600 2.72 32.65 11.65
C ALA B 600 3.77 33.75 11.59
N ASP B 601 4.60 33.72 10.55
CA ASP B 601 5.71 34.66 10.45
C ASP B 601 5.21 36.07 10.18
N GLY B 602 5.79 37.04 10.87
CA GLY B 602 5.42 38.43 10.69
C GLY B 602 4.19 38.85 11.47
N ARG B 603 3.05 38.25 11.15
CA ARG B 603 1.77 38.62 11.78
C ARG B 603 1.76 38.14 13.22
N GLU B 604 2.06 39.05 14.15
CA GLU B 604 2.04 38.69 15.56
C GLU B 604 0.61 38.61 16.06
N THR B 605 0.33 37.56 16.83
CA THR B 605 -1.03 37.27 17.29
C THR B 605 -1.17 37.41 18.80
N LEU B 606 -0.35 38.27 19.42
CA LEU B 606 -0.41 38.46 20.87
C LEU B 606 0.20 39.81 21.19
N GLN B 607 -0.58 40.70 21.82
CA GLN B 607 -0.10 42.03 22.16
C GLN B 607 -0.16 42.20 23.67
N ASP B 608 0.89 41.70 24.34
CA ASP B 608 1.20 42.02 25.74
C ASP B 608 0.04 41.75 26.70
N VAL B 609 -0.63 40.62 26.51
CA VAL B 609 -1.73 40.25 27.39
C VAL B 609 -1.19 39.89 28.77
N SER B 610 -1.89 40.33 29.81
CA SER B 610 -1.43 40.13 31.17
C SER B 610 -2.62 40.07 32.11
N PHE B 611 -2.70 39.01 32.90
CA PHE B 611 -3.70 38.87 33.95
C PHE B 611 -3.16 37.87 34.96
N THR B 612 -3.92 37.68 36.04
CA THR B 612 -3.54 36.71 37.06
C THR B 612 -4.80 36.18 37.72
N VAL B 613 -4.68 34.99 38.31
CA VAL B 613 -5.78 34.35 39.04
C VAL B 613 -5.29 33.84 40.38
N MET B 614 -6.23 33.57 41.26
CA MET B 614 -6.02 32.95 42.55
C MET B 614 -6.34 31.46 42.48
N PRO B 615 -5.93 30.67 43.48
CA PRO B 615 -6.35 29.27 43.51
C PRO B 615 -7.86 29.12 43.61
N GLY B 616 -8.38 28.15 42.86
CA GLY B 616 -9.80 27.92 42.78
C GLY B 616 -10.56 28.83 41.82
N GLN B 617 -9.88 29.78 41.19
CA GLN B 617 -10.55 30.72 40.30
C GLN B 617 -10.89 30.04 38.99
N THR B 618 -12.04 30.41 38.42
CA THR B 618 -12.48 29.92 37.14
C THR B 618 -12.44 31.06 36.14
N LEU B 619 -11.71 30.86 35.05
CA LEU B 619 -11.57 31.88 34.02
C LEU B 619 -12.23 31.38 32.74
N ALA B 620 -12.75 32.32 31.95
CA ALA B 620 -13.30 32.01 30.65
C ALA B 620 -12.72 32.96 29.62
N LEU B 621 -12.73 32.51 28.37
CA LEU B 621 -12.16 33.29 27.27
C LEU B 621 -13.09 33.17 26.07
N VAL B 622 -13.82 34.24 25.78
CA VAL B 622 -14.77 34.30 24.67
C VAL B 622 -14.65 35.69 24.06
N GLY B 623 -14.67 35.76 22.74
CA GLY B 623 -14.71 37.01 22.04
C GLY B 623 -15.01 36.81 20.57
N PRO B 624 -14.55 37.73 19.73
CA PRO B 624 -14.66 37.53 18.29
C PRO B 624 -13.79 36.35 17.85
N SER B 625 -14.22 35.71 16.78
CA SER B 625 -13.67 34.43 16.38
C SER B 625 -12.20 34.55 15.97
N GLY B 626 -11.38 33.67 16.51
CA GLY B 626 -9.97 33.67 16.23
C GLY B 626 -9.31 32.56 17.01
N ALA B 627 -8.15 32.15 16.49
CA ALA B 627 -7.40 31.04 17.08
C ALA B 627 -6.51 31.49 18.23
N GLY B 628 -6.64 32.76 18.66
CA GLY B 628 -5.75 33.30 19.68
C GLY B 628 -5.88 32.60 21.02
N LYS B 629 -7.12 32.29 21.42
CA LYS B 629 -7.35 31.58 22.68
C LYS B 629 -6.77 30.17 22.63
N SER B 630 -6.95 29.49 21.50
CA SER B 630 -6.38 28.16 21.33
C SER B 630 -4.86 28.21 21.40
N THR B 631 -4.26 29.23 20.78
CA THR B 631 -2.83 29.39 20.90
C THR B 631 -2.42 29.72 22.32
N ILE B 632 -3.27 30.43 23.08
CA ILE B 632 -2.96 30.72 24.48
C ILE B 632 -2.85 29.43 25.27
N LEU B 633 -3.79 28.51 25.07
CA LEU B 633 -3.71 27.20 25.71
C LEU B 633 -2.46 26.44 25.27
N ARG B 634 -2.17 26.46 23.97
CA ARG B 634 -1.05 25.67 23.47
C ARG B 634 0.29 26.23 23.94
N LEU B 635 0.40 27.55 24.08
CA LEU B 635 1.64 28.12 24.61
C LEU B 635 1.72 27.92 26.11
N LEU B 636 0.58 27.87 26.79
CA LEU B 636 0.56 27.50 28.20
C LEU B 636 1.04 26.07 28.40
N PHE B 637 0.90 25.24 27.37
CA PHE B 637 1.22 23.82 27.51
C PHE B 637 2.67 23.54 27.14
N ARG B 638 3.45 24.58 26.85
CA ARG B 638 4.80 24.48 26.27
C ARG B 638 4.81 23.66 24.98
N PHE B 639 3.90 23.99 24.07
CA PHE B 639 4.08 23.55 22.70
C PHE B 639 5.04 24.47 21.96
N TYR B 640 4.68 25.73 21.81
CA TYR B 640 5.54 26.72 21.19
C TYR B 640 6.20 27.55 22.29
N ASP B 641 6.91 28.59 21.86
CA ASP B 641 7.64 29.44 22.78
C ASP B 641 7.06 30.83 22.84
N ILE B 642 7.24 31.46 24.00
CA ILE B 642 7.06 32.90 24.12
C ILE B 642 8.04 33.62 23.20
N SER B 643 7.61 34.78 22.70
CA SER B 643 8.51 35.60 21.88
C SER B 643 9.19 36.66 22.73
N SER B 644 8.41 37.53 23.37
CA SER B 644 8.95 38.62 24.16
C SER B 644 8.12 38.77 25.42
N GLY B 645 8.71 38.46 26.57
CA GLY B 645 8.00 38.46 27.82
C GLY B 645 8.26 37.19 28.61
N CYS B 646 7.37 36.83 29.52
CA CYS B 646 7.45 35.56 30.24
C CYS B 646 6.10 35.26 30.88
N ILE B 647 5.78 33.97 30.99
CA ILE B 647 4.62 33.49 31.73
C ILE B 647 5.11 32.54 32.81
N ARG B 648 4.64 32.77 34.04
CA ARG B 648 4.99 31.95 35.18
C ARG B 648 3.72 31.40 35.81
N ILE B 649 3.87 30.28 36.51
CA ILE B 649 2.79 29.70 37.30
C ILE B 649 3.26 29.63 38.74
N ASP B 650 2.47 30.19 39.65
CA ASP B 650 2.81 30.33 41.08
C ASP B 650 4.13 31.06 41.26
N GLY B 651 4.42 32.04 40.40
CA GLY B 651 5.69 32.72 40.47
C GLY B 651 6.88 31.89 40.06
N GLN B 652 6.65 30.74 39.43
CA GLN B 652 7.73 29.86 38.97
C GLN B 652 7.83 29.97 37.47
N ASP B 653 9.00 30.33 36.97
CA ASP B 653 9.24 30.45 35.54
C ASP B 653 9.11 29.09 34.87
N ILE B 654 8.36 29.06 33.76
CA ILE B 654 8.12 27.81 33.05
C ILE B 654 9.20 27.51 32.02
N SER B 655 10.19 28.38 31.87
CA SER B 655 11.20 28.17 30.85
C SER B 655 12.11 27.00 31.18
N GLN B 656 12.61 26.95 32.42
CA GLN B 656 13.59 25.95 32.81
C GLN B 656 12.96 24.70 33.40
N VAL B 657 11.64 24.61 33.45
CA VAL B 657 10.99 23.43 33.99
C VAL B 657 11.08 22.30 32.98
N THR B 658 11.34 21.09 33.47
CA THR B 658 11.27 19.92 32.62
C THR B 658 9.82 19.68 32.18
N GLN B 659 9.68 19.31 30.91
CA GLN B 659 8.36 19.16 30.32
C GLN B 659 7.61 18.00 30.93
N ALA B 660 8.32 16.97 31.40
CA ALA B 660 7.68 15.89 32.12
C ALA B 660 7.04 16.41 33.41
N SER B 661 7.74 17.30 34.12
CA SER B 661 7.17 17.91 35.31
C SER B 661 5.96 18.76 34.98
N LEU B 662 6.03 19.51 33.88
CA LEU B 662 4.90 20.35 33.50
C LEU B 662 3.69 19.50 33.14
N ARG B 663 3.85 18.56 32.22
CA ARG B 663 2.72 17.73 31.80
C ARG B 663 2.25 16.78 32.88
N SER B 664 3.05 16.56 33.93
CA SER B 664 2.52 15.90 35.12
C SER B 664 1.56 16.83 35.86
N HIS B 665 1.95 18.09 36.05
CA HIS B 665 1.13 18.98 36.88
C HIS B 665 -0.15 19.39 36.16
N ILE B 666 -0.12 19.46 34.84
CA ILE B 666 -1.21 20.00 34.06
C ILE B 666 -2.00 18.84 33.45
N GLY B 667 -3.25 19.10 33.10
CA GLY B 667 -4.05 18.15 32.35
C GLY B 667 -5.10 18.90 31.59
N VAL B 668 -5.54 18.33 30.47
CA VAL B 668 -6.40 19.06 29.56
C VAL B 668 -7.31 18.11 28.80
N VAL B 669 -8.60 18.43 28.80
CA VAL B 669 -9.57 17.87 27.86
C VAL B 669 -9.54 18.71 26.59
N PRO B 670 -9.40 18.09 25.43
CA PRO B 670 -9.17 18.86 24.21
C PRO B 670 -10.42 19.21 23.44
N GLN B 671 -10.21 19.83 22.27
CA GLN B 671 -11.21 20.13 21.26
C GLN B 671 -12.10 18.94 20.96
N ASP B 672 -11.49 17.91 20.39
CA ASP B 672 -12.19 16.66 20.10
C ASP B 672 -11.18 15.54 20.23
N THR B 673 -11.42 14.61 21.15
CA THR B 673 -10.49 13.53 21.38
C THR B 673 -10.51 12.57 20.20
N VAL B 674 -9.40 11.85 20.03
CA VAL B 674 -9.30 10.76 19.08
C VAL B 674 -8.94 9.52 19.88
N LEU B 675 -9.68 8.45 19.66
CA LEU B 675 -9.49 7.22 20.41
C LEU B 675 -9.00 6.15 19.45
N PHE B 676 -7.80 5.64 19.68
CA PHE B 676 -7.17 4.72 18.76
C PHE B 676 -7.54 3.27 19.07
N ASN B 677 -7.20 2.38 18.14
CA ASN B 677 -7.80 1.05 18.02
C ASN B 677 -7.38 0.16 19.18
N ASP B 678 -8.26 0.02 20.16
CA ASP B 678 -7.99 -0.74 21.37
C ASP B 678 -9.35 -1.00 22.03
N THR B 679 -9.33 -1.63 23.18
CA THR B 679 -10.53 -1.77 23.99
C THR B 679 -10.78 -0.49 24.79
N ILE B 680 -11.96 -0.43 25.41
CA ILE B 680 -12.23 0.64 26.38
C ILE B 680 -11.25 0.59 27.54
N ALA B 681 -10.97 -0.62 28.05
CA ALA B 681 -10.33 -0.76 29.36
C ALA B 681 -8.95 -0.10 29.39
N ASP B 682 -8.08 -0.44 28.46
CA ASP B 682 -6.77 0.18 28.45
C ASP B 682 -6.82 1.62 27.95
N ASN B 683 -7.80 1.95 27.10
CA ASN B 683 -7.86 3.30 26.54
C ASN B 683 -8.29 4.32 27.59
N ILE B 684 -9.08 3.90 28.58
CA ILE B 684 -9.35 4.78 29.70
C ILE B 684 -8.38 4.51 30.84
N ARG B 685 -7.60 3.43 30.78
CA ARG B 685 -6.41 3.30 31.60
C ARG B 685 -5.26 4.17 31.08
N TYR B 686 -5.44 4.80 29.93
CA TYR B 686 -4.32 5.41 29.22
C TYR B 686 -3.76 6.63 29.94
N GLY B 687 -4.48 7.15 30.94
CA GLY B 687 -4.06 8.35 31.64
C GLY B 687 -2.76 8.21 32.39
N ARG B 688 -2.37 6.99 32.72
CA ARG B 688 -1.07 6.72 33.31
C ARG B 688 -0.71 5.27 33.08
N VAL B 689 0.57 4.96 33.21
CA VAL B 689 1.03 3.58 33.02
C VAL B 689 0.56 2.68 34.15
N THR B 690 0.51 3.20 35.38
CA THR B 690 0.22 2.41 36.56
C THR B 690 -1.27 2.33 36.87
N ALA B 691 -2.12 2.54 35.86
CA ALA B 691 -3.55 2.50 36.07
C ALA B 691 -3.99 1.09 36.46
N GLY B 692 -4.74 1.00 37.56
CA GLY B 692 -5.21 -0.27 38.05
C GLY B 692 -6.64 -0.55 37.65
N ASN B 693 -7.01 -1.83 37.77
CA ASN B 693 -8.35 -2.26 37.37
C ASN B 693 -9.44 -1.70 38.27
N ASP B 694 -9.26 -1.79 39.59
CA ASP B 694 -10.24 -1.22 40.51
C ASP B 694 -10.32 0.29 40.37
N GLU B 695 -9.18 0.95 40.14
CA GLU B 695 -9.19 2.38 39.89
C GLU B 695 -9.92 2.73 38.60
N VAL B 696 -9.79 1.91 37.56
CA VAL B 696 -10.33 2.34 36.28
C VAL B 696 -11.83 2.08 36.22
N GLU B 697 -12.32 0.97 36.82
CA GLU B 697 -13.76 0.84 36.99
C GLU B 697 -14.30 1.87 37.98
N ALA B 698 -13.50 2.27 38.97
CA ALA B 698 -13.92 3.34 39.87
C ALA B 698 -14.08 4.67 39.14
N ALA B 699 -13.16 4.98 38.22
CA ALA B 699 -13.28 6.21 37.45
C ALA B 699 -14.44 6.14 36.47
N ALA B 700 -14.70 4.96 35.91
CA ALA B 700 -15.86 4.82 35.04
C ALA B 700 -17.16 5.05 35.81
N GLN B 701 -17.25 4.53 37.04
CA GLN B 701 -18.39 4.84 37.89
C GLN B 701 -18.43 6.31 38.26
N ALA B 702 -17.25 6.93 38.40
CA ALA B 702 -17.19 8.35 38.75
C ALA B 702 -17.75 9.23 37.63
N ALA B 703 -17.44 8.91 36.38
CA ALA B 703 -17.88 9.71 35.25
C ALA B 703 -19.03 9.09 34.48
N GLY B 704 -19.57 7.97 34.95
CA GLY B 704 -20.83 7.45 34.45
C GLY B 704 -20.87 6.99 33.01
N ILE B 705 -19.88 6.22 32.58
CA ILE B 705 -19.91 5.62 31.25
C ILE B 705 -20.48 4.21 31.35
N HIS B 706 -20.60 3.68 32.57
CA HIS B 706 -20.84 2.27 32.83
C HIS B 706 -22.13 1.76 32.21
N ASP B 707 -23.13 2.63 32.08
CA ASP B 707 -24.38 2.25 31.44
C ASP B 707 -24.17 1.92 29.97
N ALA B 708 -23.46 2.79 29.24
CA ALA B 708 -23.13 2.47 27.86
C ALA B 708 -22.13 1.32 27.75
N ILE B 709 -21.27 1.16 28.77
CA ILE B 709 -20.29 0.09 28.74
C ILE B 709 -20.98 -1.28 28.83
N MET B 710 -21.92 -1.43 29.75
CA MET B 710 -22.80 -2.60 29.74
C MET B 710 -23.73 -2.64 28.53
N ALA B 711 -24.04 -1.50 27.92
CA ALA B 711 -24.79 -1.52 26.67
C ALA B 711 -23.98 -2.06 25.50
N PHE B 712 -22.64 -2.08 25.62
CA PHE B 712 -21.81 -2.76 24.64
C PHE B 712 -21.99 -4.27 24.75
N PRO B 713 -21.65 -5.05 23.68
CA PRO B 713 -21.84 -6.50 23.71
C PRO B 713 -21.13 -7.24 24.84
N GLU B 714 -19.81 -7.17 24.91
CA GLU B 714 -19.08 -7.86 25.95
C GLU B 714 -18.72 -6.97 27.13
N GLY B 715 -18.95 -5.67 27.02
CA GLY B 715 -18.68 -4.75 28.12
C GLY B 715 -17.32 -4.09 27.96
N TYR B 716 -16.40 -4.40 28.87
CA TYR B 716 -15.13 -3.70 28.91
C TYR B 716 -14.20 -4.14 27.79
N ARG B 717 -14.29 -5.39 27.37
CA ARG B 717 -13.39 -5.89 26.33
C ARG B 717 -13.88 -5.58 24.92
N THR B 718 -14.76 -4.61 24.76
CA THR B 718 -15.28 -4.26 23.44
C THR B 718 -14.18 -3.62 22.61
N GLN B 719 -13.98 -4.14 21.40
CA GLN B 719 -12.98 -3.56 20.51
C GLN B 719 -13.52 -2.26 19.92
N VAL B 720 -12.71 -1.20 20.02
CA VAL B 720 -13.16 0.16 19.76
C VAL B 720 -12.19 0.81 18.79
N GLY B 721 -12.72 1.61 17.86
CA GLY B 721 -11.91 2.44 17.01
C GLY B 721 -12.44 2.42 15.60
N GLU B 722 -11.57 2.76 14.65
CA GLU B 722 -11.90 2.58 13.24
C GLU B 722 -12.11 1.10 12.93
N ARG B 723 -11.26 0.24 13.50
CA ARG B 723 -11.53 -1.19 13.46
C ARG B 723 -12.74 -1.54 14.32
N GLY B 724 -12.90 -0.88 15.45
CA GLY B 724 -13.94 -1.19 16.40
C GLY B 724 -15.22 -0.43 16.15
N LEU B 725 -15.98 -0.20 17.22
CA LEU B 725 -17.27 0.46 17.12
C LEU B 725 -17.12 1.97 17.04
N LYS B 726 -18.00 2.60 16.26
CA LYS B 726 -18.14 4.04 16.29
C LYS B 726 -18.84 4.46 17.57
N LEU B 727 -18.44 5.59 18.13
CA LEU B 727 -19.05 6.15 19.33
C LEU B 727 -19.51 7.58 19.08
N SER B 728 -20.08 8.18 20.12
CA SER B 728 -20.57 9.55 20.07
C SER B 728 -19.52 10.53 20.57
N GLY B 729 -19.67 11.79 20.18
CA GLY B 729 -18.78 12.82 20.69
C GLY B 729 -18.93 13.02 22.18
N GLY B 730 -20.16 12.91 22.69
CA GLY B 730 -20.36 12.93 24.13
C GLY B 730 -19.68 11.77 24.83
N GLU B 731 -19.70 10.60 24.20
CA GLU B 731 -18.95 9.47 24.73
C GLU B 731 -17.45 9.74 24.72
N LYS B 732 -16.95 10.41 23.68
CA LYS B 732 -15.54 10.78 23.63
C LYS B 732 -15.17 11.73 24.75
N GLN B 733 -16.03 12.72 25.01
CA GLN B 733 -15.79 13.63 26.13
C GLN B 733 -15.89 12.91 27.48
N ARG B 734 -16.76 11.90 27.57
CA ARG B 734 -16.81 11.07 28.77
C ARG B 734 -15.50 10.31 28.97
N VAL B 735 -14.95 9.75 27.88
CA VAL B 735 -13.65 9.09 27.95
C VAL B 735 -12.59 10.08 28.42
N ALA B 736 -12.62 11.29 27.88
CA ALA B 736 -11.64 12.31 28.23
C ALA B 736 -11.73 12.71 29.69
N ILE B 737 -12.95 12.91 30.20
CA ILE B 737 -13.07 13.29 31.60
C ILE B 737 -12.67 12.13 32.49
N ALA B 738 -12.89 10.89 32.04
CA ALA B 738 -12.45 9.73 32.82
C ALA B 738 -10.93 9.68 32.93
N ARG B 739 -10.23 9.84 31.80
CA ARG B 739 -8.78 9.72 31.84
C ARG B 739 -8.14 10.91 32.54
N THR B 740 -8.73 12.11 32.44
CA THR B 740 -8.16 13.19 33.22
C THR B 740 -8.51 13.08 34.71
N ILE B 741 -9.62 12.42 35.06
CA ILE B 741 -9.87 12.10 36.45
C ILE B 741 -8.79 11.17 36.96
N LEU B 742 -8.43 10.19 36.13
CA LEU B 742 -7.40 9.23 36.51
C LEU B 742 -6.05 9.93 36.66
N LYS B 743 -5.79 10.92 35.80
CA LYS B 743 -4.56 11.69 35.93
C LYS B 743 -4.57 12.53 37.21
N ALA B 744 -5.72 13.12 37.55
CA ALA B 744 -5.92 14.07 38.63
C ALA B 744 -4.93 15.22 38.54
N PRO B 745 -5.11 16.14 37.59
CA PRO B 745 -4.12 17.20 37.39
C PRO B 745 -4.28 18.33 38.41
N GLY B 746 -3.38 19.29 38.37
CA GLY B 746 -3.54 20.49 39.17
C GLY B 746 -4.57 21.42 38.56
N ILE B 747 -4.29 21.88 37.35
CA ILE B 747 -5.12 22.83 36.63
C ILE B 747 -5.81 22.09 35.50
N ILE B 748 -7.11 22.23 35.40
CA ILE B 748 -7.85 21.61 34.30
C ILE B 748 -8.10 22.63 33.22
N LEU B 749 -7.60 22.35 32.03
CA LEU B 749 -7.85 23.18 30.88
C LEU B 749 -8.91 22.49 30.04
N LEU B 750 -9.75 23.27 29.39
CA LEU B 750 -10.79 22.73 28.55
C LEU B 750 -10.81 23.49 27.25
N ASP B 751 -11.17 22.80 26.18
CA ASP B 751 -11.31 23.41 24.87
C ASP B 751 -12.55 22.80 24.22
N GLU B 752 -13.62 23.58 24.12
CA GLU B 752 -14.91 23.04 23.74
C GLU B 752 -15.14 23.12 22.23
N ALA B 753 -15.79 22.09 21.70
CA ALA B 753 -16.13 22.00 20.29
C ALA B 753 -17.59 22.38 20.06
N THR B 754 -18.00 22.36 18.79
CA THR B 754 -19.36 22.66 18.37
C THR B 754 -20.21 21.40 18.18
N SER B 755 -19.89 20.34 18.91
CA SER B 755 -20.61 19.08 18.78
C SER B 755 -22.06 19.22 19.23
N ALA B 756 -22.97 18.65 18.45
CA ALA B 756 -24.40 18.78 18.70
C ALA B 756 -24.80 17.85 19.84
N LEU B 757 -25.35 18.43 20.90
CA LEU B 757 -25.83 17.66 22.04
C LEU B 757 -26.94 18.46 22.71
N ASP B 758 -27.87 17.74 23.33
CA ASP B 758 -28.92 18.39 24.09
C ASP B 758 -28.35 19.08 25.32
N THR B 759 -29.00 20.18 25.72
CA THR B 759 -28.49 21.05 26.77
C THR B 759 -28.48 20.35 28.12
N SER B 760 -29.45 19.47 28.39
CA SER B 760 -29.51 18.81 29.69
C SER B 760 -28.34 17.86 29.90
N ASN B 761 -28.03 17.02 28.91
CA ASN B 761 -26.85 16.18 29.01
C ASN B 761 -25.57 17.00 28.94
N GLU B 762 -25.59 18.10 28.18
CA GLU B 762 -24.44 18.99 28.14
C GLU B 762 -24.14 19.56 29.51
N ARG B 763 -25.17 19.96 30.25
CA ARG B 763 -24.96 20.51 31.58
C ARG B 763 -24.72 19.44 32.64
N ALA B 764 -25.15 18.21 32.41
CA ALA B 764 -24.69 17.11 33.26
C ALA B 764 -23.20 16.87 33.09
N ILE B 765 -22.73 16.90 31.83
CA ILE B 765 -21.30 16.84 31.55
C ILE B 765 -20.58 18.03 32.16
N GLN B 766 -21.22 19.21 32.11
CA GLN B 766 -20.66 20.41 32.72
C GLN B 766 -20.59 20.28 34.24
N ALA B 767 -21.56 19.62 34.86
CA ALA B 767 -21.51 19.39 36.30
C ALA B 767 -20.38 18.44 36.66
N SER B 768 -20.16 17.42 35.82
CA SER B 768 -19.02 16.54 36.04
C SER B 768 -17.70 17.28 35.91
N LEU B 769 -17.61 18.17 34.92
CA LEU B 769 -16.40 18.97 34.78
C LEU B 769 -16.25 19.95 35.93
N ALA B 770 -17.36 20.47 36.43
CA ALA B 770 -17.33 21.38 37.57
C ALA B 770 -16.85 20.66 38.82
N LYS B 771 -17.28 19.42 39.02
CA LYS B 771 -16.85 18.70 40.20
C LYS B 771 -15.43 18.16 40.07
N VAL B 772 -14.93 17.90 38.84
CA VAL B 772 -13.53 17.52 38.75
C VAL B 772 -12.63 18.76 38.88
N CYS B 773 -13.12 19.93 38.47
CA CYS B 773 -12.37 21.16 38.67
C CYS B 773 -12.70 21.83 39.98
N ALA B 774 -13.50 21.20 40.82
CA ALA B 774 -13.80 21.74 42.14
C ALA B 774 -12.52 21.83 42.95
N ASN B 775 -12.28 23.01 43.53
CA ASN B 775 -11.03 23.38 44.18
C ASN B 775 -9.83 23.30 43.23
N ARG B 776 -10.07 23.40 41.91
CA ARG B 776 -9.00 23.44 40.92
C ARG B 776 -9.20 24.64 40.01
N THR B 777 -8.11 25.34 39.72
CA THR B 777 -8.16 26.50 38.84
C THR B 777 -8.48 26.06 37.41
N THR B 778 -9.25 26.88 36.71
CA THR B 778 -9.80 26.44 35.43
C THR B 778 -9.79 27.58 34.43
N ILE B 779 -9.36 27.25 33.21
CA ILE B 779 -9.38 28.17 32.08
C ILE B 779 -10.15 27.48 30.96
N VAL B 780 -11.16 28.16 30.42
CA VAL B 780 -12.07 27.54 29.48
C VAL B 780 -12.31 28.49 28.30
N VAL B 781 -12.59 27.91 27.14
CA VAL B 781 -13.22 28.63 26.04
C VAL B 781 -14.66 28.13 25.94
N ALA B 782 -15.58 29.05 25.67
CA ALA B 782 -17.01 28.77 25.77
C ALA B 782 -17.75 29.27 24.55
N HIS B 783 -18.95 28.72 24.34
CA HIS B 783 -19.81 29.15 23.25
C HIS B 783 -21.27 29.32 23.65
N ARG B 784 -21.65 29.00 24.89
CA ARG B 784 -23.04 29.02 25.31
C ARG B 784 -23.22 30.02 26.44
N LEU B 785 -24.48 30.40 26.69
CA LEU B 785 -24.79 31.42 27.67
C LEU B 785 -24.43 30.99 29.10
N SER B 786 -24.80 29.76 29.48
CA SER B 786 -24.46 29.28 30.81
C SER B 786 -22.96 29.12 30.97
N THR B 787 -22.29 28.61 29.93
CA THR B 787 -20.85 28.48 29.89
C THR B 787 -20.15 29.83 29.85
N VAL B 788 -20.87 30.91 29.57
CA VAL B 788 -20.32 32.25 29.75
C VAL B 788 -20.57 32.77 31.16
N VAL B 789 -21.81 32.68 31.64
CA VAL B 789 -22.20 33.29 32.91
C VAL B 789 -21.64 32.57 34.11
N ASN B 790 -21.10 31.36 33.95
CA ASN B 790 -20.45 30.72 35.09
C ASN B 790 -19.09 31.33 35.42
N ALA B 791 -18.58 32.23 34.59
CA ALA B 791 -17.21 32.70 34.70
C ALA B 791 -17.01 33.55 35.94
N ASP B 792 -15.94 33.25 36.68
CA ASP B 792 -15.52 34.08 37.79
C ASP B 792 -14.61 35.22 37.35
N GLN B 793 -14.06 35.13 36.14
CA GLN B 793 -13.27 36.22 35.55
C GLN B 793 -13.32 36.03 34.04
N ILE B 794 -14.18 36.80 33.38
CA ILE B 794 -14.31 36.69 31.93
C ILE B 794 -13.17 37.49 31.28
N LEU B 795 -12.95 37.21 29.99
CA LEU B 795 -11.98 37.96 29.22
C LEU B 795 -12.34 37.88 27.75
N VAL B 796 -12.27 39.04 27.08
CA VAL B 796 -12.57 39.15 25.66
C VAL B 796 -11.34 39.66 24.95
N ILE B 797 -10.92 38.96 23.90
CA ILE B 797 -9.76 39.36 23.11
C ILE B 797 -10.10 39.23 21.64
N LYS B 798 -9.34 39.97 20.83
CA LYS B 798 -9.41 39.86 19.38
C LYS B 798 -8.06 40.26 18.81
N ASP B 799 -7.48 39.36 18.00
CA ASP B 799 -6.19 39.57 17.35
C ASP B 799 -5.08 39.85 18.36
N GLY B 800 -5.14 39.16 19.50
CA GLY B 800 -4.06 39.21 20.46
C GLY B 800 -4.04 40.37 21.41
N CYS B 801 -5.13 41.15 21.51
CA CYS B 801 -5.17 42.26 22.44
C CYS B 801 -6.38 42.16 23.35
N ILE B 802 -6.20 42.56 24.60
CA ILE B 802 -7.27 42.57 25.60
C ILE B 802 -8.14 43.80 25.40
N VAL B 803 -9.45 43.58 25.31
CA VAL B 803 -10.39 44.68 25.05
C VAL B 803 -11.47 44.81 26.12
N GLU B 804 -12.12 43.71 26.50
CA GLU B 804 -13.10 43.73 27.58
C GLU B 804 -12.71 42.74 28.66
N ARG B 805 -13.13 43.03 29.89
CA ARG B 805 -12.87 42.18 31.04
C ARG B 805 -13.90 42.50 32.12
N GLY B 806 -13.90 41.66 33.15
CA GLY B 806 -14.83 41.83 34.27
C GLY B 806 -15.63 40.58 34.55
N ARG B 807 -16.95 40.71 34.54
CA ARG B 807 -17.85 39.56 34.69
C ARG B 807 -18.97 39.62 33.67
N HIS B 808 -19.95 38.72 33.80
CA HIS B 808 -21.03 38.66 32.81
C HIS B 808 -21.98 39.84 32.97
N GLU B 809 -22.33 40.18 34.21
CA GLU B 809 -23.29 41.26 34.45
C GLU B 809 -22.67 42.63 34.16
N ALA B 810 -21.39 42.79 34.50
CA ALA B 810 -20.75 44.10 34.36
C ALA B 810 -20.59 44.48 32.89
N LEU B 811 -20.30 43.52 32.03
CA LEU B 811 -20.09 43.83 30.62
C LEU B 811 -21.39 44.06 29.88
N LEU B 812 -22.50 43.48 30.33
CA LEU B 812 -23.81 43.85 29.79
C LEU B 812 -24.15 45.29 30.12
N SER B 813 -23.89 45.71 31.37
CA SER B 813 -24.09 47.10 31.74
C SER B 813 -23.10 48.01 31.01
N ARG B 814 -21.89 47.53 30.76
CA ARG B 814 -20.95 48.28 29.93
C ARG B 814 -21.41 48.33 28.49
N GLY B 815 -22.00 47.24 28.00
CA GLY B 815 -22.56 47.20 26.66
C GLY B 815 -21.55 47.29 25.53
N GLY B 816 -20.44 46.57 25.64
CA GLY B 816 -19.47 46.55 24.56
C GLY B 816 -19.84 45.57 23.47
N VAL B 817 -18.85 44.89 22.90
CA VAL B 817 -19.13 43.84 21.92
C VAL B 817 -19.73 42.62 22.61
N TYR B 818 -19.56 42.51 23.93
CA TYR B 818 -20.18 41.45 24.71
C TYR B 818 -21.70 41.48 24.62
N ALA B 819 -22.29 42.67 24.73
CA ALA B 819 -23.75 42.79 24.66
C ALA B 819 -24.25 42.45 23.26
N ASP B 820 -23.51 42.88 22.23
CA ASP B 820 -23.90 42.55 20.85
C ASP B 820 -23.74 41.06 20.57
N MET B 821 -22.64 40.46 21.05
CA MET B 821 -22.44 39.04 20.86
C MET B 821 -23.46 38.21 21.62
N TRP B 822 -23.92 38.71 22.78
CA TRP B 822 -24.87 37.97 23.59
C TRP B 822 -26.24 37.88 22.91
N GLN B 823 -26.64 38.92 22.17
CA GLN B 823 -27.89 38.86 21.44
C GLN B 823 -27.80 37.89 20.26
N LEU B 824 -26.64 37.76 19.64
CA LEU B 824 -26.47 36.81 18.54
C LEU B 824 -26.28 35.38 19.03
N GLN B 825 -26.01 35.17 20.31
CA GLN B 825 -25.97 33.82 20.86
C GLN B 825 -27.35 33.28 21.17
N GLN B 826 -28.40 34.09 21.06
CA GLN B 826 -29.76 33.63 21.31
C GLN B 826 -30.26 32.72 20.20
N1 GSH C . 15.57 -22.97 -2.91
CA1 GSH C . 14.39 -22.43 -2.19
C1 GSH C . 13.13 -23.15 -2.68
O11 GSH C . 12.21 -22.44 -3.14
O12 GSH C . 13.11 -24.39 -2.58
CB1 GSH C . 14.31 -20.92 -2.37
CG1 GSH C . 14.72 -20.43 -3.76
CD1 GSH C . 14.68 -18.93 -3.86
OE1 GSH C . 15.69 -18.28 -4.15
N2 GSH C . 13.52 -18.35 -3.62
CA2 GSH C . 13.39 -17.11 -2.85
C2 GSH C . 12.69 -17.30 -1.51
O2 GSH C . 12.32 -18.43 -1.18
CB2 GSH C . 12.66 -16.03 -3.64
SG2 GSH C . 13.63 -15.26 -4.96
N3 GSH C . 12.53 -16.22 -0.74
CA3 GSH C . 11.61 -16.22 0.37
C3 GSH C . 10.15 -16.30 -0.06
O31 GSH C . 9.31 -16.39 0.84
O32 GSH C . 9.91 -16.25 -1.28
N1 GSH D . -10.09 -2.33 -10.49
CA1 GSH D . -8.83 -1.58 -10.24
C1 GSH D . -7.77 -2.05 -11.23
O11 GSH D . -7.23 -1.17 -11.93
O12 GSH D . -7.51 -3.26 -11.27
CB1 GSH D . -8.34 -1.82 -8.81
CG1 GSH D . -7.08 -1.03 -8.47
CD1 GSH D . -6.58 -1.38 -7.08
OE1 GSH D . -7.18 -2.17 -6.36
N2 GSH D . -5.43 -0.81 -6.70
CA2 GSH D . -4.87 -1.00 -5.38
C2 GSH D . -5.71 -0.40 -4.26
O2 GSH D . -6.60 0.40 -4.52
CB2 GSH D . -3.44 -0.47 -5.30
SG2 GSH D . -2.29 -1.24 -6.46
N3 GSH D . -5.44 -0.82 -3.02
CA3 GSH D . -6.32 -0.52 -1.92
C3 GSH D . -5.87 -1.15 -0.60
O31 GSH D . -6.56 -0.93 0.40
O32 GSH D . -4.84 -1.86 -0.65
CAA Y01 E . 30.83 -13.13 -33.45
CBA Y01 E . 31.31 -12.96 -34.88
CAB Y01 E . 30.23 -13.39 -35.86
CAN Y01 E . 32.62 -13.71 -35.14
CAJ Y01 E . 32.55 -15.22 -35.04
CAO Y01 E . 33.85 -15.87 -35.45
CBB Y01 E . 33.86 -17.40 -35.52
CAC Y01 E . 32.70 -17.88 -36.39
CBE Y01 E . 35.24 -17.87 -36.00
CAP Y01 E . 36.39 -17.18 -35.20
CAQ Y01 E . 37.47 -18.24 -34.96
CBG Y01 E . 37.19 -19.24 -36.07
CBI Y01 E . 35.65 -19.38 -36.02
CAE Y01 E . 35.18 -20.08 -34.74
CAU Y01 E . 35.25 -20.20 -37.26
CAS Y01 E . 35.99 -21.53 -37.33
CBF Y01 E . 37.52 -21.36 -37.33
CBD Y01 E . 37.98 -20.53 -36.12
CAK Y01 E . 39.47 -20.22 -36.22
CAI Y01 E . 40.28 -21.36 -36.74
CAZ Y01 E . 39.78 -22.47 -37.26
CAV Y01 E . 40.71 -23.58 -37.71
CBH Y01 E . 38.29 -22.70 -37.49
CAD Y01 E . 37.80 -23.76 -36.50
CAT Y01 E . 38.10 -23.20 -38.94
CAR Y01 E . 39.03 -24.35 -39.32
CBC Y01 E . 40.47 -23.94 -39.15
OAW Y01 E . 41.34 -25.06 -39.49
CAY Y01 E . 41.48 -25.44 -40.77
OAG Y01 E . 41.51 -26.58 -41.12
CAM Y01 E . 41.72 -24.27 -41.69
CAL Y01 E . 42.94 -24.33 -42.58
CAX Y01 E . 42.94 -25.45 -43.61
OAH Y01 E . 42.06 -25.43 -44.49
OAF Y01 E . 43.82 -26.32 -43.53
CAA Y01 F . 20.08 -42.24 -4.43
CBA Y01 F . 19.06 -43.18 -3.84
CAB Y01 F . 19.25 -43.31 -2.34
CAN Y01 F . 19.07 -44.55 -4.52
CAJ Y01 F . 20.35 -45.35 -4.38
CAO Y01 F . 20.22 -46.73 -4.96
CBB Y01 F . 21.52 -47.56 -5.02
CAC Y01 F . 22.05 -47.81 -3.61
CBE Y01 F . 21.32 -48.85 -5.83
CAP Y01 F . 20.22 -48.71 -6.91
CAQ Y01 F . 20.85 -49.17 -8.23
CBG Y01 F . 21.83 -50.21 -7.73
CBI Y01 F . 22.54 -49.48 -6.57
CAE Y01 F . 23.46 -48.37 -7.08
CAU Y01 F . 23.34 -50.56 -5.84
CAS Y01 F . 24.34 -51.26 -6.77
CBF Y01 F . 23.69 -51.87 -8.02
CBD Y01 F . 22.78 -50.85 -8.74
CAK Y01 F . 21.99 -51.54 -9.84
CAI Y01 F . 22.85 -52.44 -10.66
CAZ Y01 F . 24.09 -52.76 -10.36
CAV Y01 F . 24.96 -53.51 -11.35
CBH Y01 F . 24.73 -52.48 -9.01
CAD Y01 F . 25.92 -51.51 -9.24
CAT Y01 F . 25.27 -53.83 -8.47
CAR Y01 F . 26.15 -54.58 -9.48
CBC Y01 F . 25.42 -54.82 -10.79
OAW Y01 F . 26.34 -55.40 -11.75
CAY Y01 F . 26.49 -56.72 -11.76
OAG Y01 F . 25.79 -57.48 -11.17
CAM Y01 F . 27.67 -57.14 -12.60
CAL Y01 F . 28.43 -56.00 -13.22
CAX Y01 F . 29.65 -56.44 -14.03
OAH Y01 F . 30.32 -55.55 -14.60
OAF Y01 F . 29.93 -57.64 -14.07
CAA Y01 G . 6.15 -29.38 -26.61
CBA Y01 G . 6.18 -30.63 -25.74
CAB Y01 G . 6.79 -30.32 -24.38
CAN Y01 G . 6.91 -31.78 -26.43
CAJ Y01 G . 8.35 -31.53 -26.76
CAO Y01 G . 9.03 -32.70 -27.41
CBB Y01 G . 10.56 -32.57 -27.51
CAC Y01 G . 11.13 -32.33 -26.12
CBE Y01 G . 11.19 -33.77 -28.23
CAP Y01 G . 10.32 -34.27 -29.41
CAQ Y01 G . 11.28 -34.87 -30.45
CBG Y01 G . 12.62 -34.92 -29.74
CBI Y01 G . 12.60 -33.64 -28.88
CAE Y01 G . 12.64 -32.38 -29.75
CAU Y01 G . 13.82 -33.72 -27.95
CAS Y01 G . 15.13 -33.88 -28.72
CBF Y01 G . 15.13 -35.09 -29.67
CBD Y01 G . 13.88 -35.09 -30.57
CAK Y01 G . 13.82 -36.38 -31.38
CAI Y01 G . 15.15 -36.78 -31.94
CAZ Y01 G . 16.30 -36.23 -31.60
CAV Y01 G . 17.58 -36.62 -32.31
CBH Y01 G . 16.45 -35.21 -30.48
CAD Y01 G . 16.86 -33.87 -31.11
CAT Y01 G . 17.59 -35.70 -29.54
CAR Y01 G . 18.87 -36.06 -30.28
CBC Y01 G . 18.61 -37.11 -31.33
OAW Y01 G . 19.81 -37.52 -32.05
CAY Y01 G . 20.32 -36.76 -33.03
OAG Y01 G . 20.46 -35.57 -32.96
CAM Y01 G . 20.69 -37.59 -34.23
CAL Y01 G . 20.53 -39.09 -34.10
CAX Y01 G . 20.84 -39.89 -35.36
OAH Y01 G . 19.97 -40.66 -35.78
OAF Y01 G . 21.94 -39.72 -35.90
CHA HEM H . 11.96 -14.32 -9.46
CHB HEM H . 12.66 -10.56 -6.49
CHC HEM H . 16.63 -12.83 -4.76
CHD HEM H . 16.57 -15.60 -8.73
C1A HEM H . 11.77 -13.17 -8.74
C2A HEM H . 10.60 -12.38 -8.77
C3A HEM H . 10.80 -11.31 -7.95
C4A HEM H . 12.09 -11.43 -7.40
CMA HEM H . 9.82 -10.21 -7.65
CAA HEM H . 9.35 -12.66 -9.58
CBA HEM H . 9.60 -12.67 -11.10
CGA HEM H . 9.69 -11.29 -11.66
O1A HEM H . 9.39 -10.30 -10.97
O2A HEM H . 10.06 -11.13 -12.85
C1B HEM H . 13.80 -10.90 -5.75
C2B HEM H . 14.24 -10.14 -4.63
C3B HEM H . 15.34 -10.77 -4.12
C4B HEM H . 15.57 -11.95 -4.98
CMB HEM H . 13.59 -8.89 -4.11
CAB HEM H . 16.18 -10.39 -2.97
CBB HEM H . 15.74 -10.51 -1.73
C1C HEM H . 16.99 -13.74 -5.73
C2C HEM H . 18.21 -14.45 -5.74
C3C HEM H . 18.20 -15.24 -6.88
C4C HEM H . 16.97 -15.00 -7.56
CMC HEM H . 19.28 -14.33 -4.70
CAC HEM H . 19.27 -16.15 -7.30
CBC HEM H . 20.46 -15.67 -7.66
C1D HEM H . 15.28 -15.48 -9.21
C2D HEM H . 14.79 -16.33 -10.29
C3D HEM H . 13.51 -15.98 -10.49
C4D HEM H . 13.22 -14.92 -9.53
CMD HEM H . 15.57 -17.39 -11.04
CAD HEM H . 12.55 -16.55 -11.51
CBD HEM H . 12.67 -15.74 -12.81
CGD HEM H . 11.60 -16.17 -13.78
O1D HEM H . 10.73 -16.99 -13.42
O2D HEM H . 11.58 -15.70 -14.93
NA HEM H . 12.66 -12.57 -7.89
NB HEM H . 14.60 -11.96 -5.92
NC HEM H . 16.27 -14.09 -6.83
ND HEM H . 14.29 -14.67 -8.78
FE HEM H . 14.40 -13.41 -7.43
N1 GSH I . 20.14 -11.07 -15.87
CA1 GSH I . 19.51 -9.73 -15.65
C1 GSH I . 20.49 -8.82 -14.92
O11 GSH I . 20.12 -8.34 -13.84
O12 GSH I . 21.59 -8.61 -15.48
CB1 GSH I . 18.19 -9.90 -14.88
CG1 GSH I . 18.21 -11.02 -13.87
CD1 GSH I . 16.85 -11.20 -13.22
OE1 GSH I . 16.22 -12.25 -13.29
N2 GSH I . 16.39 -10.14 -12.55
CA2 GSH I . 14.96 -9.84 -12.45
C2 GSH I . 14.57 -8.53 -13.12
O2 GSH I . 15.44 -7.84 -13.65
CB2 GSH I . 14.50 -9.81 -11.00
SG2 GSH I . 14.34 -11.43 -10.21
N3 GSH I . 13.28 -8.21 -13.09
CA3 GSH I . 12.84 -6.83 -13.20
C3 GSH I . 13.21 -5.99 -11.99
O31 GSH I . 12.93 -4.77 -12.03
O32 GSH I . 13.74 -6.56 -11.01
N1 GSH J . 7.95 4.47 11.46
CA1 GSH J . 7.06 3.36 11.06
C1 GSH J . 7.81 2.03 11.22
O11 GSH J . 7.29 1.18 11.96
O12 GSH J . 8.89 1.91 10.60
CB1 GSH J . 6.59 3.53 9.62
CG1 GSH J . 5.60 2.46 9.17
CD1 GSH J . 5.17 2.64 7.73
OE1 GSH J . 5.55 3.59 7.05
N2 GSH J . 4.40 1.69 7.23
CA2 GSH J . 3.95 1.66 5.85
C2 GSH J . 3.09 2.86 5.43
O2 GSH J . 2.01 3.03 5.99
CB2 GSH J . 3.24 0.37 5.50
SG2 GSH J . 4.27 -1.11 5.54
N3 GSH J . 3.59 3.66 4.50
CA3 GSH J . 3.06 4.99 4.29
C3 GSH J . 2.50 5.18 2.89
O31 GSH J . 1.30 5.48 2.79
O32 GSH J . 3.28 5.01 1.93
CAA Y01 K . 38.44 -12.01 0.85
CBA Y01 K . 38.00 -13.01 1.90
CAB Y01 K . 37.65 -12.30 3.19
CAN Y01 K . 39.06 -14.09 2.13
CAJ Y01 K . 39.64 -14.73 0.89
CAO Y01 K . 40.69 -15.76 1.20
CBB Y01 K . 41.60 -16.12 0.01
CAC Y01 K . 42.32 -14.88 -0.49
CBE Y01 K . 42.56 -17.28 0.34
CAP Y01 K . 42.72 -17.55 1.87
CAQ Y01 K . 43.02 -19.05 2.02
CBG Y01 K . 43.36 -19.49 0.60
CBI Y01 K . 42.36 -18.70 -0.27
CAE Y01 K . 40.92 -19.16 -0.05
CAU Y01 K . 42.79 -18.90 -1.72
CAS Y01 K . 42.83 -20.39 -2.10
CBF Y01 K . 43.75 -21.22 -1.19
CBD Y01 K . 43.44 -20.98 0.30
CAK Y01 K . 44.51 -21.64 1.15
CAI Y01 K . 44.80 -23.03 0.70
CAZ Y01 K . 44.39 -23.55 -0.46
CAV Y01 K . 44.62 -25.01 -0.78
CBH Y01 K . 43.74 -22.73 -1.56
CAD Y01 K . 42.30 -23.26 -1.74
CAT Y01 K . 44.55 -22.97 -2.85
CAR Y01 K . 44.78 -24.45 -3.16
CBC Y01 K . 45.46 -25.16 -2.01
OAW Y01 K . 45.55 -26.59 -2.30
CAY Y01 K . 46.75 -27.17 -2.52
OAG Y01 K . 46.86 -28.23 -3.05
CAM Y01 K . 47.91 -26.39 -1.94
CAL Y01 K . 48.93 -27.17 -1.13
CAX Y01 K . 49.85 -28.07 -1.92
OAH Y01 K . 50.61 -27.55 -2.77
OAF Y01 K . 49.82 -29.29 -1.70
CAA Y01 L . 36.90 -12.96 -25.79
CBA Y01 L . 37.57 -11.61 -25.93
CAB Y01 L . 36.95 -10.82 -27.07
CAN Y01 L . 39.09 -11.73 -26.10
CAJ Y01 L . 39.58 -12.56 -27.26
CAO Y01 L . 41.08 -12.48 -27.45
CBB Y01 L . 41.70 -13.53 -28.40
CAC Y01 L . 41.13 -13.37 -29.79
CBE Y01 L . 43.23 -13.46 -28.36
CAP Y01 L . 43.78 -12.93 -27.00
CAQ Y01 L . 44.79 -13.97 -26.50
CBG Y01 L . 45.34 -14.50 -27.83
CBI Y01 L . 44.05 -14.75 -28.64
CAE Y01 L . 43.28 -15.97 -28.10
CAU Y01 L . 44.52 -14.99 -30.08
CAS Y01 L . 45.54 -16.15 -30.17
CBF Y01 L . 46.75 -16.01 -29.24
CBD Y01 L . 46.30 -15.67 -27.80
CAK Y01 L . 47.51 -15.35 -26.93
CAI Y01 L . 48.61 -16.35 -27.12
CAZ Y01 L . 48.64 -17.25 -28.09
CAV Y01 L . 49.69 -18.33 -28.10
CBH Y01 L . 47.69 -17.24 -29.28
CAD Y01 L . 46.90 -18.56 -29.26
CAT Y01 L . 48.58 -17.20 -30.54
CAR Y01 L . 49.66 -18.29 -30.56
CBC Y01 L . 50.54 -18.23 -29.33
OAW Y01 L . 51.44 -19.39 -29.32
CAY Y01 L . 52.58 -19.30 -29.98
OAG Y01 L . 53.02 -18.28 -30.43
CAM Y01 L . 53.26 -20.63 -30.10
CAL Y01 L . 52.49 -21.79 -29.53
CAX Y01 L . 53.16 -23.14 -29.69
OAH Y01 L . 52.60 -24.15 -29.22
OAF Y01 L . 54.27 -23.18 -30.26
CAA Y01 M . 24.65 -40.24 4.16
CBA Y01 M . 25.09 -41.38 5.08
CAB Y01 M . 26.01 -40.85 6.17
CAN Y01 M . 25.75 -42.51 4.28
CAJ Y01 M . 27.05 -42.17 3.60
CAO Y01 M . 27.70 -43.38 2.97
CBB Y01 M . 29.08 -43.17 2.35
CAC Y01 M . 30.01 -42.51 3.36
CBE Y01 M . 29.60 -44.52 1.81
CAP Y01 M . 28.52 -45.23 0.95
CAQ Y01 M . 29.23 -45.87 -0.24
CBG Y01 M . 30.65 -46.00 0.29
CBI Y01 M . 30.90 -44.63 0.95
CAE Y01 M . 30.96 -43.49 -0.08
CAU Y01 M . 32.23 -44.75 1.71
CAS Y01 M . 33.37 -45.20 0.80
CBF Y01 M . 33.07 -46.55 0.12
CBD Y01 M . 31.74 -46.49 -0.65
CAK Y01 M . 31.38 -47.87 -1.19
CAI Y01 M . 32.55 -48.64 -1.70
CAZ Y01 M . 33.82 -48.31 -1.53
CAV Y01 M . 34.93 -49.18 -2.10
CBH Y01 M . 34.26 -47.09 -0.72
CAD Y01 M . 34.81 -46.04 -1.69
CAT Y01 M . 35.38 -47.53 0.25
CAR Y01 M . 36.47 -48.39 -0.39
CBC Y01 M . 35.87 -49.62 -1.01
OAW Y01 M . 36.91 -50.44 -1.60
CAY Y01 M . 37.67 -51.17 -0.79
OAG Y01 M . 37.46 -51.31 0.38
CAM Y01 M . 38.82 -51.82 -1.52
CAL Y01 M . 39.06 -53.28 -1.23
CAX Y01 M . 39.52 -53.59 0.18
OAH Y01 M . 38.78 -54.30 0.90
OAF Y01 M . 40.61 -53.13 0.56
#